data_5U1O
#
_entry.id   5U1O
#
_cell.length_a   58.528
_cell.length_b   174.289
_cell.length_c   206.094
_cell.angle_alpha   90.00
_cell.angle_beta   90.00
_cell.angle_gamma   90.00
#
_symmetry.space_group_name_H-M   'P 21 21 21'
#
loop_
_entity.id
_entity.type
_entity.pdbx_description
1 polymer 'Glutathione reductase'
2 non-polymer 'FLAVIN-ADENINE DINUCLEOTIDE'
3 non-polymer 'SULFATE ION'
4 non-polymer 'CHLORIDE ION'
5 water water
#
_entity_poly.entity_id   1
_entity_poly.type   'polypeptide(L)'
_entity_poly.pdbx_seq_one_letter_code
;SNAMEKVMATHFDYICIGGGSGGIASANRAAMYGAKVALIEAQDLGGTCVNVGCVPKKVMWHGAQIAEAMNLYAEDYGFD
VDVKGFDWSKLVESRQAYIGRIHQSYDRVLGNNKVNVIKGFAKFVDEKTVEVNGEHYTADHILIAVGGRPTIPNIPGAEY
GIDSNGFFDLAEQPKRVAVVGAGYIAVEIAGVLHALGTETHLFVRKESPLRSFDPMIIDTLVEVMEAEGPTLHTHSVPKE
VVKEADGSLTLHLENGESQNVDQLIWAIGRHPATDAINLASTGVATNEKGYIKVDEYQETNVKGIYCVGDIMEGGIELTP
VAVKAGRQLSERLFNNKPNAKMDYDLVPTVVFSHPPIGTIGLTTQEAEEKYGKDNIKVYTSGFTAMYTAVTKHRQPCKMK
LVCAGEEETVVGLHGIGFTVDEMIQGFGVAMKMGATKADFDSVVAIHPTGSEEFVTMR
;
_entity_poly.pdbx_strand_id   A,B,C,D
#
loop_
_chem_comp.id
_chem_comp.type
_chem_comp.name
_chem_comp.formula
CL non-polymer 'CHLORIDE ION' 'Cl -1'
FAD non-polymer 'FLAVIN-ADENINE DINUCLEOTIDE' 'C27 H33 N9 O15 P2'
SO4 non-polymer 'SULFATE ION' 'O4 S -2'
#
# COMPACT_ATOMS: atom_id res chain seq x y z
N ALA A 9 33.86 40.09 -11.00
CA ALA A 9 32.49 39.49 -11.14
C ALA A 9 31.83 39.27 -9.77
N THR A 10 30.53 39.56 -9.68
CA THR A 10 29.80 39.38 -8.42
C THR A 10 29.51 37.88 -8.24
N HIS A 11 29.68 37.38 -7.01
CA HIS A 11 29.49 35.95 -6.72
C HIS A 11 28.18 35.65 -5.99
N PHE A 12 27.50 34.60 -6.44
CA PHE A 12 26.25 34.12 -5.85
C PHE A 12 26.39 32.64 -5.52
N ASP A 13 25.60 32.15 -4.58
CA ASP A 13 25.59 30.72 -4.27
C ASP A 13 24.94 29.99 -5.45
N TYR A 14 23.90 30.61 -6.02
CA TYR A 14 23.11 30.00 -7.08
C TYR A 14 22.63 31.00 -8.12
N ILE A 15 22.82 30.68 -9.39
CA ILE A 15 22.32 31.53 -10.46
C ILE A 15 21.31 30.76 -11.30
N CYS A 16 20.10 31.33 -11.39
CA CYS A 16 19.03 30.75 -12.21
C CYS A 16 18.83 31.56 -13.49
N ILE A 17 19.13 30.95 -14.63
CA ILE A 17 18.95 31.57 -15.92
C ILE A 17 17.55 31.19 -16.40
N GLY A 18 16.68 32.20 -16.48
CA GLY A 18 15.30 32.04 -16.88
C GLY A 18 14.41 32.22 -15.68
N GLY A 19 13.57 33.24 -15.70
CA GLY A 19 12.64 33.51 -14.61
C GLY A 19 11.25 33.03 -14.98
N GLY A 20 11.18 31.81 -15.52
CA GLY A 20 9.93 31.16 -15.91
C GLY A 20 9.46 30.18 -14.83
N SER A 21 8.67 29.17 -15.24
CA SER A 21 8.12 28.20 -14.29
C SER A 21 9.20 27.52 -13.45
N GLY A 22 10.28 27.06 -14.10
CA GLY A 22 11.36 26.38 -13.41
C GLY A 22 12.30 27.31 -12.64
N GLY A 23 12.69 28.41 -13.27
CA GLY A 23 13.65 29.34 -12.65
C GLY A 23 13.19 29.92 -11.34
N ILE A 24 11.95 30.43 -11.35
CA ILE A 24 11.32 31.02 -10.18
C ILE A 24 11.15 29.95 -9.08
N ALA A 25 10.59 28.79 -9.44
CA ALA A 25 10.38 27.73 -8.47
C ALA A 25 11.68 27.36 -7.76
N SER A 26 12.74 27.19 -8.52
CA SER A 26 14.01 26.79 -7.98
C SER A 26 14.68 27.93 -7.21
N ALA A 27 14.64 29.14 -7.75
CA ALA A 27 15.25 30.29 -7.09
C ALA A 27 14.63 30.57 -5.71
N ASN A 28 13.29 30.54 -5.63
CA ASN A 28 12.63 30.77 -4.34
C ASN A 28 13.02 29.68 -3.36
N ARG A 29 12.84 28.44 -3.77
CA ARG A 29 13.13 27.31 -2.89
C ARG A 29 14.55 27.30 -2.33
N ALA A 30 15.52 27.61 -3.16
CA ALA A 30 16.91 27.65 -2.75
C ALA A 30 17.14 28.81 -1.76
N ALA A 31 16.39 29.90 -1.95
CA ALA A 31 16.51 31.06 -1.06
C ALA A 31 15.92 30.77 0.31
N MET A 32 14.84 29.98 0.34
CA MET A 32 14.24 29.59 1.62
C MET A 32 15.26 28.95 2.56
N TYR A 33 16.21 28.21 1.98
CA TYR A 33 17.25 27.54 2.77
C TYR A 33 18.55 28.37 2.85
N GLY A 34 18.37 29.70 2.94
CA GLY A 34 19.49 30.64 3.10
C GLY A 34 20.42 30.94 1.94
N ALA A 35 20.13 30.47 0.73
CA ALA A 35 21.02 30.73 -0.40
C ALA A 35 20.87 32.15 -0.96
N LYS A 36 21.99 32.68 -1.45
CA LYS A 36 22.10 33.98 -2.06
C LYS A 36 21.90 33.66 -3.53
N VAL A 37 20.73 34.01 -4.05
CA VAL A 37 20.35 33.65 -5.43
C VAL A 37 20.20 34.86 -6.35
N ALA A 38 20.62 34.67 -7.61
CA ALA A 38 20.48 35.66 -8.67
C ALA A 38 19.51 35.05 -9.69
N LEU A 39 18.40 35.74 -9.96
CA LEU A 39 17.40 35.29 -10.93
C LEU A 39 17.44 36.21 -12.15
N ILE A 40 17.85 35.66 -13.29
CA ILE A 40 18.02 36.43 -14.51
C ILE A 40 16.90 36.19 -15.53
N GLU A 41 16.15 37.25 -15.81
CA GLU A 41 15.03 37.24 -16.74
C GLU A 41 15.15 38.40 -17.76
N ALA A 42 15.01 38.07 -19.05
CA ALA A 42 15.13 39.07 -20.11
C ALA A 42 13.85 39.86 -20.38
N GLN A 43 12.73 39.13 -20.43
N GLN A 43 12.70 39.18 -20.39
CA GLN A 43 11.40 39.70 -20.67
CA GLN A 43 11.41 39.85 -20.61
C GLN A 43 10.66 39.87 -19.33
C GLN A 43 10.63 39.92 -19.29
N ASP A 44 9.51 39.20 -19.18
CA ASP A 44 8.69 39.28 -17.95
C ASP A 44 8.76 38.00 -17.11
N LEU A 45 8.71 38.18 -15.79
CA LEU A 45 8.75 37.07 -14.83
C LEU A 45 7.53 36.16 -15.01
N GLY A 46 7.70 34.86 -14.77
CA GLY A 46 6.62 33.87 -14.94
C GLY A 46 6.63 33.15 -16.28
N GLY A 47 7.51 33.58 -17.18
CA GLY A 47 7.69 32.97 -18.48
C GLY A 47 6.45 32.70 -19.32
N THR A 48 6.58 31.66 -20.13
CA THR A 48 5.55 31.27 -21.07
C THR A 48 4.19 31.04 -20.42
N CYS A 49 4.17 30.31 -19.31
CA CYS A 49 2.91 29.98 -18.65
C CYS A 49 2.08 31.21 -18.23
N VAL A 50 2.68 32.03 -17.41
CA VAL A 50 2.03 33.20 -16.85
C VAL A 50 1.66 34.27 -17.89
N ASN A 51 2.55 34.47 -18.87
CA ASN A 51 2.38 35.55 -19.85
C ASN A 51 1.76 35.25 -21.20
N VAL A 52 2.08 34.08 -21.76
CA VAL A 52 1.63 33.74 -23.11
C VAL A 52 1.33 32.25 -23.25
N GLY A 53 0.86 31.66 -22.15
CA GLY A 53 0.57 30.25 -22.10
C GLY A 53 -0.64 29.89 -21.25
N CYS A 54 -0.42 29.06 -20.23
CA CYS A 54 -1.50 28.54 -19.35
C CYS A 54 -2.55 29.55 -18.94
N VAL A 55 -2.09 30.63 -18.30
CA VAL A 55 -2.95 31.65 -17.72
C VAL A 55 -3.81 32.40 -18.74
N PRO A 56 -3.19 33.11 -19.70
CA PRO A 56 -4.04 33.81 -20.65
C PRO A 56 -4.98 32.86 -21.44
N LYS A 57 -4.49 31.67 -21.79
CA LYS A 57 -5.29 30.67 -22.50
C LYS A 57 -6.52 30.26 -21.68
N LYS A 58 -6.32 30.11 -20.36
CA LYS A 58 -7.41 29.69 -19.46
C LYS A 58 -8.45 30.79 -19.28
N VAL A 59 -7.98 32.02 -19.13
CA VAL A 59 -8.88 33.16 -18.98
C VAL A 59 -9.82 33.22 -20.21
N MET A 60 -9.26 32.99 -21.40
CA MET A 60 -10.07 33.02 -22.61
C MET A 60 -10.95 31.79 -22.72
N TRP A 61 -10.49 30.66 -22.17
CA TRP A 61 -11.27 29.44 -22.16
C TRP A 61 -12.52 29.69 -21.34
N HIS A 62 -12.35 30.33 -20.18
CA HIS A 62 -13.52 30.65 -19.34
C HIS A 62 -14.52 31.54 -20.08
N GLY A 63 -14.00 32.51 -20.83
CA GLY A 63 -14.86 33.41 -21.60
C GLY A 63 -15.63 32.62 -22.63
N ALA A 64 -14.96 31.69 -23.29
CA ALA A 64 -15.57 30.85 -24.31
C ALA A 64 -16.64 29.96 -23.71
N GLN A 65 -16.41 29.50 -22.48
CA GLN A 65 -17.38 28.65 -21.78
C GLN A 65 -18.65 29.44 -21.46
N ILE A 66 -18.48 30.71 -21.08
CA ILE A 66 -19.63 31.59 -20.82
C ILE A 66 -20.44 31.76 -22.12
N ALA A 67 -19.77 31.93 -23.25
CA ALA A 67 -20.45 32.08 -24.55
C ALA A 67 -21.29 30.84 -24.85
N GLU A 68 -20.69 29.67 -24.72
CA GLU A 68 -21.37 28.39 -24.95
C GLU A 68 -22.61 28.30 -24.08
N ALA A 69 -22.47 28.73 -22.83
CA ALA A 69 -23.56 28.69 -21.87
C ALA A 69 -24.75 29.52 -22.33
N MET A 70 -24.48 30.75 -22.76
CA MET A 70 -25.52 31.67 -23.23
C MET A 70 -26.05 31.30 -24.62
N ASN A 71 -25.14 30.92 -25.51
CA ASN A 71 -25.53 30.57 -26.88
C ASN A 71 -26.20 29.20 -27.04
N LEU A 72 -25.74 28.21 -26.28
CA LEU A 72 -26.21 26.82 -26.42
C LEU A 72 -27.16 26.30 -25.36
N TYR A 73 -26.97 26.67 -24.09
CA TYR A 73 -27.77 26.08 -23.00
C TYR A 73 -28.81 26.97 -22.31
N ALA A 74 -28.50 28.25 -22.14
CA ALA A 74 -29.39 29.20 -21.45
C ALA A 74 -30.89 29.06 -21.79
N GLU A 75 -31.20 29.12 -23.08
CA GLU A 75 -32.59 29.05 -23.58
C GLU A 75 -33.40 27.88 -23.01
N ASP A 76 -32.83 26.69 -23.04
CA ASP A 76 -33.51 25.49 -22.55
C ASP A 76 -33.70 25.45 -21.03
N TYR A 77 -32.87 26.21 -20.31
CA TYR A 77 -33.03 26.33 -18.86
C TYR A 77 -34.09 27.40 -18.50
N GLY A 78 -34.64 28.08 -19.51
CA GLY A 78 -35.69 29.09 -19.30
C GLY A 78 -35.27 30.55 -19.45
N PHE A 79 -34.05 30.80 -19.89
CA PHE A 79 -33.58 32.17 -20.06
C PHE A 79 -33.83 32.77 -21.44
N ASP A 80 -34.37 33.99 -21.44
CA ASP A 80 -34.62 34.80 -22.65
C ASP A 80 -33.45 35.76 -22.62
N VAL A 81 -32.37 35.34 -23.26
CA VAL A 81 -31.16 36.12 -23.25
C VAL A 81 -30.79 36.56 -24.66
N ASP A 82 -30.25 37.77 -24.76
CA ASP A 82 -29.83 38.36 -26.01
C ASP A 82 -28.38 38.79 -25.84
N VAL A 83 -27.47 38.08 -26.50
CA VAL A 83 -26.06 38.41 -26.45
C VAL A 83 -25.88 39.50 -27.49
N LYS A 84 -25.89 40.74 -27.03
CA LYS A 84 -25.80 41.90 -27.93
C LYS A 84 -24.44 42.03 -28.61
N GLY A 85 -23.39 41.58 -27.94
CA GLY A 85 -22.06 41.65 -28.53
C GLY A 85 -20.98 41.11 -27.62
N PHE A 86 -19.82 40.83 -28.22
CA PHE A 86 -18.65 40.37 -27.50
C PHE A 86 -17.48 41.28 -27.87
N ASP A 87 -16.93 41.95 -26.85
CA ASP A 87 -15.81 42.88 -27.00
C ASP A 87 -14.51 42.16 -26.65
N TRP A 88 -13.77 41.73 -27.67
CA TRP A 88 -12.50 41.01 -27.50
C TRP A 88 -11.47 41.82 -26.72
N SER A 89 -11.41 43.12 -26.96
CA SER A 89 -10.46 44.02 -26.27
C SER A 89 -10.74 44.14 -24.75
N LYS A 90 -11.99 43.98 -24.34
CA LYS A 90 -12.39 44.05 -22.92
C LYS A 90 -11.88 42.79 -22.23
N LEU A 91 -11.98 41.66 -22.93
CA LEU A 91 -11.49 40.38 -22.43
C LEU A 91 -9.98 40.46 -22.23
N VAL A 92 -9.31 41.04 -23.21
CA VAL A 92 -7.87 41.22 -23.19
C VAL A 92 -7.43 42.08 -21.99
N GLU A 93 -8.11 43.19 -21.72
CA GLU A 93 -7.68 44.03 -20.59
C GLU A 93 -7.89 43.33 -19.24
N SER A 94 -8.95 42.52 -19.13
CA SER A 94 -9.21 41.77 -17.90
C SER A 94 -8.13 40.70 -17.74
N ARG A 95 -7.79 40.05 -18.85
CA ARG A 95 -6.76 39.00 -18.89
C ARG A 95 -5.38 39.56 -18.47
N GLN A 96 -5.00 40.68 -19.07
CA GLN A 96 -3.71 41.30 -18.79
C GLN A 96 -3.66 41.96 -17.41
N ALA A 97 -4.81 42.38 -16.89
CA ALA A 97 -4.85 42.97 -15.55
C ALA A 97 -4.59 41.86 -14.55
N TYR A 98 -5.18 40.69 -14.81
CA TYR A 98 -4.99 39.51 -13.94
C TYR A 98 -3.54 39.05 -13.98
N ILE A 99 -2.95 39.04 -15.18
CA ILE A 99 -1.54 38.68 -15.37
C ILE A 99 -0.66 39.68 -14.62
N GLY A 100 -1.12 40.92 -14.50
CA GLY A 100 -0.40 41.95 -13.79
C GLY A 100 -0.36 41.72 -12.30
N ARG A 101 -1.46 41.24 -11.74
CA ARG A 101 -1.54 40.94 -10.31
C ARG A 101 -0.64 39.77 -9.97
N ILE A 102 -0.47 38.85 -10.93
CA ILE A 102 0.44 37.73 -10.75
C ILE A 102 1.88 38.26 -10.67
N HIS A 103 2.25 39.20 -11.55
CA HIS A 103 3.62 39.77 -11.53
C HIS A 103 3.94 40.41 -10.20
N GLN A 104 2.98 41.10 -9.59
CA GLN A 104 3.27 41.74 -8.30
C GLN A 104 3.29 40.74 -7.13
N SER A 105 2.66 39.56 -7.29
CA SER A 105 2.75 38.52 -6.25
C SER A 105 4.17 37.97 -6.28
N TYR A 106 4.71 37.74 -7.49
CA TYR A 106 6.08 37.23 -7.61
C TYR A 106 7.09 38.23 -7.05
N ASP A 107 6.92 39.51 -7.37
CA ASP A 107 7.84 40.54 -6.83
C ASP A 107 7.78 40.63 -5.31
N ARG A 108 6.65 40.26 -4.71
CA ARG A 108 6.50 40.27 -3.24
C ARG A 108 7.19 39.01 -2.67
N VAL A 109 6.91 37.85 -3.28
CA VAL A 109 7.51 36.55 -2.87
C VAL A 109 9.04 36.56 -3.03
N LEU A 110 9.51 36.90 -4.24
CA LEU A 110 10.94 36.97 -4.52
C LEU A 110 11.65 38.06 -3.70
N GLY A 111 10.90 39.07 -3.30
CA GLY A 111 11.44 40.14 -2.48
C GLY A 111 11.61 39.68 -1.06
N ASN A 112 10.60 38.96 -0.55
CA ASN A 112 10.63 38.43 0.82
C ASN A 112 11.67 37.31 1.01
N ASN A 113 12.08 36.67 -0.09
CA ASN A 113 13.12 35.63 -0.07
C ASN A 113 14.50 36.16 -0.42
N LYS A 114 14.62 37.47 -0.61
CA LYS A 114 15.90 38.13 -0.94
C LYS A 114 16.56 37.62 -2.24
N VAL A 115 15.76 37.11 -3.16
CA VAL A 115 16.29 36.67 -4.46
C VAL A 115 16.62 37.90 -5.27
N ASN A 116 17.87 38.06 -5.70
CA ASN A 116 18.24 39.24 -6.50
C ASN A 116 17.81 39.04 -7.96
N VAL A 117 16.74 39.75 -8.35
CA VAL A 117 16.19 39.68 -9.71
C VAL A 117 16.93 40.64 -10.63
N ILE A 118 17.56 40.09 -11.66
CA ILE A 118 18.32 40.90 -12.60
C ILE A 118 17.64 40.86 -13.97
N LYS A 119 17.22 42.04 -14.43
CA LYS A 119 16.54 42.18 -15.71
C LYS A 119 17.58 42.25 -16.83
N GLY A 120 17.60 41.25 -17.69
CA GLY A 120 18.54 41.20 -18.83
C GLY A 120 18.64 39.85 -19.50
N PHE A 121 19.36 39.79 -20.62
CA PHE A 121 19.52 38.55 -21.37
C PHE A 121 20.89 37.97 -21.03
N ALA A 122 20.88 36.79 -20.40
CA ALA A 122 22.12 36.11 -19.98
C ALA A 122 22.76 35.19 -21.04
N LYS A 123 24.09 35.28 -21.11
CA LYS A 123 24.92 34.46 -21.98
C LYS A 123 26.04 33.87 -21.12
N PHE A 124 26.48 32.66 -21.43
CA PHE A 124 27.61 32.07 -20.71
C PHE A 124 28.91 32.65 -21.23
N VAL A 125 29.88 32.72 -20.34
CA VAL A 125 31.24 33.15 -20.66
C VAL A 125 32.09 31.88 -20.56
N ASP A 126 31.86 31.12 -19.49
CA ASP A 126 32.50 29.81 -19.28
C ASP A 126 31.64 28.97 -18.33
N GLU A 127 32.11 27.76 -18.05
CA GLU A 127 31.44 26.80 -17.14
C GLU A 127 30.78 27.44 -15.91
N LYS A 128 31.49 28.39 -15.29
CA LYS A 128 31.06 29.01 -14.03
C LYS A 128 30.65 30.49 -14.09
N THR A 129 30.70 31.12 -15.27
CA THR A 129 30.40 32.56 -15.36
C THR A 129 29.37 32.90 -16.44
N VAL A 130 28.50 33.85 -16.15
CA VAL A 130 27.50 34.33 -17.10
C VAL A 130 27.58 35.86 -17.17
N GLU A 131 27.23 36.41 -18.33
CA GLU A 131 27.25 37.86 -18.53
C GLU A 131 25.83 38.37 -18.81
N VAL A 132 25.48 39.49 -18.18
CA VAL A 132 24.17 40.13 -18.37
C VAL A 132 24.34 41.64 -18.22
N ASN A 133 23.94 42.41 -19.23
CA ASN A 133 24.08 43.88 -19.22
C ASN A 133 25.54 44.28 -19.04
N GLY A 134 26.43 43.56 -19.72
CA GLY A 134 27.88 43.83 -19.66
C GLY A 134 28.61 43.31 -18.42
N GLU A 135 27.87 42.98 -17.35
CA GLU A 135 28.50 42.50 -16.10
C GLU A 135 28.57 40.98 -15.99
N HIS A 136 29.67 40.52 -15.43
CA HIS A 136 29.95 39.11 -15.21
C HIS A 136 29.46 38.65 -13.83
N TYR A 137 28.83 37.48 -13.79
CA TYR A 137 28.33 36.90 -12.56
C TYR A 137 28.83 35.48 -12.50
N THR A 138 29.29 35.06 -11.33
CA THR A 138 29.81 33.72 -11.16
C THR A 138 29.09 32.98 -10.00
N ALA A 139 29.12 31.65 -10.05
CA ALA A 139 28.48 30.82 -9.02
C ALA A 139 28.92 29.34 -9.08
N ASP A 140 28.70 28.65 -7.97
CA ASP A 140 29.03 27.23 -7.86
C ASP A 140 27.97 26.40 -8.58
N HIS A 141 26.73 26.86 -8.49
CA HIS A 141 25.59 26.17 -9.08
C HIS A 141 24.87 27.10 -10.04
N ILE A 142 24.60 26.61 -11.25
CA ILE A 142 23.96 27.41 -12.28
C ILE A 142 22.87 26.61 -12.95
N LEU A 143 21.64 27.13 -12.86
CA LEU A 143 20.49 26.46 -13.46
C LEU A 143 20.14 27.11 -14.79
N ILE A 144 19.97 26.28 -15.81
CA ILE A 144 19.57 26.75 -17.13
C ILE A 144 18.11 26.38 -17.28
N ALA A 145 17.25 27.40 -17.32
CA ALA A 145 15.82 27.22 -17.43
C ALA A 145 15.24 28.24 -18.40
N VAL A 146 15.83 28.32 -19.58
CA VAL A 146 15.45 29.32 -20.57
C VAL A 146 14.21 28.99 -21.44
N GLY A 147 13.66 27.79 -21.30
CA GLY A 147 12.46 27.39 -22.06
C GLY A 147 12.58 27.38 -23.57
N GLY A 148 11.43 27.33 -24.24
CA GLY A 148 11.39 27.29 -25.70
C GLY A 148 10.78 28.50 -26.39
N ARG A 149 10.44 28.32 -27.66
CA ARG A 149 9.81 29.36 -28.46
C ARG A 149 9.09 28.63 -29.61
N PRO A 150 8.11 29.27 -30.25
CA PRO A 150 7.38 28.55 -31.31
C PRO A 150 8.18 28.25 -32.57
N THR A 151 7.89 27.11 -33.19
CA THR A 151 8.54 26.69 -34.42
C THR A 151 7.72 27.20 -35.59
N ILE A 152 8.39 27.95 -36.48
CA ILE A 152 7.79 28.54 -37.66
C ILE A 152 8.27 27.73 -38.85
N PRO A 153 7.35 27.16 -39.66
CA PRO A 153 7.77 26.32 -40.78
C PRO A 153 8.56 27.08 -41.85
N ASN A 154 9.43 26.36 -42.55
CA ASN A 154 10.23 26.97 -43.60
C ASN A 154 9.54 26.76 -44.95
N ILE A 155 8.53 27.59 -45.22
CA ILE A 155 7.80 27.58 -46.50
C ILE A 155 7.59 29.03 -46.93
N PRO A 156 7.20 29.24 -48.19
CA PRO A 156 6.96 30.63 -48.61
C PRO A 156 5.69 31.20 -47.99
N GLY A 157 5.78 32.44 -47.53
CA GLY A 157 4.65 33.12 -46.89
C GLY A 157 4.49 32.77 -45.42
N ALA A 158 5.45 32.01 -44.89
CA ALA A 158 5.41 31.60 -43.50
C ALA A 158 5.36 32.81 -42.58
N GLU A 159 6.09 33.86 -42.98
CA GLU A 159 6.14 35.09 -42.18
C GLU A 159 4.79 35.82 -42.03
N TYR A 160 3.80 35.48 -42.85
CA TYR A 160 2.48 36.13 -42.77
C TYR A 160 1.69 35.58 -41.59
N GLY A 161 1.99 34.35 -41.19
CA GLY A 161 1.33 33.73 -40.05
C GLY A 161 1.89 34.24 -38.75
N ILE A 162 1.15 33.99 -37.68
CA ILE A 162 1.56 34.38 -36.33
C ILE A 162 1.66 33.11 -35.52
N ASP A 163 2.20 33.20 -34.31
CA ASP A 163 2.32 32.03 -33.44
C ASP A 163 1.49 32.29 -32.19
N SER A 164 1.60 31.40 -31.20
CA SER A 164 0.82 31.58 -29.98
C SER A 164 1.10 32.93 -29.32
N ASN A 165 2.32 33.46 -29.45
CA ASN A 165 2.64 34.78 -28.88
C ASN A 165 1.83 35.88 -29.57
N GLY A 166 1.87 35.89 -30.90
CA GLY A 166 1.10 36.87 -31.69
C GLY A 166 -0.40 36.80 -31.43
N PHE A 167 -0.89 35.59 -31.18
CA PHE A 167 -2.31 35.37 -30.87
C PHE A 167 -2.67 36.10 -29.57
N PHE A 168 -1.84 35.98 -28.55
CA PHE A 168 -2.12 36.71 -27.31
C PHE A 168 -1.88 38.22 -27.48
N ASP A 169 -1.19 38.60 -28.56
CA ASP A 169 -0.98 40.03 -28.86
C ASP A 169 -2.17 40.67 -29.59
N LEU A 170 -3.05 39.85 -30.18
CA LEU A 170 -4.23 40.36 -30.91
C LEU A 170 -5.12 41.25 -30.01
N ALA A 171 -5.27 42.50 -30.41
CA ALA A 171 -6.10 43.47 -29.68
C ALA A 171 -7.57 43.31 -30.02
N GLU A 172 -7.86 42.70 -31.17
CA GLU A 172 -9.22 42.52 -31.64
C GLU A 172 -9.44 41.16 -32.25
N GLN A 173 -10.70 40.74 -32.24
CA GLN A 173 -11.09 39.43 -32.74
C GLN A 173 -11.00 39.31 -34.25
N PRO A 174 -10.17 38.39 -34.76
CA PRO A 174 -10.15 38.17 -36.20
C PRO A 174 -11.45 37.54 -36.63
N LYS A 175 -11.88 37.82 -37.85
CA LYS A 175 -13.16 37.31 -38.34
C LYS A 175 -13.02 35.83 -38.72
N ARG A 176 -11.91 35.47 -39.36
CA ARG A 176 -11.70 34.08 -39.81
C ARG A 176 -10.25 33.65 -39.55
N VAL A 177 -10.05 32.45 -38.98
CA VAL A 177 -8.70 31.99 -38.65
C VAL A 177 -8.43 30.55 -39.03
N ALA A 178 -7.20 30.33 -39.51
CA ALA A 178 -6.71 29.01 -39.81
C ALA A 178 -5.72 28.71 -38.70
N VAL A 179 -5.97 27.64 -37.94
CA VAL A 179 -5.06 27.22 -36.88
C VAL A 179 -4.36 25.99 -37.44
N VAL A 180 -3.03 26.06 -37.49
CA VAL A 180 -2.23 24.97 -38.05
C VAL A 180 -1.47 24.24 -36.96
N GLY A 181 -1.77 22.95 -36.81
CA GLY A 181 -1.13 22.12 -35.79
C GLY A 181 -2.09 21.10 -35.24
N ALA A 182 -1.55 20.02 -34.67
CA ALA A 182 -2.38 18.94 -34.15
C ALA A 182 -2.23 18.73 -32.65
N GLY A 183 -1.32 19.48 -32.02
CA GLY A 183 -1.07 19.35 -30.59
C GLY A 183 -2.14 19.99 -29.74
N TYR A 184 -1.96 19.98 -28.42
CA TYR A 184 -2.96 20.58 -27.54
C TYR A 184 -3.11 22.08 -27.76
N ILE A 185 -2.02 22.79 -28.05
CA ILE A 185 -2.08 24.27 -28.23
C ILE A 185 -3.02 24.66 -29.36
N ALA A 186 -2.87 23.98 -30.51
CA ALA A 186 -3.71 24.20 -31.68
C ALA A 186 -5.19 23.88 -31.41
N VAL A 187 -5.43 22.78 -30.71
CA VAL A 187 -6.80 22.35 -30.40
C VAL A 187 -7.47 23.32 -29.44
N GLU A 188 -6.71 23.76 -28.43
CA GLU A 188 -7.22 24.73 -27.43
C GLU A 188 -7.55 26.07 -28.07
N ILE A 189 -6.61 26.60 -28.87
CA ILE A 189 -6.83 27.88 -29.54
C ILE A 189 -8.01 27.77 -30.50
N ALA A 190 -8.00 26.75 -31.36
CA ALA A 190 -9.10 26.53 -32.32
C ALA A 190 -10.46 26.46 -31.65
N GLY A 191 -10.50 25.83 -30.49
CA GLY A 191 -11.75 25.68 -29.75
C GLY A 191 -12.23 26.97 -29.13
N VAL A 192 -11.30 27.75 -28.58
CA VAL A 192 -11.64 29.03 -27.95
C VAL A 192 -12.15 30.02 -28.99
N LEU A 193 -11.46 30.09 -30.14
CA LEU A 193 -11.87 30.99 -31.21
C LEU A 193 -13.27 30.67 -31.71
N HIS A 194 -13.55 29.40 -31.99
CA HIS A 194 -14.87 29.07 -32.49
C HIS A 194 -15.96 29.43 -31.48
N ALA A 195 -15.74 29.09 -30.22
CA ALA A 195 -16.73 29.39 -29.17
C ALA A 195 -17.01 30.89 -29.05
N LEU A 196 -16.00 31.72 -29.34
CA LEU A 196 -16.13 33.18 -29.26
C LEU A 196 -16.69 33.83 -30.53
N GLY A 197 -17.04 33.03 -31.53
CA GLY A 197 -17.67 33.51 -32.78
C GLY A 197 -16.81 33.76 -34.00
N THR A 198 -15.59 33.23 -33.99
CA THR A 198 -14.66 33.40 -35.11
C THR A 198 -14.81 32.19 -36.01
N GLU A 199 -14.80 32.43 -37.32
CA GLU A 199 -14.87 31.32 -38.27
C GLU A 199 -13.51 30.66 -38.13
N THR A 200 -13.49 29.42 -37.65
CA THR A 200 -12.23 28.74 -37.37
C THR A 200 -12.03 27.44 -38.16
N HIS A 201 -10.81 27.29 -38.67
CA HIS A 201 -10.40 26.12 -39.44
C HIS A 201 -9.15 25.52 -38.81
N LEU A 202 -9.18 24.22 -38.53
CA LEU A 202 -8.06 23.51 -37.92
C LEU A 202 -7.44 22.53 -38.91
N PHE A 203 -6.19 22.78 -39.28
CA PHE A 203 -5.46 21.95 -40.23
C PHE A 203 -4.42 21.04 -39.58
N VAL A 204 -4.66 19.74 -39.66
CA VAL A 204 -3.76 18.73 -39.11
C VAL A 204 -3.09 17.98 -40.27
N ARG A 205 -1.83 17.60 -40.07
CA ARG A 205 -1.02 16.94 -41.14
C ARG A 205 -1.39 15.50 -41.49
N LYS A 206 -2.01 14.78 -40.56
CA LYS A 206 -2.38 13.37 -40.81
C LYS A 206 -3.85 13.08 -40.47
N GLU A 207 -4.14 11.93 -39.86
CA GLU A 207 -5.54 11.50 -39.69
C GLU A 207 -6.43 12.27 -38.71
N SER A 208 -5.85 12.85 -37.66
CA SER A 208 -6.65 13.56 -36.66
C SER A 208 -5.77 14.44 -35.80
N PRO A 209 -6.38 15.18 -34.87
CA PRO A 209 -5.58 15.94 -33.89
C PRO A 209 -5.26 15.06 -32.70
N LEU A 210 -4.36 15.52 -31.84
CA LEU A 210 -3.97 14.82 -30.62
C LEU A 210 -3.65 13.32 -30.83
N ARG A 211 -2.80 13.03 -31.82
CA ARG A 211 -2.51 11.63 -32.17
C ARG A 211 -1.94 10.78 -31.06
N SER A 212 -1.37 11.42 -30.04
CA SER A 212 -0.80 10.67 -28.91
C SER A 212 -1.85 10.37 -27.82
N PHE A 213 -3.11 10.73 -28.03
CA PHE A 213 -4.16 10.46 -27.04
C PHE A 213 -4.92 9.19 -27.38
N ASP A 214 -5.71 8.71 -26.41
CA ASP A 214 -6.47 7.49 -26.58
C ASP A 214 -7.49 7.68 -27.71
N PRO A 215 -7.72 6.64 -28.54
CA PRO A 215 -8.72 6.74 -29.63
C PRO A 215 -10.12 7.20 -29.19
N MET A 216 -10.51 6.87 -27.96
CA MET A 216 -11.80 7.30 -27.44
C MET A 216 -11.80 8.81 -27.31
N ILE A 217 -10.70 9.37 -26.81
CA ILE A 217 -10.60 10.83 -26.67
C ILE A 217 -10.55 11.51 -28.04
N ILE A 218 -9.79 10.95 -28.97
CA ILE A 218 -9.70 11.51 -30.31
C ILE A 218 -11.08 11.46 -30.98
N ASP A 219 -11.65 10.25 -31.11
CA ASP A 219 -12.96 10.09 -31.79
C ASP A 219 -14.06 11.02 -31.27
N THR A 220 -14.15 11.19 -29.95
CA THR A 220 -15.18 12.05 -29.37
C THR A 220 -14.88 13.54 -29.64
N LEU A 221 -13.61 13.93 -29.53
CA LEU A 221 -13.24 15.32 -29.83
C LEU A 221 -13.60 15.61 -31.28
N VAL A 222 -13.28 14.68 -32.18
CA VAL A 222 -13.59 14.86 -33.61
C VAL A 222 -15.08 15.03 -33.91
N GLU A 223 -15.91 14.16 -33.36
N GLU A 223 -15.94 14.16 -33.37
CA GLU A 223 -17.35 14.20 -33.58
CA GLU A 223 -17.38 14.27 -33.65
C GLU A 223 -18.00 15.47 -32.98
C GLU A 223 -17.97 15.55 -33.02
N VAL A 224 -17.44 15.96 -31.87
CA VAL A 224 -17.94 17.19 -31.21
C VAL A 224 -17.51 18.42 -32.02
N MET A 225 -16.33 18.37 -32.65
CA MET A 225 -15.87 19.47 -33.52
C MET A 225 -16.71 19.54 -34.80
N GLU A 226 -17.02 18.38 -35.35
CA GLU A 226 -17.80 18.31 -36.57
C GLU A 226 -19.21 18.88 -36.37
N ALA A 227 -19.80 18.66 -35.21
CA ALA A 227 -21.16 19.12 -34.93
C ALA A 227 -21.29 20.54 -34.38
N GLU A 228 -20.34 20.97 -33.54
CA GLU A 228 -20.43 22.30 -32.88
C GLU A 228 -19.08 22.97 -32.62
N GLY A 229 -18.05 22.63 -33.39
CA GLY A 229 -16.73 23.23 -33.17
C GLY A 229 -16.08 23.73 -34.45
N PRO A 230 -14.76 24.00 -34.40
CA PRO A 230 -14.07 24.45 -35.58
C PRO A 230 -14.10 23.40 -36.68
N THR A 231 -13.87 23.84 -37.90
CA THR A 231 -13.87 22.95 -39.05
C THR A 231 -12.51 22.25 -39.16
N LEU A 232 -12.53 20.91 -39.07
CA LEU A 232 -11.32 20.11 -39.14
C LEU A 232 -10.90 19.80 -40.59
N HIS A 233 -9.60 19.89 -40.83
CA HIS A 233 -9.02 19.58 -42.13
C HIS A 233 -7.87 18.60 -41.92
N THR A 234 -8.13 17.33 -42.24
CA THR A 234 -7.15 16.27 -42.11
C THR A 234 -6.26 16.19 -43.33
N HIS A 235 -5.15 15.47 -43.20
CA HIS A 235 -4.17 15.27 -44.29
C HIS A 235 -3.83 16.57 -45.00
N SER A 236 -3.62 17.60 -44.19
CA SER A 236 -3.33 18.95 -44.63
C SER A 236 -1.91 19.40 -44.32
N VAL A 237 -1.04 19.27 -45.31
CA VAL A 237 0.35 19.66 -45.20
C VAL A 237 0.51 21.04 -45.84
N PRO A 238 0.89 22.07 -45.05
CA PRO A 238 1.06 23.38 -45.66
C PRO A 238 2.14 23.39 -46.76
N LYS A 239 1.86 24.12 -47.83
CA LYS A 239 2.76 24.24 -48.97
C LYS A 239 3.21 25.70 -49.09
N GLU A 240 2.24 26.60 -49.01
CA GLU A 240 2.50 28.01 -49.16
C GLU A 240 1.39 28.84 -48.52
N VAL A 241 1.72 30.08 -48.17
CA VAL A 241 0.75 31.04 -47.64
C VAL A 241 0.84 32.24 -48.57
N VAL A 242 -0.24 32.53 -49.30
CA VAL A 242 -0.27 33.65 -50.24
C VAL A 242 -0.96 34.82 -49.58
N LYS A 243 -0.36 36.01 -49.70
CA LYS A 243 -1.00 37.22 -49.22
C LYS A 243 -1.77 37.78 -50.43
N GLU A 244 -3.09 37.69 -50.35
CA GLU A 244 -3.96 38.14 -51.42
C GLU A 244 -4.01 39.67 -51.49
N ALA A 245 -4.46 40.16 -52.65
CA ALA A 245 -4.60 41.59 -52.90
C ALA A 245 -5.46 42.31 -51.85
N ASP A 246 -6.51 41.64 -51.37
CA ASP A 246 -7.42 42.25 -50.37
C ASP A 246 -6.94 42.22 -48.91
N GLY A 247 -5.75 41.64 -48.65
CA GLY A 247 -5.21 41.57 -47.28
C GLY A 247 -5.31 40.24 -46.54
N SER A 248 -6.20 39.37 -47.01
CA SER A 248 -6.39 38.05 -46.44
C SER A 248 -5.26 37.11 -46.87
N LEU A 249 -5.10 36.03 -46.13
CA LEU A 249 -4.06 35.04 -46.39
C LEU A 249 -4.71 33.78 -46.92
N THR A 250 -4.11 33.16 -47.94
CA THR A 250 -4.62 31.91 -48.48
C THR A 250 -3.65 30.75 -48.21
N LEU A 251 -4.05 29.84 -47.33
CA LEU A 251 -3.24 28.66 -47.02
C LEU A 251 -3.43 27.62 -48.11
N HIS A 252 -2.36 27.34 -48.85
CA HIS A 252 -2.37 26.30 -49.88
C HIS A 252 -1.80 25.03 -49.25
N LEU A 253 -2.48 23.91 -49.49
CA LEU A 253 -2.05 22.63 -48.93
C LEU A 253 -1.39 21.81 -50.02
N GLU A 254 -0.47 20.94 -49.61
CA GLU A 254 0.26 20.09 -50.54
C GLU A 254 -0.69 19.19 -51.36
N ASN A 255 -1.88 18.91 -50.81
CA ASN A 255 -2.86 18.06 -51.50
C ASN A 255 -3.61 18.76 -52.65
N GLY A 256 -3.44 20.08 -52.77
CA GLY A 256 -4.09 20.86 -53.83
C GLY A 256 -5.16 21.82 -53.33
N GLU A 257 -5.77 21.50 -52.20
CA GLU A 257 -6.82 22.35 -51.62
C GLU A 257 -6.23 23.61 -50.98
N SER A 258 -7.10 24.58 -50.73
CA SER A 258 -6.70 25.86 -50.12
C SER A 258 -7.84 26.50 -49.31
N GLN A 259 -7.48 27.43 -48.43
CA GLN A 259 -8.45 28.10 -47.57
C GLN A 259 -8.02 29.54 -47.36
N ASN A 260 -8.99 30.45 -47.48
CA ASN A 260 -8.77 31.88 -47.31
C ASN A 260 -9.16 32.31 -45.89
N VAL A 261 -8.30 33.08 -45.23
CA VAL A 261 -8.55 33.54 -43.85
C VAL A 261 -7.96 34.93 -43.61
N ASP A 262 -8.27 35.49 -42.45
CA ASP A 262 -7.76 36.82 -42.06
C ASP A 262 -6.47 36.74 -41.27
N GLN A 263 -6.31 35.67 -40.49
CA GLN A 263 -5.14 35.51 -39.65
C GLN A 263 -4.84 33.99 -39.66
N LEU A 264 -3.56 33.63 -39.55
CA LEU A 264 -3.14 32.22 -39.55
C LEU A 264 -2.14 31.97 -38.41
N ILE A 265 -2.45 30.98 -37.55
CA ILE A 265 -1.64 30.65 -36.38
C ILE A 265 -0.82 29.37 -36.55
N TRP A 266 0.50 29.49 -36.42
CA TRP A 266 1.38 28.33 -36.48
C TRP A 266 1.47 27.77 -35.07
N ALA A 267 0.95 26.56 -34.89
CA ALA A 267 1.01 25.87 -33.62
C ALA A 267 1.49 24.45 -33.95
N ILE A 268 2.65 24.38 -34.63
CA ILE A 268 3.23 23.11 -35.09
C ILE A 268 4.36 22.53 -34.24
N GLY A 269 4.59 23.14 -33.08
CA GLY A 269 5.63 22.69 -32.16
C GLY A 269 6.42 23.83 -31.56
N ARG A 270 7.36 23.45 -30.72
CA ARG A 270 8.27 24.38 -30.08
C ARG A 270 9.64 23.75 -30.02
N HIS A 271 10.66 24.59 -30.01
CA HIS A 271 12.05 24.15 -29.92
C HIS A 271 12.75 24.92 -28.77
N PRO A 272 13.77 24.30 -28.14
CA PRO A 272 14.43 24.93 -27.00
C PRO A 272 15.23 26.18 -27.38
N ALA A 273 15.23 27.16 -26.49
CA ALA A 273 15.94 28.42 -26.69
C ALA A 273 17.39 28.34 -26.20
N THR A 274 18.06 27.25 -26.55
CA THR A 274 19.43 26.97 -26.11
C THR A 274 20.50 27.31 -27.14
N ASP A 275 20.11 28.02 -28.20
CA ASP A 275 21.04 28.39 -29.28
C ASP A 275 21.71 29.77 -29.14
N ALA A 276 21.24 30.61 -28.22
CA ALA A 276 21.78 31.97 -28.09
C ALA A 276 22.33 32.33 -26.70
N ILE A 277 22.68 31.32 -25.91
CA ILE A 277 23.20 31.55 -24.57
C ILE A 277 24.69 31.19 -24.44
N ASN A 278 25.34 31.00 -25.59
CA ASN A 278 26.77 30.68 -25.71
C ASN A 278 27.16 29.39 -24.94
N LEU A 279 26.41 28.32 -25.15
CA LEU A 279 26.73 27.02 -24.50
C LEU A 279 28.03 26.41 -24.96
N ALA A 280 28.44 26.73 -26.17
CA ALA A 280 29.70 26.19 -26.68
C ALA A 280 30.91 26.62 -25.84
N SER A 281 30.70 27.56 -24.90
CA SER A 281 31.75 28.01 -23.98
C SER A 281 31.80 27.27 -22.64
N THR A 282 30.80 26.43 -22.38
CA THR A 282 30.69 25.70 -21.09
C THR A 282 31.05 24.22 -21.13
N GLY A 283 31.00 23.62 -22.32
CA GLY A 283 31.25 22.20 -22.49
C GLY A 283 29.99 21.37 -22.30
N VAL A 284 28.84 22.02 -22.04
CA VAL A 284 27.57 21.32 -21.80
C VAL A 284 27.01 20.64 -23.05
N ALA A 285 26.75 19.35 -22.95
CA ALA A 285 26.26 18.56 -24.08
C ALA A 285 24.76 18.72 -24.32
N THR A 286 24.39 18.72 -25.58
CA THR A 286 23.00 18.80 -25.99
C THR A 286 22.80 17.77 -27.09
N ASN A 287 21.55 17.41 -27.35
CA ASN A 287 21.26 16.46 -28.44
C ASN A 287 21.08 17.24 -29.73
N GLU A 288 20.83 16.54 -30.83
CA GLU A 288 20.64 17.17 -32.15
C GLU A 288 19.65 18.35 -32.16
N LYS A 289 18.49 18.19 -31.52
CA LYS A 289 17.46 19.27 -31.48
C LYS A 289 17.68 20.40 -30.44
N GLY A 290 18.85 20.45 -29.81
CA GLY A 290 19.14 21.53 -28.85
C GLY A 290 18.73 21.31 -27.40
N TYR A 291 18.13 20.17 -27.08
CA TYR A 291 17.73 19.88 -25.69
C TYR A 291 18.97 19.57 -24.88
N ILE A 292 18.98 19.98 -23.61
CA ILE A 292 20.11 19.74 -22.73
C ILE A 292 19.97 18.39 -22.01
N LYS A 293 21.05 17.59 -22.07
CA LYS A 293 21.09 16.28 -21.43
C LYS A 293 21.34 16.42 -19.94
N VAL A 294 20.69 15.58 -19.16
CA VAL A 294 20.84 15.59 -17.71
C VAL A 294 20.71 14.21 -17.09
N ASP A 295 21.23 14.07 -15.88
CA ASP A 295 21.08 12.81 -15.13
C ASP A 295 19.73 12.87 -14.39
N GLU A 296 19.41 11.86 -13.60
CA GLU A 296 18.12 11.86 -12.88
C GLU A 296 18.03 13.02 -11.87
N TYR A 297 19.17 13.65 -11.58
CA TYR A 297 19.21 14.77 -10.63
C TYR A 297 19.27 16.16 -11.28
N GLN A 298 18.84 16.26 -12.53
CA GLN A 298 18.83 17.51 -13.30
C GLN A 298 20.22 18.12 -13.58
N GLU A 299 21.27 17.32 -13.40
CA GLU A 299 22.65 17.79 -13.62
C GLU A 299 23.18 17.37 -15.00
N THR A 300 23.78 18.34 -15.69
CA THR A 300 24.38 18.13 -17.01
C THR A 300 25.70 17.39 -16.87
N ASN A 301 26.40 17.18 -17.99
CA ASN A 301 27.73 16.56 -17.95
C ASN A 301 28.79 17.47 -17.32
N VAL A 302 28.49 18.75 -17.13
CA VAL A 302 29.45 19.66 -16.50
C VAL A 302 28.94 19.93 -15.10
N LYS A 303 29.73 19.53 -14.12
CA LYS A 303 29.33 19.68 -12.73
C LYS A 303 29.17 21.14 -12.36
N GLY A 304 28.05 21.45 -11.68
CA GLY A 304 27.68 22.82 -11.30
C GLY A 304 26.69 23.48 -12.24
N ILE A 305 26.38 22.81 -13.35
CA ILE A 305 25.43 23.31 -14.33
C ILE A 305 24.28 22.33 -14.37
N TYR A 306 23.07 22.87 -14.23
CA TYR A 306 21.86 22.07 -14.17
C TYR A 306 20.85 22.59 -15.17
N CYS A 307 19.76 21.85 -15.33
CA CYS A 307 18.71 22.19 -16.28
C CYS A 307 17.36 21.57 -15.92
N VAL A 308 16.30 22.37 -16.01
CA VAL A 308 14.93 21.90 -15.76
C VAL A 308 14.00 22.54 -16.76
N GLY A 309 12.79 22.02 -16.88
CA GLY A 309 11.79 22.61 -17.76
C GLY A 309 11.75 22.12 -19.19
N ASP A 310 11.22 22.96 -20.09
CA ASP A 310 11.03 22.58 -21.50
C ASP A 310 12.29 22.23 -22.29
N ILE A 311 13.42 22.82 -21.93
CA ILE A 311 14.69 22.56 -22.66
C ILE A 311 15.38 21.25 -22.30
N MET A 312 14.91 20.58 -21.25
CA MET A 312 15.49 19.30 -20.78
C MET A 312 15.18 18.09 -21.68
N GLU A 313 16.21 17.31 -22.03
CA GLU A 313 16.01 16.09 -22.83
C GLU A 313 15.20 15.06 -22.02
N GLY A 314 14.14 14.52 -22.62
CA GLY A 314 13.28 13.55 -21.93
C GLY A 314 12.47 14.20 -20.82
N GLY A 315 12.15 15.47 -21.00
CA GLY A 315 11.35 16.20 -20.03
C GLY A 315 9.91 16.12 -20.46
N ILE A 316 9.07 16.88 -19.77
CA ILE A 316 7.65 16.97 -20.08
C ILE A 316 7.35 18.45 -20.10
N GLU A 317 6.74 18.91 -21.18
CA GLU A 317 6.47 20.33 -21.36
C GLU A 317 5.19 20.83 -20.69
N LEU A 318 5.21 20.80 -19.37
CA LEU A 318 4.13 21.30 -18.54
C LEU A 318 4.78 22.16 -17.46
N THR A 319 4.02 23.12 -16.95
CA THR A 319 4.52 24.01 -15.92
C THR A 319 4.84 23.30 -14.61
N PRO A 320 3.92 22.48 -14.07
CA PRO A 320 4.17 21.76 -12.80
C PRO A 320 5.38 20.84 -12.80
N VAL A 321 5.80 20.41 -13.98
CA VAL A 321 6.98 19.56 -14.08
C VAL A 321 8.22 20.40 -13.80
N ALA A 322 8.30 21.56 -14.45
CA ALA A 322 9.43 22.47 -14.25
C ALA A 322 9.45 22.98 -12.82
N VAL A 323 8.29 23.27 -12.25
CA VAL A 323 8.19 23.75 -10.86
C VAL A 323 8.76 22.71 -9.87
N LYS A 324 8.24 21.48 -9.96
CA LYS A 324 8.64 20.37 -9.08
C LYS A 324 10.12 20.02 -9.28
N ALA A 325 10.56 19.95 -10.53
CA ALA A 325 11.94 19.62 -10.85
C ALA A 325 12.88 20.66 -10.26
N GLY A 326 12.49 21.92 -10.39
CA GLY A 326 13.28 23.03 -9.88
C GLY A 326 13.33 23.06 -8.37
N ARG A 327 12.20 22.77 -7.72
CA ARG A 327 12.14 22.76 -6.26
C ARG A 327 12.90 21.60 -5.68
N GLN A 328 12.76 20.42 -6.29
CA GLN A 328 13.48 19.23 -5.83
C GLN A 328 14.99 19.37 -5.99
N LEU A 329 15.40 20.07 -7.03
CA LEU A 329 16.79 20.35 -7.25
C LEU A 329 17.29 21.27 -6.15
N SER A 330 16.49 22.26 -5.77
CA SER A 330 16.92 23.16 -4.70
C SER A 330 16.95 22.45 -3.34
N GLU A 331 16.06 21.45 -3.18
CA GLU A 331 16.05 20.62 -1.96
C GLU A 331 17.37 19.86 -1.89
N ARG A 332 17.78 19.31 -3.03
CA ARG A 332 19.00 18.52 -3.10
C ARG A 332 20.23 19.35 -2.82
N LEU A 333 20.40 20.44 -3.56
CA LEU A 333 21.59 21.26 -3.45
C LEU A 333 21.74 22.06 -2.17
N PHE A 334 20.62 22.53 -1.61
CA PHE A 334 20.67 23.42 -0.45
C PHE A 334 20.01 22.95 0.83
N ASN A 335 19.24 21.87 0.78
CA ASN A 335 18.63 21.34 2.01
C ASN A 335 19.13 19.92 2.38
N ASN A 336 20.38 19.61 2.01
N ASN A 336 20.37 19.62 1.98
CA ASN A 336 21.00 18.33 2.34
CA ASN A 336 21.04 18.34 2.27
C ASN A 336 20.12 17.11 2.07
C ASN A 336 20.17 17.11 2.06
N LYS A 337 19.64 16.96 0.84
CA LYS A 337 18.80 15.81 0.47
C LYS A 337 19.26 15.25 -0.88
N PRO A 338 20.41 14.54 -0.88
CA PRO A 338 21.00 13.98 -2.11
C PRO A 338 20.09 13.08 -2.98
N ASN A 339 19.05 12.50 -2.39
CA ASN A 339 18.15 11.66 -3.18
C ASN A 339 16.96 12.44 -3.75
N ALA A 340 16.83 13.72 -3.40
CA ALA A 340 15.73 14.53 -3.91
C ALA A 340 15.82 14.69 -5.45
N LYS A 341 14.75 14.28 -6.12
CA LYS A 341 14.67 14.28 -7.56
C LYS A 341 13.22 14.36 -8.05
N MET A 342 13.07 14.50 -9.35
CA MET A 342 11.77 14.59 -9.98
C MET A 342 11.31 13.21 -10.44
N ASP A 343 10.01 12.94 -10.34
CA ASP A 343 9.44 11.69 -10.84
C ASP A 343 8.62 12.03 -12.08
N TYR A 344 9.08 11.56 -13.25
CA TYR A 344 8.43 11.85 -14.55
C TYR A 344 7.36 10.84 -15.00
N ASP A 345 7.02 9.88 -14.13
CA ASP A 345 6.02 8.86 -14.41
C ASP A 345 4.63 9.29 -13.94
N LEU A 346 3.60 8.86 -14.68
CA LEU A 346 2.20 9.14 -14.35
C LEU A 346 1.90 10.61 -14.04
N VAL A 347 2.45 11.51 -14.86
CA VAL A 347 2.18 12.93 -14.72
C VAL A 347 0.84 13.18 -15.41
N PRO A 348 -0.13 13.77 -14.70
CA PRO A 348 -1.44 14.04 -15.31
C PRO A 348 -1.44 15.23 -16.26
N THR A 349 -2.30 15.16 -17.27
CA THR A 349 -2.45 16.21 -18.27
C THR A 349 -3.93 16.54 -18.45
N VAL A 350 -4.20 17.81 -18.75
CA VAL A 350 -5.52 18.30 -19.04
C VAL A 350 -5.38 19.21 -20.25
N VAL A 351 -6.26 19.02 -21.22
CA VAL A 351 -6.29 19.83 -22.41
C VAL A 351 -7.57 20.61 -22.29
N PHE A 352 -7.49 21.92 -22.43
CA PHE A 352 -8.68 22.74 -22.29
C PHE A 352 -9.31 22.98 -23.65
N SER A 353 -9.73 21.86 -24.23
CA SER A 353 -10.42 21.85 -25.50
C SER A 353 -11.89 22.01 -25.21
N HIS A 354 -12.69 22.00 -26.28
CA HIS A 354 -14.15 22.06 -26.20
C HIS A 354 -14.72 20.73 -26.73
N PRO A 355 -15.08 19.77 -25.88
CA PRO A 355 -15.00 19.86 -24.40
C PRO A 355 -13.61 19.52 -23.85
N PRO A 356 -13.37 19.79 -22.56
CA PRO A 356 -12.04 19.51 -21.97
C PRO A 356 -11.67 18.02 -21.85
N ILE A 357 -10.37 17.74 -21.88
CA ILE A 357 -9.84 16.38 -21.82
C ILE A 357 -8.91 16.23 -20.61
N GLY A 358 -9.01 15.08 -19.95
CA GLY A 358 -8.14 14.75 -18.82
C GLY A 358 -7.55 13.37 -19.08
N THR A 359 -6.25 13.21 -18.85
CA THR A 359 -5.57 11.95 -19.07
C THR A 359 -4.36 11.72 -18.13
N ILE A 360 -4.18 10.46 -17.74
CA ILE A 360 -3.04 10.04 -16.94
C ILE A 360 -2.62 8.67 -17.45
N GLY A 361 -1.33 8.47 -17.65
CA GLY A 361 -0.80 7.16 -18.03
C GLY A 361 -0.98 6.66 -19.47
N LEU A 362 -1.11 5.35 -19.61
CA LEU A 362 -1.12 4.70 -20.92
C LEU A 362 -2.44 4.66 -21.68
N THR A 363 -2.32 4.84 -22.99
CA THR A 363 -3.46 4.71 -23.87
C THR A 363 -3.72 3.24 -24.00
N THR A 364 -4.89 2.90 -24.53
CA THR A 364 -5.26 1.53 -24.77
C THR A 364 -4.19 0.80 -25.56
N GLN A 365 -3.70 1.41 -26.63
CA GLN A 365 -2.67 0.75 -27.46
C GLN A 365 -1.30 0.68 -26.77
N GLU A 366 -0.92 1.71 -26.02
CA GLU A 366 0.37 1.71 -25.28
C GLU A 366 0.40 0.58 -24.24
N ALA A 367 -0.73 0.33 -23.59
CA ALA A 367 -0.83 -0.75 -22.62
C ALA A 367 -0.79 -2.10 -23.33
N GLU A 368 -1.34 -2.18 -24.54
CA GLU A 368 -1.31 -3.44 -25.33
C GLU A 368 0.12 -3.81 -25.73
N GLU A 369 0.91 -2.80 -26.08
CA GLU A 369 2.31 -2.98 -26.48
C GLU A 369 3.19 -3.31 -25.26
N LYS A 370 2.89 -2.69 -24.11
CA LYS A 370 3.69 -2.90 -22.91
C LYS A 370 3.39 -4.23 -22.24
N TYR A 371 2.12 -4.50 -21.96
CA TYR A 371 1.70 -5.72 -21.26
C TYR A 371 1.17 -6.86 -22.11
N GLY A 372 0.76 -6.59 -23.34
CA GLY A 372 0.19 -7.63 -24.19
C GLY A 372 -1.32 -7.51 -24.18
N LYS A 373 -1.90 -7.56 -25.36
CA LYS A 373 -3.34 -7.44 -25.59
C LYS A 373 -4.21 -8.22 -24.58
N ASP A 374 -3.99 -9.53 -24.46
CA ASP A 374 -4.80 -10.39 -23.58
C ASP A 374 -4.62 -10.17 -22.08
N ASN A 375 -3.59 -9.41 -21.69
CA ASN A 375 -3.31 -9.16 -20.28
C ASN A 375 -3.88 -7.82 -19.80
N ILE A 376 -4.52 -7.07 -20.70
CA ILE A 376 -5.15 -5.82 -20.30
C ILE A 376 -6.68 -5.88 -20.44
N LYS A 377 -7.33 -5.09 -19.59
CA LYS A 377 -8.78 -5.02 -19.52
C LYS A 377 -9.16 -3.57 -19.59
N VAL A 378 -10.17 -3.25 -20.38
CA VAL A 378 -10.63 -1.88 -20.53
C VAL A 378 -12.07 -1.70 -20.05
N TYR A 379 -12.27 -0.69 -19.22
CA TYR A 379 -13.59 -0.31 -18.72
C TYR A 379 -13.94 1.04 -19.32
N THR A 380 -15.21 1.22 -19.67
CA THR A 380 -15.67 2.46 -20.28
C THR A 380 -17.01 2.92 -19.73
N SER A 381 -17.26 4.22 -19.92
CA SER A 381 -18.54 4.82 -19.56
C SER A 381 -18.82 5.95 -20.53
N GLY A 382 -19.92 5.83 -21.26
CA GLY A 382 -20.40 6.85 -22.20
C GLY A 382 -21.65 7.45 -21.59
N PHE A 383 -21.71 8.78 -21.52
CA PHE A 383 -22.86 9.44 -20.93
C PHE A 383 -22.95 10.90 -21.36
N THR A 384 -24.09 11.49 -21.07
CA THR A 384 -24.36 12.89 -21.36
C THR A 384 -24.35 13.60 -20.01
N ALA A 385 -23.56 14.66 -19.87
CA ALA A 385 -23.53 15.41 -18.61
C ALA A 385 -24.91 16.00 -18.40
N MET A 386 -25.42 15.88 -17.18
CA MET A 386 -26.74 16.40 -16.83
C MET A 386 -26.90 17.86 -17.27
N TYR A 387 -25.82 18.63 -17.11
CA TYR A 387 -25.75 20.02 -17.52
C TYR A 387 -26.24 20.26 -18.95
N THR A 388 -25.85 19.40 -19.90
CA THR A 388 -26.31 19.56 -21.29
C THR A 388 -27.44 18.62 -21.69
N ALA A 389 -27.75 17.63 -20.84
CA ALA A 389 -28.77 16.64 -21.16
C ALA A 389 -30.18 17.22 -21.27
N VAL A 390 -30.44 18.30 -20.54
CA VAL A 390 -31.75 18.94 -20.56
C VAL A 390 -31.91 19.96 -21.71
N THR A 391 -30.93 20.05 -22.61
CA THR A 391 -30.96 21.05 -23.68
C THR A 391 -30.99 20.49 -25.11
N LYS A 392 -31.16 21.39 -26.09
CA LYS A 392 -31.14 21.04 -27.53
C LYS A 392 -29.77 20.59 -27.98
N HIS A 393 -28.75 20.87 -27.16
CA HIS A 393 -27.37 20.53 -27.50
C HIS A 393 -26.72 19.46 -26.63
N ARG A 394 -27.20 18.23 -26.79
CA ARG A 394 -26.62 17.06 -26.10
C ARG A 394 -25.14 16.96 -26.44
N GLN A 395 -24.32 16.88 -25.39
CA GLN A 395 -22.87 16.73 -25.51
C GLN A 395 -22.49 15.38 -24.92
N PRO A 396 -21.69 14.60 -25.64
CA PRO A 396 -21.28 13.33 -25.04
C PRO A 396 -20.04 13.49 -24.13
N CYS A 397 -19.94 12.63 -23.14
CA CYS A 397 -18.82 12.55 -22.23
C CYS A 397 -18.38 11.11 -22.29
N LYS A 398 -17.09 10.87 -22.36
CA LYS A 398 -16.59 9.51 -22.36
C LYS A 398 -15.42 9.39 -21.42
N MET A 399 -15.39 8.27 -20.70
CA MET A 399 -14.34 7.98 -19.74
C MET A 399 -13.85 6.56 -19.93
N LYS A 400 -12.58 6.34 -19.60
CA LYS A 400 -11.99 5.04 -19.76
C LYS A 400 -10.89 4.76 -18.76
N LEU A 401 -10.90 3.54 -18.22
CA LEU A 401 -9.86 3.03 -17.34
C LEU A 401 -9.18 1.89 -18.09
N VAL A 402 -7.86 1.97 -18.22
CA VAL A 402 -7.07 0.94 -18.87
C VAL A 402 -6.38 0.18 -17.76
N CYS A 403 -6.68 -1.12 -17.66
CA CYS A 403 -6.12 -1.96 -16.61
C CYS A 403 -5.22 -3.07 -17.12
N ALA A 404 -4.18 -3.40 -16.34
CA ALA A 404 -3.24 -4.46 -16.69
C ALA A 404 -2.99 -5.43 -15.53
N GLY A 405 -2.64 -6.66 -15.87
CA GLY A 405 -2.36 -7.70 -14.88
C GLY A 405 -3.63 -8.31 -14.34
N GLU A 406 -3.48 -9.36 -13.54
CA GLU A 406 -4.65 -10.01 -12.96
C GLU A 406 -5.23 -9.13 -11.85
N GLU A 407 -4.37 -8.28 -11.24
CA GLU A 407 -4.83 -7.37 -10.19
C GLU A 407 -5.57 -6.14 -10.76
N GLU A 408 -5.50 -5.97 -12.08
CA GLU A 408 -6.13 -4.84 -12.76
C GLU A 408 -5.68 -3.50 -12.20
N THR A 409 -4.37 -3.26 -12.29
CA THR A 409 -3.77 -2.00 -11.93
C THR A 409 -4.23 -1.00 -12.99
N VAL A 410 -4.68 0.17 -12.55
CA VAL A 410 -5.12 1.22 -13.47
C VAL A 410 -3.86 1.89 -14.00
N VAL A 411 -3.48 1.48 -15.20
CA VAL A 411 -2.27 1.98 -15.86
C VAL A 411 -2.56 3.18 -16.75
N GLY A 412 -3.84 3.44 -17.00
CA GLY A 412 -4.29 4.55 -17.81
C GLY A 412 -5.69 4.98 -17.44
N LEU A 413 -5.92 6.29 -17.44
CA LEU A 413 -7.21 6.88 -17.13
C LEU A 413 -7.40 8.03 -18.12
N HIS A 414 -8.55 8.04 -18.77
CA HIS A 414 -8.85 9.01 -19.81
C HIS A 414 -10.27 9.50 -19.68
N GLY A 415 -10.46 10.80 -19.91
CA GLY A 415 -11.76 11.43 -19.82
C GLY A 415 -11.90 12.62 -20.76
N ILE A 416 -13.12 12.83 -21.22
CA ILE A 416 -13.46 13.94 -22.09
C ILE A 416 -14.91 14.29 -21.80
N GLY A 417 -15.16 15.57 -21.51
CA GLY A 417 -16.51 16.06 -21.19
C GLY A 417 -16.50 17.22 -20.20
N PHE A 418 -17.70 17.72 -19.90
CA PHE A 418 -17.89 18.83 -19.00
C PHE A 418 -17.30 18.59 -17.58
N THR A 419 -16.48 19.55 -17.13
CA THR A 419 -15.77 19.52 -15.81
C THR A 419 -14.73 18.38 -15.64
N VAL A 420 -14.43 17.63 -16.71
CA VAL A 420 -13.42 16.59 -16.61
C VAL A 420 -12.07 17.23 -16.17
N ASP A 421 -11.79 18.44 -16.62
CA ASP A 421 -10.56 19.14 -16.25
C ASP A 421 -10.30 19.16 -14.73
N GLU A 422 -11.37 19.15 -13.95
CA GLU A 422 -11.25 19.21 -12.51
C GLU A 422 -11.36 17.91 -11.73
N MET A 423 -11.68 16.81 -12.39
CA MET A 423 -11.88 15.55 -11.66
C MET A 423 -10.68 14.60 -11.59
N ILE A 424 -9.66 14.92 -12.39
CA ILE A 424 -8.46 14.09 -12.54
C ILE A 424 -7.36 14.15 -11.43
N GLN A 425 -7.10 15.32 -10.84
CA GLN A 425 -6.02 15.43 -9.82
C GLN A 425 -6.04 14.31 -8.77
N GLY A 426 -7.20 14.09 -8.16
CA GLY A 426 -7.36 13.05 -7.14
C GLY A 426 -7.10 11.63 -7.63
N PHE A 427 -7.57 11.29 -8.82
CA PHE A 427 -7.31 9.93 -9.36
C PHE A 427 -5.81 9.78 -9.60
N GLY A 428 -5.13 10.90 -9.84
CA GLY A 428 -3.68 10.88 -10.02
C GLY A 428 -2.93 10.43 -8.77
N VAL A 429 -3.40 10.87 -7.59
CA VAL A 429 -2.76 10.49 -6.30
C VAL A 429 -2.93 8.99 -6.12
N ALA A 430 -4.15 8.51 -6.39
CA ALA A 430 -4.50 7.08 -6.29
C ALA A 430 -3.65 6.21 -7.23
N MET A 431 -3.43 6.69 -8.45
CA MET A 431 -2.61 5.94 -9.41
C MET A 431 -1.13 5.93 -9.00
N LYS A 432 -0.71 7.03 -8.37
CA LYS A 432 0.64 7.16 -7.86
C LYS A 432 0.81 6.12 -6.72
N MET A 433 -0.27 5.84 -6.00
CA MET A 433 -0.27 4.82 -4.93
C MET A 433 -0.51 3.40 -5.49
N GLY A 434 -0.53 3.24 -6.81
CA GLY A 434 -0.74 1.91 -7.43
C GLY A 434 -2.16 1.37 -7.39
N ALA A 435 -3.14 2.24 -7.52
CA ALA A 435 -4.54 1.85 -7.50
C ALA A 435 -4.91 0.78 -8.53
N THR A 436 -5.84 -0.08 -8.15
CA THR A 436 -6.36 -1.13 -9.01
C THR A 436 -7.85 -0.90 -9.17
N LYS A 437 -8.46 -1.57 -10.14
CA LYS A 437 -9.92 -1.46 -10.35
C LYS A 437 -10.64 -1.63 -9.02
N ALA A 438 -10.22 -2.60 -8.22
CA ALA A 438 -10.85 -2.84 -6.90
C ALA A 438 -10.73 -1.63 -5.97
N ASP A 439 -9.65 -0.87 -6.08
CA ASP A 439 -9.47 0.34 -5.24
C ASP A 439 -10.48 1.39 -5.68
N PHE A 440 -10.69 1.47 -7.00
CA PHE A 440 -11.68 2.38 -7.56
C PHE A 440 -13.08 1.95 -7.10
N ASP A 441 -13.34 0.63 -7.03
CA ASP A 441 -14.66 0.11 -6.59
C ASP A 441 -14.92 0.30 -5.10
N SER A 442 -13.86 0.43 -4.29
CA SER A 442 -14.02 0.54 -2.83
C SER A 442 -14.61 1.85 -2.35
N VAL A 443 -14.55 2.88 -3.17
CA VAL A 443 -15.10 4.18 -2.78
C VAL A 443 -16.57 4.29 -3.15
N VAL A 444 -17.33 4.97 -2.28
CA VAL A 444 -18.74 5.23 -2.53
C VAL A 444 -18.85 6.42 -3.49
N ALA A 445 -19.70 6.27 -4.50
CA ALA A 445 -19.91 7.31 -5.52
C ALA A 445 -20.53 8.59 -4.95
N ILE A 446 -20.29 9.71 -5.64
CA ILE A 446 -20.88 11.01 -5.30
C ILE A 446 -21.90 11.32 -6.39
N HIS A 447 -23.18 11.39 -6.01
CA HIS A 447 -24.28 11.60 -6.94
C HIS A 447 -24.99 12.92 -6.61
N PRO A 448 -25.34 13.73 -7.62
CA PRO A 448 -25.08 13.47 -9.04
C PRO A 448 -23.90 14.29 -9.56
N THR A 449 -22.90 13.62 -10.11
CA THR A 449 -21.73 14.29 -10.70
C THR A 449 -21.25 13.51 -11.92
N GLY A 450 -20.37 14.12 -12.70
CA GLY A 450 -19.73 13.43 -13.81
C GLY A 450 -18.64 12.48 -13.30
N SER A 451 -17.96 12.88 -12.20
CA SER A 451 -16.85 12.12 -11.61
C SER A 451 -17.18 10.73 -11.08
N GLU A 452 -18.43 10.51 -10.70
CA GLU A 452 -18.84 9.17 -10.25
C GLU A 452 -18.73 8.17 -11.39
N GLU A 453 -18.85 8.62 -12.63
CA GLU A 453 -18.74 7.70 -13.77
C GLU A 453 -17.36 7.03 -13.84
N PHE A 454 -16.36 7.61 -13.19
CA PHE A 454 -15.02 6.98 -13.13
C PHE A 454 -14.94 5.81 -12.14
N VAL A 455 -15.88 5.72 -11.21
CA VAL A 455 -15.84 4.68 -10.17
C VAL A 455 -17.04 3.72 -10.21
N THR A 456 -17.91 3.88 -11.18
CA THR A 456 -19.09 3.01 -11.31
C THR A 456 -19.03 2.11 -12.56
N MET A 457 -17.85 1.91 -13.12
CA MET A 457 -17.72 1.08 -14.32
C MET A 457 -17.71 -0.41 -13.96
N ARG A 458 -18.31 -1.22 -14.83
CA ARG A 458 -18.36 -2.67 -14.68
C ARG A 458 -18.16 -3.27 -16.06
N MET B 8 -53.99 -18.49 -1.42
CA MET B 8 -52.53 -18.60 -1.12
C MET B 8 -51.73 -17.40 -1.60
N ALA B 9 -50.60 -17.17 -0.92
CA ALA B 9 -49.70 -16.06 -1.23
C ALA B 9 -48.82 -16.43 -2.43
N THR B 10 -48.58 -15.46 -3.30
CA THR B 10 -47.71 -15.70 -4.45
C THR B 10 -46.27 -15.74 -3.92
N HIS B 11 -45.49 -16.69 -4.42
CA HIS B 11 -44.14 -16.91 -3.93
C HIS B 11 -43.05 -16.30 -4.82
N PHE B 12 -42.17 -15.53 -4.19
CA PHE B 12 -41.02 -14.94 -4.86
C PHE B 12 -39.76 -15.31 -4.08
N ASP B 13 -38.61 -15.18 -4.74
CA ASP B 13 -37.32 -15.44 -4.11
C ASP B 13 -36.92 -14.22 -3.32
N TYR B 14 -37.42 -13.05 -3.74
CA TYR B 14 -37.06 -11.77 -3.12
C TYR B 14 -38.17 -10.75 -3.31
N ILE B 15 -38.39 -9.96 -2.26
CA ILE B 15 -39.40 -8.92 -2.27
C ILE B 15 -38.76 -7.66 -1.72
N CYS B 16 -38.72 -6.61 -2.54
CA CYS B 16 -38.18 -5.32 -2.13
C CYS B 16 -39.33 -4.36 -2.00
N ILE B 17 -39.50 -3.84 -0.79
CA ILE B 17 -40.56 -2.89 -0.51
C ILE B 17 -39.94 -1.50 -0.65
N GLY B 18 -40.39 -0.77 -1.65
CA GLY B 18 -39.88 0.55 -1.94
C GLY B 18 -39.05 0.48 -3.20
N GLY B 19 -39.47 1.21 -4.23
CA GLY B 19 -38.78 1.22 -5.51
C GLY B 19 -37.96 2.45 -5.72
N GLY B 20 -37.17 2.81 -4.71
CA GLY B 20 -36.29 3.96 -4.79
C GLY B 20 -34.87 3.55 -5.14
N SER B 21 -33.91 4.27 -4.55
CA SER B 21 -32.50 4.01 -4.83
C SER B 21 -32.04 2.63 -4.34
N GLY B 22 -32.39 2.30 -3.10
CA GLY B 22 -32.01 1.02 -2.50
C GLY B 22 -32.80 -0.16 -3.07
N GLY B 23 -34.10 0.03 -3.25
CA GLY B 23 -34.96 -1.01 -3.79
C GLY B 23 -34.62 -1.42 -5.20
N ILE B 24 -34.45 -0.45 -6.09
CA ILE B 24 -34.14 -0.76 -7.49
C ILE B 24 -32.75 -1.38 -7.64
N ALA B 25 -31.75 -0.80 -6.98
CA ALA B 25 -30.39 -1.33 -7.09
C ALA B 25 -30.33 -2.79 -6.66
N SER B 26 -31.04 -3.10 -5.56
CA SER B 26 -31.03 -4.44 -4.99
C SER B 26 -31.85 -5.45 -5.81
N ALA B 27 -33.00 -5.02 -6.31
CA ALA B 27 -33.88 -5.87 -7.12
C ALA B 27 -33.20 -6.28 -8.42
N ASN B 28 -32.66 -5.28 -9.13
CA ASN B 28 -31.96 -5.53 -10.38
C ASN B 28 -30.80 -6.48 -10.21
N ARG B 29 -29.95 -6.19 -9.22
CA ARG B 29 -28.78 -7.02 -8.94
C ARG B 29 -29.15 -8.46 -8.58
N ALA B 30 -30.17 -8.62 -7.76
CA ALA B 30 -30.65 -9.94 -7.38
C ALA B 30 -31.17 -10.69 -8.62
N ALA B 31 -31.87 -9.95 -9.47
CA ALA B 31 -32.45 -10.52 -10.69
C ALA B 31 -31.38 -10.93 -11.69
N MET B 32 -30.25 -10.21 -11.69
CA MET B 32 -29.12 -10.55 -12.56
C MET B 32 -28.61 -11.95 -12.29
N TYR B 33 -28.81 -12.43 -11.05
CA TYR B 33 -28.37 -13.77 -10.64
C TYR B 33 -29.47 -14.85 -10.69
N GLY B 34 -30.59 -14.58 -11.37
CA GLY B 34 -31.67 -15.54 -11.53
C GLY B 34 -32.76 -15.52 -10.48
N ALA B 35 -32.69 -14.59 -9.53
CA ALA B 35 -33.70 -14.50 -8.49
C ALA B 35 -34.98 -13.92 -9.08
N LYS B 36 -36.12 -14.53 -8.75
CA LYS B 36 -37.42 -14.06 -9.20
C LYS B 36 -37.84 -13.00 -8.17
N VAL B 37 -37.79 -11.73 -8.57
CA VAL B 37 -38.01 -10.61 -7.65
C VAL B 37 -39.29 -9.82 -7.85
N ALA B 38 -39.86 -9.36 -6.74
CA ALA B 38 -41.05 -8.52 -6.75
C ALA B 38 -40.59 -7.16 -6.19
N LEU B 39 -40.80 -6.09 -6.98
CA LEU B 39 -40.43 -4.72 -6.60
C LEU B 39 -41.72 -3.93 -6.41
N ILE B 40 -42.06 -3.65 -5.15
CA ILE B 40 -43.30 -2.94 -4.82
C ILE B 40 -43.05 -1.44 -4.59
N GLU B 41 -43.78 -0.61 -5.32
CA GLU B 41 -43.66 0.83 -5.27
C GLU B 41 -45.04 1.47 -5.26
N ALA B 42 -45.26 2.33 -4.26
CA ALA B 42 -46.58 3.00 -4.10
C ALA B 42 -46.77 4.23 -4.98
N GLN B 43 -45.68 4.91 -5.32
CA GLN B 43 -45.75 6.13 -6.12
C GLN B 43 -45.04 6.00 -7.49
N ASP B 44 -43.91 6.70 -7.65
CA ASP B 44 -43.14 6.72 -8.89
C ASP B 44 -41.79 6.05 -8.69
N LEU B 45 -41.37 5.20 -9.63
CA LEU B 45 -40.05 4.52 -9.54
C LEU B 45 -38.91 5.53 -9.47
N GLY B 46 -37.83 5.16 -8.80
CA GLY B 46 -36.67 6.05 -8.64
C GLY B 46 -36.70 6.73 -7.28
N GLY B 47 -37.86 6.78 -6.66
CA GLY B 47 -37.99 7.33 -5.32
C GLY B 47 -37.61 8.78 -5.19
N THR B 48 -37.23 9.15 -3.97
CA THR B 48 -36.84 10.52 -3.66
C THR B 48 -35.79 11.11 -4.60
N CYS B 49 -34.68 10.41 -4.78
CA CYS B 49 -33.58 10.96 -5.60
C CYS B 49 -33.97 11.41 -7.01
N VAL B 50 -34.49 10.47 -7.80
CA VAL B 50 -34.88 10.74 -9.19
C VAL B 50 -36.03 11.74 -9.37
N ASN B 51 -37.10 11.58 -8.59
CA ASN B 51 -38.30 12.40 -8.73
C ASN B 51 -38.32 13.75 -8.02
N VAL B 52 -37.87 13.77 -6.77
CA VAL B 52 -37.95 15.00 -5.95
C VAL B 52 -36.69 15.24 -5.08
N GLY B 53 -35.53 14.86 -5.60
CA GLY B 53 -34.27 15.00 -4.86
C GLY B 53 -33.07 15.38 -5.72
N CYS B 54 -32.04 14.54 -5.68
CA CYS B 54 -30.77 14.77 -6.40
C CYS B 54 -30.91 15.38 -7.79
N VAL B 55 -31.70 14.72 -8.63
CA VAL B 55 -31.88 15.10 -10.04
C VAL B 55 -32.58 16.45 -10.26
N PRO B 56 -33.82 16.61 -9.78
CA PRO B 56 -34.42 17.91 -10.03
C PRO B 56 -33.61 19.04 -9.40
N LYS B 57 -33.01 18.76 -8.23
CA LYS B 57 -32.21 19.74 -7.50
C LYS B 57 -31.02 20.14 -8.33
N LYS B 58 -30.34 19.17 -8.92
CA LYS B 58 -29.13 19.45 -9.72
C LYS B 58 -29.45 20.21 -10.99
N VAL B 59 -30.53 19.83 -11.68
CA VAL B 59 -30.94 20.51 -12.90
C VAL B 59 -31.15 22.00 -12.61
N MET B 60 -31.78 22.29 -11.48
CA MET B 60 -32.02 23.68 -11.12
C MET B 60 -30.76 24.37 -10.61
N TRP B 61 -29.81 23.61 -10.06
CA TRP B 61 -28.53 24.19 -9.64
C TRP B 61 -27.78 24.65 -10.89
N HIS B 62 -27.86 23.89 -11.98
CA HIS B 62 -27.22 24.30 -13.26
C HIS B 62 -27.88 25.56 -13.81
N GLY B 63 -29.19 25.63 -13.73
CA GLY B 63 -29.90 26.83 -14.16
C GLY B 63 -29.35 28.01 -13.40
N ALA B 64 -29.22 27.86 -12.08
CA ALA B 64 -28.71 28.92 -11.21
C ALA B 64 -27.27 29.31 -11.56
N GLN B 65 -26.45 28.33 -11.90
CA GLN B 65 -25.07 28.59 -12.31
C GLN B 65 -25.01 29.40 -13.60
N ILE B 66 -25.91 29.10 -14.55
CA ILE B 66 -25.99 29.84 -15.81
C ILE B 66 -26.38 31.28 -15.54
N ALA B 67 -27.32 31.49 -14.62
CA ALA B 67 -27.75 32.84 -14.23
C ALA B 67 -26.60 33.62 -13.62
N GLU B 68 -25.78 32.96 -12.78
CA GLU B 68 -24.62 33.63 -12.17
C GLU B 68 -23.54 33.97 -13.21
N ALA B 69 -23.41 33.12 -14.22
CA ALA B 69 -22.44 33.36 -15.28
C ALA B 69 -22.84 34.63 -16.04
N MET B 70 -24.14 34.80 -16.25
CA MET B 70 -24.65 35.96 -16.96
C MET B 70 -24.73 37.21 -16.10
N ASN B 71 -25.22 37.09 -14.87
CA ASN B 71 -25.37 38.26 -14.00
C ASN B 71 -24.08 38.78 -13.42
N LEU B 72 -23.26 37.88 -12.91
CA LEU B 72 -22.03 38.28 -12.21
C LEU B 72 -20.76 38.34 -13.02
N TYR B 73 -20.57 37.44 -13.98
CA TYR B 73 -19.28 37.37 -14.68
C TYR B 73 -19.21 37.83 -16.13
N ALA B 74 -20.30 37.68 -16.88
CA ALA B 74 -20.33 37.99 -18.32
C ALA B 74 -19.66 39.30 -18.77
N GLU B 75 -20.05 40.44 -18.20
CA GLU B 75 -19.50 41.72 -18.66
C GLU B 75 -17.98 41.88 -18.45
N ASP B 76 -17.44 41.29 -17.39
CA ASP B 76 -15.99 41.39 -17.14
C ASP B 76 -15.21 40.56 -18.16
N TYR B 77 -15.87 39.56 -18.76
CA TYR B 77 -15.27 38.74 -19.83
C TYR B 77 -15.48 39.37 -21.22
N GLY B 78 -16.18 40.52 -21.25
CA GLY B 78 -16.44 41.26 -22.49
C GLY B 78 -17.81 41.18 -23.12
N PHE B 79 -18.70 40.38 -22.55
CA PHE B 79 -20.04 40.20 -23.14
C PHE B 79 -21.05 41.27 -22.75
N ASP B 80 -21.75 41.78 -23.74
CA ASP B 80 -22.81 42.77 -23.56
C ASP B 80 -24.08 41.91 -23.64
N VAL B 81 -24.63 41.56 -22.49
CA VAL B 81 -25.79 40.66 -22.45
C VAL B 81 -27.02 41.32 -21.88
N ASP B 82 -28.16 40.97 -22.49
CA ASP B 82 -29.45 41.48 -22.09
C ASP B 82 -30.19 40.23 -21.62
N VAL B 83 -30.36 40.11 -20.30
CA VAL B 83 -31.09 38.98 -19.71
C VAL B 83 -32.53 39.47 -19.57
N LYS B 84 -33.29 39.37 -20.67
CA LYS B 84 -34.69 39.83 -20.75
C LYS B 84 -35.65 39.18 -19.75
N GLY B 85 -35.37 37.95 -19.34
CA GLY B 85 -36.23 37.28 -18.38
C GLY B 85 -35.90 35.82 -18.18
N PHE B 86 -36.39 35.29 -17.08
CA PHE B 86 -36.21 33.90 -16.71
C PHE B 86 -37.60 33.30 -16.53
N ASP B 87 -37.87 32.20 -17.26
CA ASP B 87 -39.16 31.54 -17.23
C ASP B 87 -39.06 30.22 -16.44
N TRP B 88 -39.42 30.28 -15.17
CA TRP B 88 -39.37 29.14 -14.28
C TRP B 88 -40.13 27.92 -14.85
N SER B 89 -41.28 28.15 -15.48
CA SER B 89 -42.09 27.04 -16.04
C SER B 89 -41.38 26.25 -17.14
N LYS B 90 -40.53 26.94 -17.90
CA LYS B 90 -39.73 26.31 -18.96
C LYS B 90 -38.68 25.40 -18.31
N LEU B 91 -38.12 25.84 -17.19
CA LEU B 91 -37.14 25.04 -16.45
C LEU B 91 -37.80 23.79 -15.88
N VAL B 92 -39.00 23.93 -15.35
CA VAL B 92 -39.76 22.79 -14.83
C VAL B 92 -40.05 21.81 -15.99
N GLU B 93 -40.47 22.34 -17.13
CA GLU B 93 -40.75 21.53 -18.32
C GLU B 93 -39.54 20.68 -18.71
N SER B 94 -38.36 21.32 -18.80
CA SER B 94 -37.11 20.63 -19.17
C SER B 94 -36.67 19.59 -18.12
N ARG B 95 -36.74 20.01 -16.86
CA ARG B 95 -36.40 19.17 -15.70
C ARG B 95 -37.25 17.89 -15.66
N GLN B 96 -38.56 18.04 -15.80
CA GLN B 96 -39.50 16.90 -15.78
C GLN B 96 -39.42 16.05 -17.04
N ALA B 97 -38.99 16.65 -18.15
CA ALA B 97 -38.82 15.88 -19.39
C ALA B 97 -37.63 14.94 -19.23
N TYR B 98 -36.60 15.42 -18.52
CA TYR B 98 -35.38 14.64 -18.24
C TYR B 98 -35.70 13.51 -17.27
N ILE B 99 -36.41 13.83 -16.21
CA ILE B 99 -36.84 12.83 -15.24
C ILE B 99 -37.66 11.74 -15.93
N GLY B 100 -38.50 12.13 -16.88
CA GLY B 100 -39.32 11.18 -17.64
C GLY B 100 -38.46 10.20 -18.43
N ARG B 101 -37.36 10.69 -19.02
CA ARG B 101 -36.43 9.81 -19.76
C ARG B 101 -35.69 8.83 -18.84
N ILE B 102 -35.48 9.23 -17.59
CA ILE B 102 -34.87 8.34 -16.59
C ILE B 102 -35.87 7.22 -16.26
N HIS B 103 -37.17 7.57 -16.14
CA HIS B 103 -38.23 6.58 -15.90
C HIS B 103 -38.32 5.55 -17.03
N GLN B 104 -38.10 5.97 -18.27
CA GLN B 104 -38.13 5.04 -19.41
C GLN B 104 -36.96 4.07 -19.28
N SER B 105 -35.79 4.57 -18.84
CA SER B 105 -34.62 3.71 -18.63
C SER B 105 -34.87 2.65 -17.58
N TYR B 106 -35.44 3.03 -16.43
CA TYR B 106 -35.73 2.07 -15.38
C TYR B 106 -36.74 1.03 -15.82
N ASP B 107 -37.76 1.44 -16.58
CA ASP B 107 -38.76 0.49 -17.10
C ASP B 107 -38.08 -0.53 -18.03
N ARG B 108 -37.12 -0.04 -18.82
CA ARG B 108 -36.39 -0.88 -19.77
C ARG B 108 -35.47 -1.89 -19.02
N VAL B 109 -34.67 -1.38 -18.09
CA VAL B 109 -33.71 -2.21 -17.30
C VAL B 109 -34.42 -3.24 -16.42
N LEU B 110 -35.38 -2.78 -15.63
CA LEU B 110 -36.17 -3.69 -14.80
C LEU B 110 -36.89 -4.72 -15.69
N GLY B 111 -37.23 -4.30 -16.91
CA GLY B 111 -37.90 -5.16 -17.88
C GLY B 111 -37.03 -6.29 -18.38
N ASN B 112 -35.78 -5.97 -18.71
CA ASN B 112 -34.81 -6.97 -19.19
C ASN B 112 -34.39 -7.96 -18.10
N ASN B 113 -34.40 -7.52 -16.84
CA ASN B 113 -34.06 -8.37 -15.70
C ASN B 113 -35.23 -9.21 -15.20
N LYS B 114 -36.43 -8.95 -15.74
CA LYS B 114 -37.66 -9.69 -15.38
C LYS B 114 -38.10 -9.45 -13.94
N VAL B 115 -37.82 -8.26 -13.43
CA VAL B 115 -38.26 -7.87 -12.08
C VAL B 115 -39.74 -7.54 -12.19
N ASN B 116 -40.59 -8.24 -11.43
CA ASN B 116 -42.02 -7.95 -11.43
C ASN B 116 -42.29 -6.71 -10.59
N VAL B 117 -42.59 -5.62 -11.27
CA VAL B 117 -42.89 -4.37 -10.62
C VAL B 117 -44.37 -4.37 -10.25
N ILE B 118 -44.66 -4.06 -9.00
CA ILE B 118 -46.03 -4.01 -8.51
C ILE B 118 -46.28 -2.59 -8.02
N LYS B 119 -47.36 -2.00 -8.53
CA LYS B 119 -47.76 -0.64 -8.19
C LYS B 119 -48.76 -0.70 -7.03
N GLY B 120 -48.38 -0.12 -5.89
CA GLY B 120 -49.25 -0.12 -4.72
C GLY B 120 -48.49 0.02 -3.43
N PHE B 121 -49.21 0.31 -2.35
CA PHE B 121 -48.65 0.50 -1.02
C PHE B 121 -48.64 -0.83 -0.28
N ALA B 122 -47.45 -1.24 0.16
CA ALA B 122 -47.25 -2.52 0.86
C ALA B 122 -47.32 -2.44 2.38
N LYS B 123 -48.03 -3.39 2.98
CA LYS B 123 -48.11 -3.52 4.43
C LYS B 123 -47.73 -4.96 4.75
N PHE B 124 -47.01 -5.16 5.85
CA PHE B 124 -46.66 -6.51 6.29
C PHE B 124 -47.91 -7.21 6.84
N VAL B 125 -47.94 -8.53 6.60
CA VAL B 125 -48.96 -9.44 7.09
C VAL B 125 -48.31 -10.21 8.25
N ASP B 126 -47.09 -10.67 8.03
CA ASP B 126 -46.27 -11.35 9.05
C ASP B 126 -44.77 -11.30 8.65
N GLU B 127 -43.92 -12.07 9.33
CA GLU B 127 -42.45 -12.11 9.06
C GLU B 127 -42.06 -12.39 7.61
N LYS B 128 -42.89 -13.18 6.93
CA LYS B 128 -42.60 -13.64 5.57
C LYS B 128 -43.60 -13.19 4.52
N THR B 129 -44.59 -12.37 4.88
CA THR B 129 -45.64 -12.00 3.93
C THR B 129 -45.99 -10.50 3.94
N VAL B 130 -46.32 -9.95 2.77
CA VAL B 130 -46.74 -8.55 2.64
C VAL B 130 -47.99 -8.47 1.76
N GLU B 131 -48.86 -7.49 2.02
CA GLU B 131 -50.10 -7.30 1.24
C GLU B 131 -50.06 -6.04 0.41
N VAL B 132 -50.53 -6.15 -0.83
CA VAL B 132 -50.60 -5.04 -1.77
C VAL B 132 -51.82 -5.25 -2.66
N ASN B 133 -52.71 -4.26 -2.70
CA ASN B 133 -53.93 -4.31 -3.53
C ASN B 133 -54.78 -5.55 -3.23
N GLY B 134 -54.81 -5.96 -1.96
CA GLY B 134 -55.58 -7.13 -1.54
C GLY B 134 -54.89 -8.49 -1.67
N GLU B 135 -53.82 -8.58 -2.47
CA GLU B 135 -53.11 -9.84 -2.65
C GLU B 135 -51.89 -9.96 -1.74
N HIS B 136 -51.59 -11.21 -1.38
CA HIS B 136 -50.47 -11.54 -0.50
C HIS B 136 -49.29 -12.07 -1.31
N TYR B 137 -48.09 -11.65 -0.92
CA TYR B 137 -46.87 -12.05 -1.57
C TYR B 137 -45.93 -12.51 -0.49
N THR B 138 -45.24 -13.62 -0.71
CA THR B 138 -44.32 -14.17 0.31
C THR B 138 -42.98 -14.54 -0.32
N ALA B 139 -41.96 -14.56 0.52
CA ALA B 139 -40.60 -14.90 0.10
C ALA B 139 -39.72 -15.10 1.34
N ASP B 140 -38.63 -15.85 1.17
CA ASP B 140 -37.67 -16.09 2.26
C ASP B 140 -36.76 -14.87 2.57
N HIS B 141 -36.71 -13.91 1.64
CA HIS B 141 -35.91 -12.70 1.79
C HIS B 141 -36.76 -11.47 1.43
N ILE B 142 -36.87 -10.53 2.38
CA ILE B 142 -37.66 -9.33 2.19
C ILE B 142 -36.83 -8.13 2.59
N LEU B 143 -36.74 -7.14 1.71
CA LEU B 143 -35.97 -5.93 1.96
C LEU B 143 -36.91 -4.75 2.16
N ILE B 144 -36.76 -4.05 3.29
CA ILE B 144 -37.52 -2.86 3.57
C ILE B 144 -36.65 -1.69 3.14
N ALA B 145 -37.11 -0.93 2.15
CA ALA B 145 -36.39 0.22 1.63
C ALA B 145 -37.38 1.31 1.27
N VAL B 146 -38.24 1.63 2.23
CA VAL B 146 -39.31 2.64 2.07
C VAL B 146 -38.91 4.12 2.17
N GLY B 147 -37.64 4.38 2.48
CA GLY B 147 -37.16 5.75 2.57
C GLY B 147 -37.81 6.60 3.64
N GLY B 148 -37.60 7.92 3.49
CA GLY B 148 -38.10 8.89 4.43
C GLY B 148 -39.20 9.80 3.92
N ARG B 149 -39.44 10.85 4.68
CA ARG B 149 -40.48 11.80 4.37
C ARG B 149 -40.13 13.10 5.08
N PRO B 150 -40.41 14.26 4.45
CA PRO B 150 -40.05 15.52 5.12
C PRO B 150 -40.84 15.77 6.39
N THR B 151 -40.13 16.29 7.40
CA THR B 151 -40.73 16.57 8.70
C THR B 151 -41.36 17.97 8.71
N ILE B 152 -42.62 18.03 9.13
CA ILE B 152 -43.37 19.27 9.23
C ILE B 152 -43.50 19.58 10.73
N PRO B 153 -43.05 20.78 11.17
CA PRO B 153 -43.13 21.08 12.60
C PRO B 153 -44.55 21.34 13.06
N ASN B 154 -44.85 20.99 14.31
CA ASN B 154 -46.17 21.21 14.85
C ASN B 154 -46.26 22.59 15.55
N ILE B 155 -46.54 23.60 14.72
CA ILE B 155 -46.76 24.97 15.20
C ILE B 155 -47.95 25.49 14.41
N PRO B 156 -48.63 26.53 14.93
CA PRO B 156 -49.77 27.04 14.18
C PRO B 156 -49.40 27.56 12.79
N GLY B 157 -50.26 27.28 11.81
CA GLY B 157 -50.04 27.72 10.44
C GLY B 157 -48.93 27.00 9.70
N ALA B 158 -48.46 25.89 10.26
CA ALA B 158 -47.41 25.12 9.64
C ALA B 158 -47.86 24.55 8.29
N GLU B 159 -49.16 24.27 8.17
CA GLU B 159 -49.71 23.71 6.93
C GLU B 159 -49.68 24.67 5.74
N TYR B 160 -49.45 25.96 6.00
CA TYR B 160 -49.35 26.97 4.92
C TYR B 160 -48.00 26.86 4.24
N GLY B 161 -47.04 26.28 4.96
CA GLY B 161 -45.71 26.05 4.40
C GLY B 161 -45.71 24.77 3.56
N ILE B 162 -44.68 24.65 2.75
CA ILE B 162 -44.50 23.49 1.89
C ILE B 162 -43.17 22.86 2.31
N ASP B 163 -42.84 21.72 1.72
CA ASP B 163 -41.56 21.04 2.00
C ASP B 163 -40.83 20.85 0.69
N SER B 164 -39.74 20.09 0.70
CA SER B 164 -38.99 19.86 -0.53
C SER B 164 -39.85 19.36 -1.68
N ASN B 165 -40.84 18.50 -1.39
CA ASN B 165 -41.72 17.99 -2.46
C ASN B 165 -42.51 19.12 -3.09
N GLY B 166 -43.14 19.94 -2.26
CA GLY B 166 -43.94 21.08 -2.72
C GLY B 166 -43.12 22.12 -3.49
N PHE B 167 -41.85 22.23 -3.14
CA PHE B 167 -40.93 23.14 -3.82
C PHE B 167 -40.78 22.74 -5.29
N PHE B 168 -40.61 21.45 -5.56
CA PHE B 168 -40.51 20.97 -6.94
C PHE B 168 -41.87 20.95 -7.65
N ASP B 169 -42.95 21.13 -6.89
CA ASP B 169 -44.30 21.23 -7.49
C ASP B 169 -44.61 22.67 -7.94
N LEU B 170 -43.77 23.64 -7.54
CA LEU B 170 -43.99 25.03 -7.94
C LEU B 170 -43.82 25.18 -9.45
N ALA B 171 -44.85 25.70 -10.12
CA ALA B 171 -44.88 25.92 -11.58
C ALA B 171 -44.51 27.37 -11.98
N GLU B 172 -44.39 28.25 -10.98
CA GLU B 172 -44.03 29.65 -11.17
C GLU B 172 -43.06 30.05 -10.09
N GLN B 173 -42.21 31.01 -10.40
CA GLN B 173 -41.22 31.46 -9.45
C GLN B 173 -41.81 32.36 -8.38
N PRO B 174 -41.67 31.99 -7.12
CA PRO B 174 -42.15 32.88 -6.06
C PRO B 174 -41.18 34.07 -5.91
N LYS B 175 -41.71 35.25 -5.60
CA LYS B 175 -40.90 36.47 -5.44
C LYS B 175 -40.06 36.46 -4.17
N ARG B 176 -40.66 35.99 -3.08
CA ARG B 176 -39.99 35.97 -1.78
C ARG B 176 -40.23 34.63 -1.09
N VAL B 177 -39.17 34.05 -0.53
CA VAL B 177 -39.26 32.75 0.12
C VAL B 177 -38.46 32.71 1.41
N ALA B 178 -39.01 32.00 2.39
CA ALA B 178 -38.37 31.74 3.67
C ALA B 178 -38.04 30.26 3.69
N VAL B 179 -36.76 29.93 3.62
CA VAL B 179 -36.31 28.55 3.70
C VAL B 179 -35.93 28.34 5.16
N VAL B 180 -36.63 27.42 5.83
CA VAL B 180 -36.39 27.14 7.23
C VAL B 180 -35.60 25.85 7.39
N GLY B 181 -34.40 25.96 7.97
CA GLY B 181 -33.54 24.80 8.16
C GLY B 181 -32.07 25.14 8.13
N ALA B 182 -31.26 24.22 8.64
CA ALA B 182 -29.82 24.38 8.71
C ALA B 182 -29.05 23.27 7.99
N GLY B 183 -29.78 22.31 7.39
CA GLY B 183 -29.17 21.16 6.70
C GLY B 183 -28.78 21.46 5.27
N TYR B 184 -28.22 20.47 4.58
CA TYR B 184 -27.80 20.70 3.19
C TYR B 184 -28.99 20.97 2.25
N ILE B 185 -30.17 20.42 2.56
CA ILE B 185 -31.32 20.63 1.67
C ILE B 185 -31.75 22.10 1.71
N ALA B 186 -31.90 22.65 2.91
CA ALA B 186 -32.25 24.07 3.05
C ALA B 186 -31.22 24.94 2.32
N VAL B 187 -29.94 24.66 2.55
CA VAL B 187 -28.84 25.45 1.94
C VAL B 187 -28.86 25.41 0.43
N GLU B 188 -29.04 24.24 -0.16
CA GLU B 188 -29.09 24.12 -1.63
C GLU B 188 -30.27 24.87 -2.24
N ILE B 189 -31.46 24.65 -1.68
CA ILE B 189 -32.67 25.32 -2.16
C ILE B 189 -32.54 26.85 -2.01
N ALA B 190 -32.09 27.32 -0.86
CA ALA B 190 -31.93 28.78 -0.64
C ALA B 190 -30.96 29.40 -1.63
N GLY B 191 -29.85 28.72 -1.89
CA GLY B 191 -28.85 29.21 -2.84
C GLY B 191 -29.36 29.22 -4.27
N VAL B 192 -30.12 28.18 -4.66
CA VAL B 192 -30.71 28.11 -6.01
C VAL B 192 -31.73 29.24 -6.20
N LEU B 193 -32.65 29.38 -5.26
CA LEU B 193 -33.64 30.45 -5.34
C LEU B 193 -32.98 31.83 -5.42
N HIS B 194 -31.98 32.08 -4.56
CA HIS B 194 -31.35 33.39 -4.59
C HIS B 194 -30.72 33.71 -5.94
N ALA B 195 -29.95 32.77 -6.48
CA ALA B 195 -29.29 33.01 -7.77
C ALA B 195 -30.27 33.16 -8.93
N LEU B 196 -31.43 32.48 -8.85
CA LEU B 196 -32.45 32.57 -9.90
C LEU B 196 -33.33 33.85 -9.85
N GLY B 197 -33.08 34.73 -8.88
CA GLY B 197 -33.80 36.02 -8.78
C GLY B 197 -34.88 36.15 -7.72
N THR B 198 -34.91 35.25 -6.75
CA THR B 198 -35.89 35.28 -5.68
C THR B 198 -35.27 35.87 -4.41
N GLU B 199 -36.02 36.73 -3.71
CA GLU B 199 -35.56 37.31 -2.46
C GLU B 199 -35.66 36.14 -1.49
N THR B 200 -34.50 35.66 -1.04
CA THR B 200 -34.45 34.48 -0.20
C THR B 200 -33.93 34.72 1.23
N HIS B 201 -34.64 34.15 2.18
CA HIS B 201 -34.30 34.26 3.59
C HIS B 201 -34.16 32.87 4.20
N LEU B 202 -32.95 32.55 4.66
CA LEU B 202 -32.63 31.27 5.28
C LEU B 202 -32.69 31.40 6.79
N PHE B 203 -33.57 30.62 7.44
CA PHE B 203 -33.74 30.65 8.88
C PHE B 203 -33.20 29.40 9.60
N VAL B 204 -32.14 29.60 10.40
CA VAL B 204 -31.52 28.52 11.17
C VAL B 204 -31.78 28.76 12.65
N ARG B 205 -31.89 27.67 13.41
CA ARG B 205 -32.22 27.73 14.84
C ARG B 205 -31.05 28.12 15.74
N LYS B 206 -29.82 27.85 15.30
CA LYS B 206 -28.65 28.17 16.11
C LYS B 206 -27.66 29.09 15.37
N GLU B 207 -26.38 28.99 15.69
CA GLU B 207 -25.36 29.88 15.12
C GLU B 207 -25.13 29.89 13.60
N SER B 208 -25.41 28.79 12.90
CA SER B 208 -25.16 28.78 11.44
C SER B 208 -25.77 27.58 10.76
N PRO B 209 -25.69 27.53 9.42
CA PRO B 209 -26.17 26.32 8.77
C PRO B 209 -25.03 25.31 8.78
N LEU B 210 -25.30 24.11 8.28
CA LEU B 210 -24.31 23.03 8.16
C LEU B 210 -23.35 22.94 9.34
N ARG B 211 -23.91 22.84 10.54
CA ARG B 211 -23.05 22.86 11.75
C ARG B 211 -22.25 21.58 12.07
N SER B 212 -22.47 20.51 11.29
CA SER B 212 -21.67 19.27 11.44
C SER B 212 -20.44 19.31 10.49
N PHE B 213 -20.37 20.31 9.61
CA PHE B 213 -19.25 20.48 8.69
C PHE B 213 -18.12 21.24 9.38
N ASP B 214 -16.95 21.17 8.78
CA ASP B 214 -15.75 21.81 9.32
C ASP B 214 -15.95 23.35 9.42
N PRO B 215 -15.42 24.00 10.48
CA PRO B 215 -15.54 25.49 10.61
C PRO B 215 -15.08 26.32 9.39
N MET B 216 -14.06 25.85 8.66
CA MET B 216 -13.59 26.53 7.45
C MET B 216 -14.69 26.56 6.40
N ILE B 217 -15.45 25.46 6.29
CA ILE B 217 -16.55 25.37 5.32
C ILE B 217 -17.70 26.24 5.75
N ILE B 218 -18.05 26.19 7.03
CA ILE B 218 -19.12 27.05 7.56
C ILE B 218 -18.77 28.53 7.38
N ASP B 219 -17.64 28.95 7.92
CA ASP B 219 -17.23 30.37 7.86
C ASP B 219 -17.18 30.91 6.43
N THR B 220 -16.76 30.07 5.48
CA THR B 220 -16.70 30.49 4.07
C THR B 220 -18.09 30.64 3.48
N LEU B 221 -18.95 29.65 3.69
CA LEU B 221 -20.33 29.71 3.18
C LEU B 221 -21.05 30.93 3.75
N VAL B 222 -20.92 31.15 5.06
CA VAL B 222 -21.54 32.30 5.72
C VAL B 222 -21.09 33.62 5.09
N GLU B 223 -19.79 33.78 4.89
N GLU B 223 -19.77 33.75 4.89
CA GLU B 223 -19.25 35.02 4.31
CA GLU B 223 -19.17 34.93 4.26
C GLU B 223 -19.63 35.22 2.83
C GLU B 223 -19.70 35.19 2.86
N VAL B 224 -19.78 34.13 2.08
CA VAL B 224 -20.23 34.22 0.66
C VAL B 224 -21.72 34.52 0.57
N MET B 225 -22.52 33.94 1.47
CA MET B 225 -23.96 34.24 1.50
C MET B 225 -24.20 35.72 1.82
N GLU B 226 -23.54 36.19 2.88
CA GLU B 226 -23.61 37.58 3.35
C GLU B 226 -23.37 38.55 2.21
N ALA B 227 -22.36 38.25 1.37
CA ALA B 227 -22.00 39.12 0.25
C ALA B 227 -22.92 38.99 -0.97
N GLU B 228 -23.08 37.78 -1.51
CA GLU B 228 -23.84 37.58 -2.76
C GLU B 228 -24.84 36.42 -2.80
N GLY B 229 -25.32 36.00 -1.62
CA GLY B 229 -26.27 34.88 -1.52
C GLY B 229 -27.52 35.28 -0.77
N PRO B 230 -28.26 34.28 -0.26
CA PRO B 230 -29.47 34.59 0.50
C PRO B 230 -29.16 35.28 1.82
N THR B 231 -30.19 35.81 2.46
CA THR B 231 -30.01 36.50 3.73
C THR B 231 -30.23 35.50 4.88
N LEU B 232 -29.14 35.26 5.61
CA LEU B 232 -29.12 34.33 6.73
C LEU B 232 -29.66 34.91 8.03
N HIS B 233 -30.56 34.17 8.66
CA HIS B 233 -31.15 34.54 9.93
C HIS B 233 -30.78 33.48 10.96
N THR B 234 -29.90 33.84 11.90
CA THR B 234 -29.44 32.94 12.95
C THR B 234 -30.37 33.00 14.15
N HIS B 235 -30.20 32.06 15.08
CA HIS B 235 -30.99 31.97 16.31
C HIS B 235 -32.48 32.24 16.07
N SER B 236 -32.98 31.65 14.99
CA SER B 236 -34.36 31.81 14.53
C SER B 236 -35.18 30.55 14.72
N VAL B 237 -36.02 30.54 15.76
CA VAL B 237 -36.86 29.41 16.10
C VAL B 237 -38.30 29.71 15.67
N PRO B 238 -38.82 28.96 14.67
CA PRO B 238 -40.20 29.21 14.24
C PRO B 238 -41.21 29.08 15.38
N LYS B 239 -42.13 30.03 15.45
CA LYS B 239 -43.16 30.05 16.50
C LYS B 239 -44.54 29.86 15.87
N GLU B 240 -44.75 30.55 14.76
CA GLU B 240 -46.02 30.53 14.07
C GLU B 240 -45.89 31.04 12.65
N VAL B 241 -46.83 30.64 11.80
CA VAL B 241 -46.90 31.10 10.42
C VAL B 241 -48.32 31.64 10.24
N VAL B 242 -48.42 32.95 9.98
CA VAL B 242 -49.71 33.61 9.78
C VAL B 242 -50.02 33.73 8.30
N LYS B 243 -51.28 33.47 7.96
CA LYS B 243 -51.78 33.58 6.60
C LYS B 243 -52.44 34.96 6.49
N GLU B 244 -51.68 35.93 5.98
CA GLU B 244 -52.16 37.32 5.83
C GLU B 244 -53.31 37.43 4.79
N ALA B 245 -54.07 38.50 4.89
CA ALA B 245 -55.22 38.73 4.00
C ALA B 245 -54.86 38.88 2.52
N ASP B 246 -53.66 39.39 2.23
CA ASP B 246 -53.21 39.56 0.83
C ASP B 246 -52.66 38.26 0.17
N GLY B 247 -52.76 37.13 0.87
CA GLY B 247 -52.29 35.83 0.33
C GLY B 247 -50.87 35.43 0.74
N SER B 248 -50.04 36.42 1.07
CA SER B 248 -48.67 36.17 1.50
C SER B 248 -48.62 35.57 2.89
N LEU B 249 -47.46 35.05 3.26
CA LEU B 249 -47.24 34.41 4.56
C LEU B 249 -46.25 35.20 5.40
N THR B 250 -46.54 35.32 6.69
CA THR B 250 -45.63 35.98 7.62
C THR B 250 -45.10 34.90 8.57
N LEU B 251 -43.78 34.75 8.61
CA LEU B 251 -43.16 33.81 9.53
C LEU B 251 -42.88 34.56 10.81
N HIS B 252 -43.30 33.98 11.94
CA HIS B 252 -43.09 34.59 13.27
C HIS B 252 -42.11 33.70 14.04
N LEU B 253 -41.08 34.33 14.61
CA LEU B 253 -40.04 33.63 15.34
C LEU B 253 -40.19 33.85 16.83
N GLU B 254 -39.68 32.91 17.64
CA GLU B 254 -39.78 33.04 19.11
C GLU B 254 -39.08 34.28 19.68
N ASN B 255 -38.02 34.74 19.02
CA ASN B 255 -37.29 35.93 19.46
C ASN B 255 -38.01 37.27 19.16
N GLY B 256 -39.22 37.19 18.57
CA GLY B 256 -40.02 38.38 18.26
C GLY B 256 -39.96 38.88 16.83
N GLU B 257 -38.95 38.47 16.07
CA GLU B 257 -38.81 38.89 14.68
C GLU B 257 -39.82 38.19 13.77
N SER B 258 -39.96 38.75 12.56
CA SER B 258 -40.90 38.22 11.58
C SER B 258 -40.48 38.59 10.17
N GLN B 259 -40.98 37.82 9.20
CA GLN B 259 -40.65 38.04 7.79
C GLN B 259 -41.84 37.71 6.91
N ASN B 260 -42.24 38.66 6.06
CA ASN B 260 -43.35 38.47 5.14
C ASN B 260 -42.78 37.87 3.84
N VAL B 261 -43.29 36.71 3.44
CA VAL B 261 -42.86 36.02 2.22
C VAL B 261 -44.05 35.43 1.45
N ASP B 262 -43.77 34.97 0.23
CA ASP B 262 -44.80 34.39 -0.64
C ASP B 262 -44.94 32.88 -0.48
N GLN B 263 -43.84 32.19 -0.16
CA GLN B 263 -43.85 30.76 0.06
C GLN B 263 -42.88 30.48 1.19
N LEU B 264 -43.18 29.45 1.98
CA LEU B 264 -42.33 29.06 3.10
C LEU B 264 -42.02 27.59 2.92
N ILE B 265 -40.73 27.28 2.93
CA ILE B 265 -40.25 25.91 2.74
C ILE B 265 -39.63 25.34 4.01
N TRP B 266 -40.27 24.28 4.51
CA TRP B 266 -39.78 23.56 5.68
C TRP B 266 -38.74 22.53 5.22
N ALA B 267 -37.52 22.67 5.71
CA ALA B 267 -36.43 21.74 5.45
C ALA B 267 -35.68 21.52 6.77
N ILE B 268 -36.45 21.14 7.79
CA ILE B 268 -35.97 20.92 9.17
C ILE B 268 -35.58 19.47 9.49
N GLY B 269 -35.62 18.60 8.47
CA GLY B 269 -35.27 17.20 8.62
C GLY B 269 -36.25 16.27 7.92
N ARG B 270 -35.91 14.99 7.97
CA ARG B 270 -36.74 13.94 7.38
C ARG B 270 -36.81 12.80 8.38
N HIS B 271 -37.95 12.14 8.44
CA HIS B 271 -38.15 10.99 9.31
C HIS B 271 -38.44 9.76 8.40
N PRO B 272 -38.16 8.56 8.89
CA PRO B 272 -38.39 7.37 8.06
C PRO B 272 -39.86 6.98 7.91
N ALA B 273 -40.23 6.50 6.73
CA ALA B 273 -41.60 6.06 6.46
C ALA B 273 -41.86 4.62 6.91
N THR B 274 -41.45 4.30 8.13
CA THR B 274 -41.56 2.92 8.69
C THR B 274 -42.82 2.61 9.47
N ASP B 275 -43.59 3.63 9.81
CA ASP B 275 -44.84 3.43 10.53
C ASP B 275 -45.90 3.22 9.42
N ALA B 276 -47.08 2.74 9.79
CA ALA B 276 -48.16 2.50 8.79
C ALA B 276 -47.96 1.32 7.78
N ILE B 277 -46.93 0.50 7.97
CA ILE B 277 -46.70 -0.70 7.13
C ILE B 277 -46.82 -1.97 7.99
N ASN B 278 -47.44 -1.82 9.16
CA ASN B 278 -47.67 -2.91 10.10
C ASN B 278 -46.42 -3.74 10.49
N LEU B 279 -45.30 -3.06 10.79
CA LEU B 279 -44.06 -3.74 11.28
C LEU B 279 -44.26 -4.50 12.56
N ALA B 280 -45.22 -4.05 13.38
CA ALA B 280 -45.53 -4.73 14.65
C ALA B 280 -45.98 -6.18 14.49
N SER B 281 -46.20 -6.63 13.25
CA SER B 281 -46.59 -8.05 13.01
C SER B 281 -45.38 -8.91 12.65
N THR B 282 -44.23 -8.27 12.37
CA THR B 282 -43.02 -8.98 11.96
C THR B 282 -42.08 -9.27 13.12
N GLY B 283 -42.16 -8.46 14.16
CA GLY B 283 -41.26 -8.55 15.31
C GLY B 283 -40.05 -7.65 15.13
N VAL B 284 -39.95 -6.97 13.99
CA VAL B 284 -38.81 -6.10 13.70
C VAL B 284 -38.84 -4.86 14.58
N ALA B 285 -37.74 -4.60 15.28
CA ALA B 285 -37.63 -3.45 16.20
C ALA B 285 -37.14 -2.15 15.53
N THR B 286 -37.72 -1.03 15.95
CA THR B 286 -37.33 0.31 15.48
C THR B 286 -36.98 1.17 16.70
N ASN B 287 -36.09 2.15 16.53
CA ASN B 287 -35.72 3.03 17.64
C ASN B 287 -36.79 4.12 17.88
N GLU B 288 -36.48 5.07 18.76
CA GLU B 288 -37.40 6.18 19.10
C GLU B 288 -37.90 6.91 17.85
N LYS B 289 -36.96 7.31 16.99
CA LYS B 289 -37.24 8.03 15.74
C LYS B 289 -37.80 7.22 14.54
N GLY B 290 -37.98 5.90 14.70
CA GLY B 290 -38.54 5.06 13.63
C GLY B 290 -37.57 4.38 12.70
N TYR B 291 -36.26 4.47 13.01
CA TYR B 291 -35.23 3.82 12.20
C TYR B 291 -35.13 2.36 12.59
N ILE B 292 -34.80 1.52 11.61
CA ILE B 292 -34.66 0.08 11.79
C ILE B 292 -33.19 -0.30 12.02
N LYS B 293 -32.93 -1.04 13.08
CA LYS B 293 -31.57 -1.46 13.38
C LYS B 293 -31.24 -2.75 12.60
N VAL B 294 -30.03 -2.77 12.04
CA VAL B 294 -29.54 -3.91 11.27
C VAL B 294 -28.10 -4.23 11.64
N ASP B 295 -27.67 -5.43 11.28
CA ASP B 295 -26.27 -5.83 11.50
C ASP B 295 -25.42 -5.33 10.29
N GLU B 296 -24.13 -5.67 10.27
CA GLU B 296 -23.24 -5.24 9.17
C GLU B 296 -23.68 -5.76 7.78
N TYR B 297 -24.55 -6.78 7.75
CA TYR B 297 -25.03 -7.37 6.50
C TYR B 297 -26.47 -6.96 6.17
N GLN B 298 -26.89 -5.83 6.73
CA GLN B 298 -28.22 -5.23 6.50
C GLN B 298 -29.43 -6.05 6.99
N GLU B 299 -29.19 -7.03 7.84
CA GLU B 299 -30.27 -7.87 8.30
C GLU B 299 -30.78 -7.44 9.68
N THR B 300 -32.10 -7.44 9.84
CA THR B 300 -32.73 -7.09 11.12
C THR B 300 -32.60 -8.26 12.09
N ASN B 301 -33.14 -8.08 13.30
CA ASN B 301 -33.15 -9.14 14.30
C ASN B 301 -34.10 -10.29 13.91
N VAL B 302 -34.85 -10.13 12.81
CA VAL B 302 -35.72 -11.19 12.32
C VAL B 302 -35.10 -11.71 11.04
N LYS B 303 -34.83 -13.02 11.01
CA LYS B 303 -34.19 -13.61 9.84
C LYS B 303 -35.12 -13.51 8.63
N GLY B 304 -34.54 -13.14 7.49
CA GLY B 304 -35.28 -12.98 6.23
C GLY B 304 -35.77 -11.56 5.94
N ILE B 305 -35.65 -10.66 6.94
CA ILE B 305 -36.05 -9.28 6.79
C ILE B 305 -34.80 -8.41 6.86
N TYR B 306 -34.59 -7.66 5.78
CA TYR B 306 -33.43 -6.78 5.64
C TYR B 306 -33.85 -5.32 5.49
N CYS B 307 -32.87 -4.44 5.48
CA CYS B 307 -33.14 -3.03 5.36
C CYS B 307 -31.92 -2.22 4.93
N VAL B 308 -32.11 -1.35 3.93
CA VAL B 308 -31.05 -0.46 3.47
C VAL B 308 -31.62 0.93 3.22
N GLY B 309 -30.73 1.90 3.07
CA GLY B 309 -31.13 3.25 2.75
C GLY B 309 -31.35 4.16 3.93
N ASP B 310 -32.17 5.19 3.72
CA ASP B 310 -32.46 6.22 4.71
C ASP B 310 -33.11 5.78 6.01
N ILE B 311 -33.83 4.65 6.00
CA ILE B 311 -34.50 4.15 7.24
C ILE B 311 -33.58 3.33 8.17
N MET B 312 -32.34 3.08 7.74
CA MET B 312 -31.38 2.29 8.49
C MET B 312 -30.86 3.06 9.69
N GLU B 313 -30.90 2.44 10.89
CA GLU B 313 -30.34 3.12 12.08
C GLU B 313 -28.83 3.26 11.87
N GLY B 314 -28.30 4.45 12.10
CA GLY B 314 -26.85 4.69 11.93
C GLY B 314 -26.35 4.65 10.48
N GLY B 315 -27.27 4.69 9.51
CA GLY B 315 -26.93 4.71 8.09
C GLY B 315 -26.60 6.11 7.61
N ILE B 316 -26.40 6.25 6.30
CA ILE B 316 -26.04 7.51 5.68
C ILE B 316 -27.07 7.81 4.61
N GLU B 317 -27.77 8.93 4.76
CA GLU B 317 -28.86 9.31 3.84
C GLU B 317 -28.42 9.92 2.50
N LEU B 318 -27.75 9.09 1.69
CA LEU B 318 -27.30 9.45 0.34
C LEU B 318 -27.68 8.30 -0.61
N THR B 319 -28.00 8.63 -1.85
CA THR B 319 -28.40 7.61 -2.85
C THR B 319 -27.36 6.53 -3.11
N PRO B 320 -26.10 6.90 -3.34
CA PRO B 320 -25.07 5.89 -3.59
C PRO B 320 -24.91 4.91 -2.41
N VAL B 321 -25.17 5.37 -1.19
CA VAL B 321 -25.09 4.51 -0.02
C VAL B 321 -26.22 3.48 -0.08
N ALA B 322 -27.43 3.89 -0.42
CA ALA B 322 -28.55 2.94 -0.56
C ALA B 322 -28.26 1.97 -1.70
N VAL B 323 -27.80 2.51 -2.81
CA VAL B 323 -27.51 1.72 -4.01
C VAL B 323 -26.50 0.63 -3.74
N LYS B 324 -25.38 0.99 -3.12
CA LYS B 324 -24.33 -0.01 -2.87
C LYS B 324 -24.73 -1.01 -1.80
N ALA B 325 -25.35 -0.53 -0.72
CA ALA B 325 -25.79 -1.44 0.32
C ALA B 325 -26.80 -2.47 -0.25
N GLY B 326 -27.66 -2.04 -1.18
CA GLY B 326 -28.64 -2.93 -1.82
C GLY B 326 -27.96 -3.91 -2.77
N ARG B 327 -26.92 -3.43 -3.46
CA ARG B 327 -26.17 -4.27 -4.39
C ARG B 327 -25.36 -5.34 -3.67
N GLN B 328 -24.73 -4.97 -2.57
CA GLN B 328 -23.92 -5.90 -1.80
C GLN B 328 -24.77 -6.91 -1.06
N LEU B 329 -25.96 -6.48 -0.66
CA LEU B 329 -26.90 -7.40 -0.01
C LEU B 329 -27.31 -8.48 -1.04
N SER B 330 -27.53 -8.09 -2.28
CA SER B 330 -27.90 -9.06 -3.34
C SER B 330 -26.71 -9.93 -3.75
N GLU B 331 -25.48 -9.39 -3.69
CA GLU B 331 -24.28 -10.20 -4.00
C GLU B 331 -24.19 -11.31 -2.97
N ARG B 332 -24.47 -10.97 -1.72
CA ARG B 332 -24.42 -11.95 -0.62
C ARG B 332 -25.53 -13.01 -0.71
N LEU B 333 -26.77 -12.56 -0.76
CA LEU B 333 -27.89 -13.48 -0.79
C LEU B 333 -28.04 -14.34 -2.07
N PHE B 334 -27.81 -13.74 -3.24
CA PHE B 334 -28.04 -14.42 -4.52
C PHE B 334 -26.83 -14.76 -5.40
N ASN B 335 -25.64 -14.29 -5.02
CA ASN B 335 -24.40 -14.67 -5.75
C ASN B 335 -23.41 -15.36 -4.78
N ASN B 336 -23.98 -15.95 -3.72
N ASN B 336 -23.95 -15.91 -3.69
CA ASN B 336 -23.24 -16.60 -2.59
CA ASN B 336 -23.16 -16.66 -2.70
C ASN B 336 -21.87 -16.02 -2.25
C ASN B 336 -21.83 -16.01 -2.28
N LYS B 337 -21.88 -14.80 -1.73
CA LYS B 337 -20.68 -14.09 -1.28
C LYS B 337 -20.97 -13.64 0.14
N PRO B 338 -20.85 -14.58 1.11
CA PRO B 338 -21.17 -14.32 2.53
C PRO B 338 -20.43 -13.15 3.19
N ASN B 339 -19.30 -12.74 2.63
CA ASN B 339 -18.54 -11.62 3.20
C ASN B 339 -18.90 -10.28 2.55
N ALA B 340 -19.74 -10.28 1.52
CA ALA B 340 -20.12 -9.04 0.84
C ALA B 340 -20.95 -8.16 1.78
N LYS B 341 -20.58 -6.90 1.84
CA LYS B 341 -21.24 -5.95 2.71
C LYS B 341 -20.90 -4.53 2.26
N MET B 342 -21.53 -3.56 2.93
CA MET B 342 -21.31 -2.15 2.66
C MET B 342 -20.30 -1.58 3.67
N ASP B 343 -19.37 -0.76 3.18
CA ASP B 343 -18.39 -0.07 4.02
C ASP B 343 -18.86 1.37 4.23
N TYR B 344 -19.36 1.67 5.42
CA TYR B 344 -19.85 3.02 5.74
C TYR B 344 -18.77 4.06 6.08
N ASP B 345 -17.49 3.69 6.09
CA ASP B 345 -16.42 4.64 6.38
C ASP B 345 -15.97 5.42 5.13
N LEU B 346 -15.49 6.64 5.36
CA LEU B 346 -14.97 7.53 4.31
C LEU B 346 -15.87 7.70 3.09
N VAL B 347 -17.15 7.95 3.33
CA VAL B 347 -18.12 8.17 2.26
C VAL B 347 -18.06 9.66 1.89
N PRO B 348 -17.82 9.98 0.60
CA PRO B 348 -17.73 11.40 0.24
C PRO B 348 -19.08 12.07 0.12
N THR B 349 -19.13 13.35 0.50
CA THR B 349 -20.36 14.15 0.41
C THR B 349 -20.13 15.45 -0.36
N VAL B 350 -21.14 15.83 -1.13
CA VAL B 350 -21.13 17.09 -1.87
C VAL B 350 -22.45 17.81 -1.65
N VAL B 351 -22.36 19.09 -1.32
CA VAL B 351 -23.52 19.94 -1.13
C VAL B 351 -23.51 20.91 -2.31
N PHE B 352 -24.64 21.02 -2.99
CA PHE B 352 -24.71 21.91 -4.15
C PHE B 352 -25.19 23.29 -3.76
N SER B 353 -24.42 23.88 -2.87
CA SER B 353 -24.64 25.23 -2.42
C SER B 353 -23.96 26.16 -3.43
N HIS B 354 -24.07 27.45 -3.17
CA HIS B 354 -23.44 28.49 -3.97
C HIS B 354 -22.44 29.19 -3.06
N PRO B 355 -21.14 28.86 -3.12
CA PRO B 355 -20.55 27.84 -4.02
C PRO B 355 -20.61 26.41 -3.43
N PRO B 356 -20.43 25.37 -4.28
CA PRO B 356 -20.51 23.95 -3.84
C PRO B 356 -19.45 23.50 -2.83
N ILE B 357 -19.83 22.55 -1.98
CA ILE B 357 -18.96 22.00 -0.94
C ILE B 357 -18.67 20.52 -1.19
N GLY B 358 -17.42 20.12 -0.92
CA GLY B 358 -16.97 18.73 -1.03
C GLY B 358 -16.29 18.34 0.28
N THR B 359 -16.66 17.19 0.84
CA THR B 359 -16.07 16.71 2.09
C THR B 359 -16.02 15.20 2.23
N ILE B 360 -14.95 14.74 2.88
CA ILE B 360 -14.72 13.33 3.16
C ILE B 360 -14.05 13.22 4.51
N GLY B 361 -14.53 12.29 5.32
CA GLY B 361 -13.92 12.06 6.61
C GLY B 361 -14.09 13.09 7.70
N LEU B 362 -13.13 13.10 8.60
CA LEU B 362 -13.25 13.92 9.82
C LEU B 362 -12.99 15.38 9.68
N THR B 363 -13.75 16.14 10.46
CA THR B 363 -13.56 17.58 10.59
C THR B 363 -12.34 17.82 11.46
N THR B 364 -11.86 19.05 11.49
CA THR B 364 -10.70 19.38 12.31
C THR B 364 -10.93 18.96 13.77
N GLN B 365 -12.09 19.28 14.34
CA GLN B 365 -12.37 18.96 15.76
C GLN B 365 -12.57 17.49 16.02
N GLU B 366 -13.21 16.78 15.09
CA GLU B 366 -13.41 15.33 15.24
C GLU B 366 -12.08 14.61 15.31
N ALA B 367 -11.14 15.05 14.47
CA ALA B 367 -9.80 14.47 14.46
C ALA B 367 -9.07 14.78 15.76
N GLU B 368 -9.30 15.97 16.34
CA GLU B 368 -8.67 16.29 17.63
C GLU B 368 -9.21 15.38 18.74
N GLU B 369 -10.53 15.14 18.76
CA GLU B 369 -11.11 14.25 19.80
C GLU B 369 -10.63 12.81 19.67
N LYS B 370 -10.58 12.31 18.44
CA LYS B 370 -10.16 10.93 18.20
C LYS B 370 -8.67 10.70 18.38
N TYR B 371 -7.83 11.49 17.72
CA TYR B 371 -6.37 11.30 17.77
C TYR B 371 -5.61 12.12 18.81
N GLY B 372 -6.20 13.22 19.26
CA GLY B 372 -5.55 14.12 20.23
C GLY B 372 -4.97 15.35 19.54
N LYS B 373 -5.32 16.54 20.05
CA LYS B 373 -4.85 17.86 19.54
C LYS B 373 -3.38 17.87 19.03
N ASP B 374 -2.47 17.34 19.86
CA ASP B 374 -1.04 17.33 19.55
C ASP B 374 -0.59 16.39 18.42
N ASN B 375 -1.43 15.43 18.05
CA ASN B 375 -1.06 14.44 17.05
C ASN B 375 -1.67 14.68 15.67
N ILE B 376 -2.36 15.80 15.48
CA ILE B 376 -2.91 16.11 14.16
C ILE B 376 -2.26 17.37 13.57
N LYS B 377 -2.20 17.39 12.25
CA LYS B 377 -1.64 18.50 11.49
C LYS B 377 -2.67 18.88 10.47
N VAL B 378 -2.97 20.17 10.39
CA VAL B 378 -3.93 20.70 9.43
C VAL B 378 -3.23 21.51 8.32
N TYR B 379 -3.53 21.17 7.06
CA TYR B 379 -3.01 21.94 5.90
C TYR B 379 -4.21 22.61 5.27
N THR B 380 -4.00 23.81 4.71
CA THR B 380 -5.06 24.61 4.10
C THR B 380 -4.56 25.41 2.93
N SER B 381 -5.46 25.70 1.99
CA SER B 381 -5.14 26.56 0.87
C SER B 381 -6.31 27.51 0.68
N GLY B 382 -6.00 28.81 0.64
CA GLY B 382 -6.98 29.88 0.40
C GLY B 382 -6.63 30.55 -0.93
N PHE B 383 -7.56 30.54 -1.88
CA PHE B 383 -7.30 31.14 -3.20
C PHE B 383 -8.61 31.59 -3.85
N THR B 384 -8.46 32.32 -4.96
CA THR B 384 -9.60 32.79 -5.74
C THR B 384 -9.53 32.02 -7.07
N ALA B 385 -10.62 31.34 -7.44
CA ALA B 385 -10.62 30.59 -8.70
C ALA B 385 -10.43 31.57 -9.82
N MET B 386 -9.60 31.20 -10.78
CA MET B 386 -9.31 32.07 -11.92
C MET B 386 -10.61 32.54 -12.61
N TYR B 387 -11.61 31.67 -12.68
CA TYR B 387 -12.92 31.98 -13.27
C TYR B 387 -13.52 33.26 -12.72
N THR B 388 -13.38 33.50 -11.41
CA THR B 388 -13.92 34.72 -10.81
C THR B 388 -12.87 35.79 -10.49
N ALA B 389 -11.58 35.46 -10.52
CA ALA B 389 -10.52 36.47 -10.19
C ALA B 389 -10.38 37.59 -11.24
N VAL B 390 -10.83 37.33 -12.46
CA VAL B 390 -10.79 38.32 -13.53
C VAL B 390 -12.03 39.20 -13.52
N THR B 391 -12.93 39.00 -12.55
CA THR B 391 -14.18 39.76 -12.48
C THR B 391 -14.24 40.69 -11.27
N LYS B 392 -15.34 41.44 -11.18
CA LYS B 392 -15.60 42.34 -10.07
C LYS B 392 -16.39 41.60 -8.99
N HIS B 393 -16.58 40.30 -9.18
CA HIS B 393 -17.26 39.46 -8.20
C HIS B 393 -16.34 38.27 -7.80
N ARG B 394 -15.20 38.60 -7.21
CA ARG B 394 -14.23 37.60 -6.75
C ARG B 394 -14.90 36.73 -5.70
N GLN B 395 -14.69 35.41 -5.82
CA GLN B 395 -15.28 34.42 -4.91
C GLN B 395 -14.15 33.58 -4.27
N PRO B 396 -14.11 33.52 -2.93
CA PRO B 396 -13.04 32.74 -2.33
C PRO B 396 -13.29 31.23 -2.40
N CYS B 397 -12.18 30.47 -2.44
CA CYS B 397 -12.19 29.02 -2.39
C CYS B 397 -11.28 28.67 -1.23
N LYS B 398 -11.72 27.71 -0.42
CA LYS B 398 -10.96 27.20 0.71
C LYS B 398 -10.89 25.68 0.68
N MET B 399 -9.70 25.14 0.93
CA MET B 399 -9.48 23.70 0.98
C MET B 399 -8.64 23.36 2.20
N LYS B 400 -8.91 22.19 2.78
CA LYS B 400 -8.21 21.72 3.96
C LYS B 400 -8.01 20.21 3.96
N LEU B 401 -6.83 19.82 4.42
CA LEU B 401 -6.47 18.42 4.62
C LEU B 401 -6.18 18.28 6.12
N VAL B 402 -6.89 17.34 6.76
CA VAL B 402 -6.69 17.07 8.17
C VAL B 402 -5.93 15.76 8.27
N CYS B 403 -4.73 15.84 8.84
CA CYS B 403 -3.85 14.71 8.97
C CYS B 403 -3.62 14.28 10.41
N ALA B 404 -3.44 12.98 10.58
CA ALA B 404 -3.23 12.36 11.87
C ALA B 404 -2.02 11.41 11.83
N GLY B 405 -1.37 11.23 12.98
CA GLY B 405 -0.24 10.33 13.11
C GLY B 405 1.05 10.94 12.59
N GLU B 406 2.17 10.27 12.87
CA GLU B 406 3.47 10.76 12.41
C GLU B 406 3.56 10.60 10.86
N GLU B 407 2.84 9.61 10.32
CA GLU B 407 2.77 9.38 8.86
C GLU B 407 1.91 10.43 8.15
N GLU B 408 1.06 11.13 8.91
CA GLU B 408 0.15 12.16 8.40
C GLU B 408 -0.87 11.56 7.43
N THR B 409 -1.66 10.61 7.95
CA THR B 409 -2.71 9.99 7.19
C THR B 409 -3.79 11.06 7.04
N VAL B 410 -4.24 11.28 5.81
CA VAL B 410 -5.27 12.27 5.52
C VAL B 410 -6.60 11.67 5.93
N VAL B 411 -7.03 12.01 7.15
CA VAL B 411 -8.28 11.52 7.73
C VAL B 411 -9.48 12.39 7.43
N GLY B 412 -9.23 13.57 6.85
CA GLY B 412 -10.26 14.51 6.50
C GLY B 412 -9.84 15.40 5.33
N LEU B 413 -10.78 15.64 4.43
CA LEU B 413 -10.57 16.48 3.26
C LEU B 413 -11.81 17.36 3.13
N HIS B 414 -11.58 18.66 2.94
CA HIS B 414 -12.68 19.63 2.89
C HIS B 414 -12.40 20.66 1.84
N GLY B 415 -13.44 21.06 1.13
CA GLY B 415 -13.33 22.03 0.05
C GLY B 415 -14.62 22.77 -0.17
N ILE B 416 -14.49 23.97 -0.75
CA ILE B 416 -15.61 24.84 -1.07
C ILE B 416 -15.12 25.80 -2.12
N GLY B 417 -15.83 25.86 -3.22
CA GLY B 417 -15.43 26.72 -4.32
C GLY B 417 -15.89 26.18 -5.64
N PHE B 418 -15.70 27.00 -6.67
CA PHE B 418 -16.08 26.66 -8.02
C PHE B 418 -15.46 25.31 -8.44
N THR B 419 -16.32 24.42 -8.96
CA THR B 419 -15.96 23.07 -9.43
C THR B 419 -15.48 22.04 -8.36
N VAL B 420 -15.41 22.45 -7.10
CA VAL B 420 -15.03 21.52 -6.02
C VAL B 420 -15.92 20.26 -6.06
N ASP B 421 -17.17 20.44 -6.47
CA ASP B 421 -18.11 19.30 -6.59
C ASP B 421 -17.55 18.12 -7.41
N GLU B 422 -16.77 18.41 -8.45
CA GLU B 422 -16.23 17.38 -9.30
C GLU B 422 -14.82 16.93 -8.97
N MET B 423 -14.16 17.60 -8.04
CA MET B 423 -12.78 17.24 -7.79
C MET B 423 -12.49 16.26 -6.66
N ILE B 424 -13.50 15.84 -5.89
CA ILE B 424 -13.20 14.95 -4.74
C ILE B 424 -13.37 13.43 -4.92
N GLN B 425 -14.15 12.96 -5.90
CA GLN B 425 -14.33 11.50 -6.11
C GLN B 425 -12.97 10.76 -6.13
N GLY B 426 -12.01 11.29 -6.88
CA GLY B 426 -10.68 10.71 -7.00
C GLY B 426 -9.90 10.71 -5.71
N PHE B 427 -9.95 11.79 -4.93
CA PHE B 427 -9.27 11.81 -3.63
C PHE B 427 -9.93 10.79 -2.72
N GLY B 428 -11.22 10.53 -2.93
CA GLY B 428 -11.94 9.49 -2.18
C GLY B 428 -11.31 8.12 -2.37
N VAL B 429 -10.83 7.83 -3.58
CA VAL B 429 -10.16 6.56 -3.86
C VAL B 429 -8.88 6.50 -3.03
N ALA B 430 -8.06 7.53 -3.18
CA ALA B 430 -6.79 7.64 -2.43
C ALA B 430 -6.97 7.50 -0.91
N MET B 431 -7.99 8.13 -0.35
CA MET B 431 -8.21 7.99 1.11
C MET B 431 -8.66 6.57 1.51
N LYS B 432 -9.39 5.90 0.62
CA LYS B 432 -9.75 4.50 0.86
C LYS B 432 -8.50 3.60 0.85
N MET B 433 -7.49 4.01 0.09
CA MET B 433 -6.22 3.30 0.01
C MET B 433 -5.26 3.70 1.16
N GLY B 434 -5.71 4.58 2.06
CA GLY B 434 -4.91 5.00 3.22
C GLY B 434 -3.91 6.10 2.93
N ALA B 435 -4.28 7.04 2.05
CA ALA B 435 -3.37 8.11 1.63
C ALA B 435 -2.84 9.00 2.75
N THR B 436 -1.54 9.29 2.69
CA THR B 436 -0.88 10.18 3.65
C THR B 436 -0.58 11.48 2.93
N LYS B 437 -0.13 12.50 3.66
CA LYS B 437 0.24 13.77 3.03
C LYS B 437 1.28 13.51 1.92
N ALA B 438 2.28 12.66 2.21
CA ALA B 438 3.32 12.33 1.21
C ALA B 438 2.74 11.69 -0.08
N ASP B 439 1.59 10.98 0.01
CA ASP B 439 0.94 10.42 -1.19
C ASP B 439 0.39 11.56 -2.03
N PHE B 440 -0.25 12.54 -1.36
CA PHE B 440 -0.73 13.76 -2.02
C PHE B 440 0.43 14.53 -2.67
N ASP B 441 1.58 14.62 -1.98
CA ASP B 441 2.76 15.30 -2.52
C ASP B 441 3.37 14.57 -3.70
N SER B 442 3.24 13.24 -3.77
CA SER B 442 3.90 12.44 -4.84
C SER B 442 3.32 12.63 -6.24
N VAL B 443 2.16 13.27 -6.35
CA VAL B 443 1.58 13.47 -7.67
C VAL B 443 2.01 14.85 -8.15
N VAL B 444 2.06 15.00 -9.45
CA VAL B 444 2.39 16.27 -10.04
C VAL B 444 1.07 16.98 -10.31
N ALA B 445 1.04 18.25 -9.89
CA ALA B 445 -0.13 19.10 -10.09
C ALA B 445 -0.55 19.26 -11.56
N ILE B 446 -1.82 19.60 -11.75
CA ILE B 446 -2.38 19.93 -13.06
C ILE B 446 -2.67 21.43 -12.98
N HIS B 447 -2.11 22.15 -13.95
CA HIS B 447 -2.20 23.59 -13.97
C HIS B 447 -2.68 24.08 -15.32
N PRO B 448 -3.59 25.07 -15.35
CA PRO B 448 -4.19 25.69 -14.16
C PRO B 448 -5.58 25.11 -13.90
N THR B 449 -5.78 24.63 -12.68
CA THR B 449 -7.06 24.07 -12.23
C THR B 449 -7.25 24.50 -10.79
N GLY B 450 -8.46 24.27 -10.27
CA GLY B 450 -8.68 24.52 -8.84
C GLY B 450 -8.15 23.31 -8.05
N SER B 451 -8.26 22.12 -8.65
CA SER B 451 -7.87 20.85 -8.03
C SER B 451 -6.43 20.75 -7.58
N GLU B 452 -5.52 21.43 -8.27
CA GLU B 452 -4.11 21.38 -7.88
C GLU B 452 -3.85 21.96 -6.52
N GLU B 453 -4.80 22.72 -5.99
CA GLU B 453 -4.65 23.34 -4.69
C GLU B 453 -4.72 22.29 -3.58
N PHE B 454 -5.31 21.12 -3.87
CA PHE B 454 -5.36 20.05 -2.86
C PHE B 454 -4.03 19.34 -2.68
N VAL B 455 -3.15 19.45 -3.66
CA VAL B 455 -1.89 18.72 -3.65
C VAL B 455 -0.65 19.60 -3.60
N THR B 456 -0.83 20.92 -3.55
CA THR B 456 0.32 21.84 -3.45
C THR B 456 0.45 22.52 -2.07
N MET B 457 -0.21 22.00 -1.03
CA MET B 457 -0.14 22.60 0.29
C MET B 457 1.16 22.22 0.99
N ARG B 458 1.71 23.17 1.73
CA ARG B 458 2.94 22.99 2.51
C ARG B 458 2.70 23.46 3.94
N MET C 8 -5.02 6.34 55.50
CA MET C 8 -4.18 7.40 54.88
C MET C 8 -3.37 6.81 53.74
N ALA C 9 -4.06 6.54 52.64
CA ALA C 9 -3.50 5.90 51.47
C ALA C 9 -2.37 6.68 50.78
N THR C 10 -1.29 5.98 50.42
CA THR C 10 -0.20 6.58 49.67
C THR C 10 -0.78 6.76 48.26
N HIS C 11 -0.63 7.96 47.69
N HIS C 11 -0.62 7.97 47.70
CA HIS C 11 -1.22 8.26 46.38
CA HIS C 11 -1.16 8.33 46.39
C HIS C 11 -0.19 8.09 45.25
C HIS C 11 -0.17 8.09 45.25
N PHE C 12 -0.61 7.35 44.22
CA PHE C 12 0.21 7.11 43.03
C PHE C 12 -0.61 7.57 41.83
N ASP C 13 0.06 7.78 40.70
CA ASP C 13 -0.61 8.15 39.47
C ASP C 13 -1.12 6.86 38.85
N TYR C 14 -0.39 5.77 39.05
CA TYR C 14 -0.72 4.49 38.43
C TYR C 14 -0.31 3.29 39.28
N ILE C 15 -1.26 2.40 39.50
CA ILE C 15 -1.03 1.17 40.26
C ILE C 15 -1.23 -0.02 39.32
N CYS C 16 -0.18 -0.82 39.17
CA CYS C 16 -0.21 -2.04 38.35
C CYS C 16 -0.21 -3.27 39.25
N ILE C 17 -1.30 -4.02 39.24
CA ILE C 17 -1.45 -5.21 40.07
C ILE C 17 -1.05 -6.41 39.23
N GLY C 18 0.10 -6.98 39.54
CA GLY C 18 0.64 -8.12 38.83
C GLY C 18 1.90 -7.69 38.10
N GLY C 19 3.03 -8.30 38.44
CA GLY C 19 4.32 -7.93 37.86
C GLY C 19 4.71 -8.89 36.76
N GLY C 20 3.74 -9.28 35.95
CA GLY C 20 3.98 -10.21 34.86
C GLY C 20 4.20 -9.44 33.58
N SER C 21 3.94 -10.11 32.47
CA SER C 21 4.11 -9.55 31.13
C SER C 21 3.38 -8.21 30.93
N GLY C 22 2.12 -8.13 31.32
CA GLY C 22 1.33 -6.92 31.16
C GLY C 22 1.68 -5.84 32.17
N GLY C 23 1.88 -6.23 33.42
CA GLY C 23 2.19 -5.28 34.51
C GLY C 23 3.47 -4.53 34.30
N ILE C 24 4.54 -5.28 34.12
CA ILE C 24 5.85 -4.69 33.88
C ILE C 24 5.84 -3.81 32.63
N ALA C 25 5.28 -4.30 31.53
CA ALA C 25 5.28 -3.54 30.28
C ALA C 25 4.60 -2.19 30.45
N SER C 26 3.45 -2.19 31.12
CA SER C 26 2.68 -0.97 31.31
C SER C 26 3.35 -0.04 32.34
N ALA C 27 3.86 -0.62 33.42
CA ALA C 27 4.50 0.18 34.49
C ALA C 27 5.73 0.96 33.97
N ASN C 28 6.59 0.25 33.25
CA ASN C 28 7.78 0.86 32.66
C ASN C 28 7.40 1.97 31.68
N ARG C 29 6.49 1.66 30.76
CA ARG C 29 6.08 2.65 29.75
C ARG C 29 5.42 3.89 30.36
N ALA C 30 4.53 3.68 31.33
CA ALA C 30 3.88 4.80 32.00
C ALA C 30 4.93 5.62 32.76
N ALA C 31 5.86 4.95 33.44
CA ALA C 31 6.93 5.63 34.17
C ALA C 31 7.89 6.36 33.24
N MET C 32 8.05 5.83 32.02
CA MET C 32 8.92 6.43 31.02
C MET C 32 8.37 7.80 30.62
N TYR C 33 7.05 7.98 30.75
CA TYR C 33 6.40 9.24 30.46
C TYR C 33 6.11 10.11 31.69
N GLY C 34 6.80 9.85 32.80
CA GLY C 34 6.67 10.69 34.00
C GLY C 34 5.71 10.26 35.07
N ALA C 35 4.99 9.16 34.86
CA ALA C 35 4.04 8.70 35.88
C ALA C 35 4.74 8.09 37.10
N LYS C 36 4.20 8.37 38.28
CA LYS C 36 4.67 7.84 39.56
C LYS C 36 3.89 6.54 39.66
N VAL C 37 4.55 5.43 39.34
CA VAL C 37 3.90 4.12 39.25
C VAL C 37 4.29 3.13 40.34
N ALA C 38 3.28 2.52 40.98
CA ALA C 38 3.50 1.46 41.97
C ALA C 38 3.24 0.12 41.27
N LEU C 39 4.27 -0.75 41.21
CA LEU C 39 4.15 -2.10 40.61
C LEU C 39 4.08 -3.14 41.71
N ILE C 40 2.93 -3.80 41.86
CA ILE C 40 2.74 -4.77 42.94
C ILE C 40 2.83 -6.23 42.45
N GLU C 41 3.73 -6.99 43.08
CA GLU C 41 3.98 -8.40 42.72
C GLU C 41 4.06 -9.29 43.98
N ALA C 42 3.35 -10.41 43.94
CA ALA C 42 3.32 -11.35 45.06
C ALA C 42 4.53 -12.29 45.05
N GLN C 43 4.78 -12.91 43.91
CA GLN C 43 5.86 -13.90 43.77
C GLN C 43 7.15 -13.31 43.14
N ASP C 44 7.41 -13.61 41.88
CA ASP C 44 8.61 -13.17 41.17
C ASP C 44 8.26 -12.33 39.96
N LEU C 45 9.07 -11.33 39.68
CA LEU C 45 8.86 -10.48 38.50
C LEU C 45 8.92 -11.31 37.24
N GLY C 46 8.14 -10.92 36.23
CA GLY C 46 8.11 -11.64 34.95
C GLY C 46 6.96 -12.63 34.85
N GLY C 47 6.26 -12.81 35.96
CA GLY C 47 5.11 -13.70 36.00
C GLY C 47 5.29 -15.09 35.46
N THR C 48 4.21 -15.60 34.90
CA THR C 48 4.17 -16.94 34.33
C THR C 48 5.22 -17.14 33.24
N CYS C 49 5.32 -16.20 32.32
CA CYS C 49 6.24 -16.35 31.19
C CYS C 49 7.69 -16.62 31.60
N VAL C 50 8.25 -15.70 32.36
CA VAL C 50 9.64 -15.81 32.78
C VAL C 50 9.92 -16.96 33.74
N ASN C 51 9.04 -17.16 34.72
CA ASN C 51 9.29 -18.13 35.76
C ASN C 51 8.81 -19.57 35.54
N VAL C 52 7.65 -19.74 34.92
CA VAL C 52 7.06 -21.08 34.77
C VAL C 52 6.29 -21.23 33.46
N GLY C 53 6.81 -20.59 32.41
CA GLY C 53 6.16 -20.60 31.11
C GLY C 53 7.14 -20.54 29.96
N CYS C 54 6.99 -19.52 29.10
CA CYS C 54 7.81 -19.34 27.89
C CYS C 54 9.29 -19.71 28.02
N VAL C 55 9.95 -19.04 28.97
CA VAL C 55 11.39 -19.15 29.18
C VAL C 55 11.85 -20.54 29.55
N PRO C 56 11.43 -21.04 30.74
CA PRO C 56 11.90 -22.38 31.08
C PRO C 56 11.48 -23.44 30.08
N LYS C 57 10.33 -23.27 29.46
CA LYS C 57 9.84 -24.23 28.46
C LYS C 57 10.77 -24.28 27.27
N LYS C 58 11.18 -23.11 26.79
CA LYS C 58 12.04 -23.00 25.62
C LYS C 58 13.45 -23.54 25.92
N VAL C 59 14.00 -23.22 27.10
CA VAL C 59 15.33 -23.72 27.50
C VAL C 59 15.37 -25.23 27.36
N MET C 60 14.30 -25.90 27.79
CA MET C 60 14.22 -27.35 27.72
C MET C 60 13.91 -27.85 26.31
N TRP C 61 13.23 -27.06 25.50
CA TRP C 61 12.98 -27.44 24.12
C TRP C 61 14.35 -27.55 23.44
N HIS C 62 15.21 -26.56 23.70
CA HIS C 62 16.57 -26.53 23.14
C HIS C 62 17.37 -27.74 23.58
N GLY C 63 17.17 -28.17 24.82
CA GLY C 63 17.85 -29.36 25.32
C GLY C 63 17.39 -30.57 24.51
N ALA C 64 16.08 -30.64 24.26
CA ALA C 64 15.46 -31.75 23.51
C ALA C 64 15.93 -31.80 22.06
N GLN C 65 16.17 -30.63 21.48
CA GLN C 65 16.64 -30.51 20.11
C GLN C 65 18.07 -31.05 20.01
N ILE C 66 18.90 -30.72 21.00
CA ILE C 66 20.28 -31.20 21.09
C ILE C 66 20.26 -32.74 21.20
N ALA C 67 19.38 -33.26 22.07
CA ALA C 67 19.24 -34.72 22.23
C ALA C 67 18.89 -35.37 20.91
N GLU C 68 17.95 -34.77 20.17
CA GLU C 68 17.56 -35.30 18.87
C GLU C 68 18.65 -35.20 17.84
N ALA C 69 19.49 -34.16 17.94
CA ALA C 69 20.58 -34.01 16.99
C ALA C 69 21.56 -35.17 17.15
N MET C 70 21.87 -35.51 18.41
CA MET C 70 22.79 -36.61 18.72
C MET C 70 22.17 -37.98 18.46
N ASN C 71 20.93 -38.19 18.91
CA ASN C 71 20.27 -39.49 18.80
C ASN C 71 19.74 -39.89 17.43
N LEU C 72 19.30 -38.93 16.63
CA LEU C 72 18.68 -39.23 15.35
C LEU C 72 19.51 -38.89 14.13
N TYR C 73 20.26 -37.81 14.18
CA TYR C 73 20.94 -37.33 12.97
C TYR C 73 22.46 -37.48 12.90
N ALA C 74 23.12 -37.20 14.03
CA ALA C 74 24.58 -37.22 14.13
C ALA C 74 25.29 -38.37 13.42
N GLU C 75 24.76 -39.58 13.56
CA GLU C 75 25.36 -40.77 12.95
C GLU C 75 25.43 -40.67 11.43
N ASP C 76 24.35 -40.25 10.79
CA ASP C 76 24.32 -40.14 9.33
C ASP C 76 25.17 -38.98 8.76
N TYR C 77 25.56 -38.04 9.63
CA TYR C 77 26.46 -36.93 9.26
C TYR C 77 27.95 -37.31 9.48
N GLY C 78 28.20 -38.56 9.88
CA GLY C 78 29.56 -39.08 10.08
C GLY C 78 30.09 -39.09 11.51
N PHE C 79 29.29 -38.68 12.48
CA PHE C 79 29.74 -38.66 13.89
C PHE C 79 29.59 -40.02 14.59
N ASP C 80 30.55 -40.30 15.48
CA ASP C 80 30.60 -41.51 16.29
C ASP C 80 30.39 -40.99 17.72
N VAL C 81 29.13 -40.89 18.11
CA VAL C 81 28.76 -40.33 19.40
C VAL C 81 28.15 -41.33 20.38
N ASP C 82 28.58 -41.25 21.63
CA ASP C 82 28.03 -42.05 22.71
C ASP C 82 27.47 -41.03 23.73
N VAL C 83 26.15 -41.10 23.93
CA VAL C 83 25.48 -40.24 24.88
C VAL C 83 25.40 -41.07 26.16
N LYS C 84 26.46 -40.96 26.98
CA LYS C 84 26.53 -41.73 28.23
C LYS C 84 25.31 -41.52 29.12
N GLY C 85 24.84 -40.27 29.21
CA GLY C 85 23.66 -39.98 30.01
C GLY C 85 23.21 -38.54 29.87
N PHE C 86 22.07 -38.25 30.48
CA PHE C 86 21.49 -36.92 30.52
C PHE C 86 21.14 -36.60 31.96
N ASP C 87 21.68 -35.48 32.45
CA ASP C 87 21.50 -35.04 33.83
C ASP C 87 20.41 -33.93 33.90
N TRP C 88 19.20 -34.33 34.26
CA TRP C 88 18.06 -33.40 34.36
C TRP C 88 18.29 -32.24 35.31
N SER C 89 18.91 -32.49 36.46
CA SER C 89 19.16 -31.43 37.46
C SER C 89 20.17 -30.38 36.98
N LYS C 90 21.06 -30.76 36.07
CA LYS C 90 22.04 -29.83 35.48
C LYS C 90 21.28 -28.90 34.55
N LEU C 91 20.35 -29.46 33.78
CA LEU C 91 19.51 -28.68 32.88
C LEU C 91 18.68 -27.68 33.70
N VAL C 92 18.10 -28.15 34.80
CA VAL C 92 17.34 -27.28 35.72
C VAL C 92 18.26 -26.17 36.30
N GLU C 93 19.46 -26.55 36.72
CA GLU C 93 20.42 -25.59 37.27
C GLU C 93 20.69 -24.42 36.30
N SER C 94 21.00 -24.76 35.05
CA SER C 94 21.26 -23.74 34.02
C SER C 94 20.03 -22.86 33.73
N ARG C 95 18.87 -23.50 33.68
CA ARG C 95 17.60 -22.84 33.39
C ARG C 95 17.22 -21.80 34.46
N GLN C 96 17.37 -22.18 35.72
CA GLN C 96 17.08 -21.28 36.84
C GLN C 96 18.16 -20.19 36.96
N ALA C 97 19.36 -20.49 36.49
CA ALA C 97 20.45 -19.50 36.49
C ALA C 97 20.14 -18.41 35.47
N TYR C 98 19.60 -18.81 34.32
CA TYR C 98 19.22 -17.90 33.26
C TYR C 98 18.09 -17.01 33.75
N ILE C 99 17.05 -17.64 34.29
CA ILE C 99 15.88 -16.95 34.85
C ILE C 99 16.32 -15.90 35.89
N GLY C 100 17.27 -16.27 36.76
CA GLY C 100 17.80 -15.35 37.77
C GLY C 100 18.41 -14.10 37.16
N ARG C 101 19.11 -14.26 36.04
CA ARG C 101 19.72 -13.12 35.33
C ARG C 101 18.65 -12.21 34.73
N ILE C 102 17.53 -12.80 34.29
CA ILE C 102 16.40 -12.03 33.76
C ILE C 102 15.87 -11.14 34.91
N HIS C 103 15.80 -11.70 36.13
CA HIS C 103 15.34 -10.92 37.30
C HIS C 103 16.26 -9.72 37.50
N GLN C 104 17.55 -9.90 37.27
CA GLN C 104 18.52 -8.79 37.41
C GLN C 104 18.22 -7.70 36.37
N SER C 105 17.89 -8.11 35.14
CA SER C 105 17.56 -7.14 34.07
C SER C 105 16.38 -6.29 34.45
N TYR C 106 15.27 -6.95 34.79
CA TYR C 106 14.05 -6.25 35.19
C TYR C 106 14.28 -5.26 36.34
N ASP C 107 15.03 -5.67 37.38
CA ASP C 107 15.32 -4.78 38.52
C ASP C 107 16.07 -3.52 38.11
N ARG C 108 16.98 -3.67 37.15
CA ARG C 108 17.76 -2.55 36.64
C ARG C 108 16.85 -1.63 35.83
N VAL C 109 16.11 -2.22 34.87
CA VAL C 109 15.20 -1.47 33.99
C VAL C 109 14.13 -0.74 34.80
N LEU C 110 13.50 -1.46 35.73
CA LEU C 110 12.47 -0.89 36.60
C LEU C 110 13.05 0.19 37.48
N GLY C 111 14.26 -0.03 37.99
CA GLY C 111 14.94 0.94 38.81
C GLY C 111 15.29 2.20 38.03
N ASN C 112 15.70 2.04 36.77
CA ASN C 112 16.07 3.19 35.92
C ASN C 112 14.86 4.04 35.57
N ASN C 113 13.74 3.39 35.23
CA ASN C 113 12.48 4.10 34.93
C ASN C 113 11.83 4.66 36.21
N LYS C 114 12.40 4.33 37.36
CA LYS C 114 11.98 4.82 38.67
C LYS C 114 10.59 4.31 39.10
N VAL C 115 10.26 3.08 38.67
CA VAL C 115 8.99 2.44 39.07
C VAL C 115 9.14 1.92 40.51
N ASN C 116 8.11 2.08 41.34
CA ASN C 116 8.15 1.57 42.71
C ASN C 116 7.63 0.14 42.74
N VAL C 117 8.54 -0.79 43.03
CA VAL C 117 8.22 -2.21 43.09
C VAL C 117 7.91 -2.62 44.54
N ILE C 118 6.68 -3.06 44.77
CA ILE C 118 6.22 -3.51 46.08
C ILE C 118 6.01 -5.02 45.98
N LYS C 119 6.65 -5.76 46.88
CA LYS C 119 6.54 -7.22 46.96
C LYS C 119 5.42 -7.58 47.93
N GLY C 120 4.35 -8.19 47.42
CA GLY C 120 3.24 -8.58 48.28
C GLY C 120 1.98 -8.87 47.50
N PHE C 121 1.05 -9.57 48.14
CA PHE C 121 -0.23 -9.94 47.53
C PHE C 121 -1.21 -8.81 47.76
N ALA C 122 -1.75 -8.27 46.67
CA ALA C 122 -2.66 -7.13 46.72
C ALA C 122 -4.14 -7.47 46.58
N LYS C 123 -4.96 -6.79 47.37
CA LYS C 123 -6.42 -6.92 47.32
C LYS C 123 -7.05 -5.54 47.26
N PHE C 124 -8.21 -5.44 46.63
CA PHE C 124 -8.93 -4.17 46.56
C PHE C 124 -9.65 -3.90 47.89
N VAL C 125 -9.74 -2.62 48.25
CA VAL C 125 -10.46 -2.18 49.44
C VAL C 125 -11.75 -1.55 48.94
N ASP C 126 -11.61 -0.72 47.89
CA ASP C 126 -12.74 -0.06 47.22
C ASP C 126 -12.36 0.18 45.73
N GLU C 127 -13.12 1.01 45.02
CA GLU C 127 -12.91 1.22 43.56
C GLU C 127 -11.61 1.92 43.15
N LYS C 128 -10.93 2.53 44.11
CA LYS C 128 -9.71 3.28 43.85
C LYS C 128 -8.63 3.06 44.90
N THR C 129 -8.81 2.06 45.76
CA THR C 129 -7.86 1.76 46.84
C THR C 129 -7.42 0.29 46.81
N VAL C 130 -6.14 0.07 47.06
CA VAL C 130 -5.54 -1.25 47.06
C VAL C 130 -4.78 -1.47 48.39
N GLU C 131 -4.84 -2.69 48.91
CA GLU C 131 -4.17 -3.09 50.16
C GLU C 131 -3.04 -4.08 49.88
N VAL C 132 -1.87 -3.84 50.48
CA VAL C 132 -0.71 -4.71 50.36
C VAL C 132 0.13 -4.52 51.61
N ASN C 133 0.49 -5.63 52.27
CA ASN C 133 1.33 -5.60 53.48
C ASN C 133 0.81 -4.65 54.55
N GLY C 134 -0.52 -4.54 54.65
CA GLY C 134 -1.16 -3.70 55.65
C GLY C 134 -1.34 -2.24 55.29
N GLU C 135 -0.67 -1.76 54.24
CA GLU C 135 -0.80 -0.37 53.83
C GLU C 135 -1.75 -0.22 52.64
N HIS C 136 -2.38 0.94 52.56
CA HIS C 136 -3.33 1.27 51.52
C HIS C 136 -2.68 2.17 50.47
N TYR C 137 -3.04 1.93 49.21
CA TYR C 137 -2.53 2.68 48.06
C TYR C 137 -3.68 3.03 47.15
N THR C 138 -3.70 4.27 46.68
CA THR C 138 -4.77 4.75 45.80
C THR C 138 -4.20 5.47 44.58
N ALA C 139 -4.98 5.51 43.50
CA ALA C 139 -4.58 6.18 42.26
C ALA C 139 -5.78 6.39 41.33
N ASP C 140 -5.63 7.31 40.38
CA ASP C 140 -6.67 7.57 39.38
C ASP C 140 -6.72 6.48 38.31
N HIS C 141 -5.64 5.72 38.19
CA HIS C 141 -5.54 4.66 37.21
C HIS C 141 -5.00 3.42 37.89
N ILE C 142 -5.70 2.31 37.70
CA ILE C 142 -5.34 1.02 38.30
C ILE C 142 -5.45 -0.08 37.25
N LEU C 143 -4.36 -0.82 37.06
CA LEU C 143 -4.33 -1.90 36.08
C LEU C 143 -4.40 -3.22 36.78
N ILE C 144 -5.28 -4.10 36.32
CA ILE C 144 -5.39 -5.44 36.85
C ILE C 144 -4.80 -6.38 35.80
N ALA C 145 -3.69 -7.02 36.17
CA ALA C 145 -3.01 -7.97 35.30
C ALA C 145 -2.40 -9.03 36.18
N VAL C 146 -3.27 -9.68 36.94
CA VAL C 146 -2.87 -10.74 37.87
C VAL C 146 -2.69 -12.12 37.21
N GLY C 147 -3.01 -12.20 35.92
CA GLY C 147 -2.83 -13.46 35.19
C GLY C 147 -3.73 -14.58 35.69
N GLY C 148 -3.38 -15.80 35.32
CA GLY C 148 -4.15 -16.99 35.69
C GLY C 148 -3.32 -18.09 36.33
N ARG C 149 -3.95 -19.25 36.49
CA ARG C 149 -3.33 -20.42 37.08
C ARG C 149 -3.87 -21.68 36.39
N PRO C 150 -3.21 -22.84 36.57
CA PRO C 150 -3.68 -24.06 35.90
C PRO C 150 -4.95 -24.66 36.50
N THR C 151 -5.77 -25.27 35.64
CA THR C 151 -7.01 -25.88 36.08
C THR C 151 -6.77 -27.36 36.43
N ILE C 152 -7.21 -27.74 37.63
CA ILE C 152 -7.10 -29.10 38.15
C ILE C 152 -8.51 -29.68 38.08
N PRO C 153 -8.70 -30.80 37.35
CA PRO C 153 -10.04 -31.36 37.21
C PRO C 153 -10.61 -31.89 38.52
N ASN C 154 -11.94 -31.88 38.63
CA ASN C 154 -12.60 -32.39 39.83
C ASN C 154 -12.90 -33.89 39.69
N ILE C 155 -11.87 -34.72 39.99
CA ILE C 155 -11.97 -36.19 39.96
C ILE C 155 -11.11 -36.80 41.10
N PRO C 156 -11.46 -38.02 41.55
CA PRO C 156 -10.67 -38.66 42.62
C PRO C 156 -9.20 -38.90 42.25
N GLY C 157 -8.31 -38.49 43.17
CA GLY C 157 -6.87 -38.64 42.96
C GLY C 157 -6.24 -37.59 42.06
N ALA C 158 -6.99 -36.52 41.78
CA ALA C 158 -6.48 -35.43 40.94
C ALA C 158 -5.30 -34.76 41.64
N GLU C 159 -5.34 -34.76 42.97
CA GLU C 159 -4.26 -34.18 43.78
C GLU C 159 -2.89 -34.88 43.61
N TYR C 160 -2.88 -36.13 43.13
CA TYR C 160 -1.63 -36.86 42.91
C TYR C 160 -0.90 -36.35 41.66
N GLY C 161 -1.64 -35.73 40.75
CA GLY C 161 -1.05 -35.15 39.55
C GLY C 161 -0.45 -33.78 39.85
N ILE C 162 0.28 -33.27 38.87
CA ILE C 162 0.90 -31.95 38.96
C ILE C 162 0.50 -31.15 37.73
N ASP C 163 0.71 -29.84 37.80
CA ASP C 163 0.40 -28.95 36.67
C ASP C 163 1.71 -28.47 36.05
N SER C 164 1.63 -27.50 35.15
CA SER C 164 2.83 -26.97 34.50
C SER C 164 3.84 -26.38 35.51
N ASN C 165 3.36 -25.76 36.58
CA ASN C 165 4.26 -25.20 37.62
C ASN C 165 5.01 -26.32 38.34
N GLY C 166 4.31 -27.44 38.55
CA GLY C 166 4.90 -28.63 39.17
C GLY C 166 5.92 -29.30 38.27
N PHE C 167 5.65 -29.30 36.96
CA PHE C 167 6.56 -29.86 35.95
C PHE C 167 7.92 -29.19 36.02
N PHE C 168 7.95 -27.85 36.18
CA PHE C 168 9.20 -27.12 36.29
C PHE C 168 9.83 -27.23 37.71
N ASP C 169 9.05 -27.70 38.68
CA ASP C 169 9.59 -27.94 40.04
C ASP C 169 10.38 -29.26 40.07
N LEU C 170 10.11 -30.15 39.11
CA LEU C 170 10.79 -31.44 39.05
C LEU C 170 12.31 -31.29 39.07
N ALA C 171 12.96 -31.91 40.06
CA ALA C 171 14.42 -31.87 40.21
C ALA C 171 15.09 -33.07 39.52
N GLU C 172 14.32 -34.12 39.25
CA GLU C 172 14.81 -35.34 38.60
C GLU C 172 13.88 -35.75 37.47
N GLN C 173 14.44 -36.43 36.48
CA GLN C 173 13.67 -36.86 35.33
C GLN C 173 12.81 -38.07 35.64
N PRO C 174 11.49 -37.96 35.41
CA PRO C 174 10.62 -39.11 35.61
C PRO C 174 10.75 -40.07 34.43
N LYS C 175 10.68 -41.37 34.69
CA LYS C 175 10.85 -42.36 33.63
C LYS C 175 9.63 -42.48 32.73
N ARG C 176 8.44 -42.31 33.31
CA ARG C 176 7.19 -42.42 32.56
C ARG C 176 6.26 -41.30 32.97
N VAL C 177 5.57 -40.70 32.01
CA VAL C 177 4.65 -39.59 32.26
C VAL C 177 3.39 -39.64 31.41
N ALA C 178 2.29 -39.24 32.03
CA ALA C 178 1.01 -39.13 31.37
C ALA C 178 0.74 -37.64 31.27
N VAL C 179 0.67 -37.12 30.05
CA VAL C 179 0.40 -35.71 29.81
C VAL C 179 -1.04 -35.64 29.37
N VAL C 180 -1.88 -35.02 30.21
CA VAL C 180 -3.31 -34.90 29.95
C VAL C 180 -3.66 -33.48 29.50
N GLY C 181 -4.17 -33.37 28.29
CA GLY C 181 -4.52 -32.09 27.69
C GLY C 181 -4.33 -32.11 26.18
N ALA C 182 -4.98 -31.17 25.50
CA ALA C 182 -4.94 -31.10 24.03
C ALA C 182 -4.41 -29.78 23.48
N GLY C 183 -4.15 -28.82 24.37
CA GLY C 183 -3.65 -27.51 23.97
C GLY C 183 -2.17 -27.53 23.69
N TYR C 184 -1.62 -26.36 23.42
CA TYR C 184 -0.21 -26.24 23.09
C TYR C 184 0.70 -26.57 24.27
N ILE C 185 0.23 -26.34 25.49
CA ILE C 185 1.07 -26.61 26.67
C ILE C 185 1.30 -28.10 26.82
N ALA C 186 0.23 -28.87 26.74
CA ALA C 186 0.35 -30.33 26.83
C ALA C 186 1.26 -30.87 25.71
N VAL C 187 1.08 -30.38 24.49
CA VAL C 187 1.87 -30.85 23.33
C VAL C 187 3.35 -30.52 23.43
N GLU C 188 3.67 -29.34 23.95
CA GLU C 188 5.07 -28.93 24.12
C GLU C 188 5.79 -29.77 25.19
N ILE C 189 5.14 -29.96 26.34
CA ILE C 189 5.72 -30.75 27.43
C ILE C 189 5.84 -32.23 27.02
N ALA C 190 4.87 -32.74 26.27
CA ALA C 190 4.91 -34.13 25.78
C ALA C 190 6.08 -34.37 24.81
N GLY C 191 6.25 -33.48 23.86
CA GLY C 191 7.34 -33.58 22.89
C GLY C 191 8.72 -33.43 23.53
N VAL C 192 8.83 -32.55 24.52
CA VAL C 192 10.12 -32.31 25.22
C VAL C 192 10.52 -33.55 26.03
N LEU C 193 9.59 -34.04 26.85
CA LEU C 193 9.83 -35.24 27.65
C LEU C 193 10.23 -36.42 26.77
N HIS C 194 9.49 -36.66 25.68
CA HIS C 194 9.79 -37.80 24.81
C HIS C 194 11.18 -37.70 24.21
N ALA C 195 11.51 -36.54 23.67
CA ALA C 195 12.82 -36.34 23.06
C ALA C 195 13.96 -36.46 24.09
N LEU C 196 13.67 -36.13 25.36
CA LEU C 196 14.66 -36.22 26.44
C LEU C 196 14.78 -37.65 27.03
N GLY C 197 14.08 -38.62 26.44
CA GLY C 197 14.18 -40.03 26.86
C GLY C 197 13.09 -40.60 27.77
N THR C 198 12.10 -39.79 28.14
CA THR C 198 11.02 -40.23 29.01
C THR C 198 9.92 -40.97 28.21
N GLU C 199 9.38 -42.06 28.77
CA GLU C 199 8.30 -42.80 28.12
C GLU C 199 7.10 -41.88 28.31
N THR C 200 6.68 -41.20 27.24
CA THR C 200 5.61 -40.22 27.35
C THR C 200 4.32 -40.59 26.63
N HIS C 201 3.20 -40.39 27.35
CA HIS C 201 1.85 -40.66 26.84
C HIS C 201 1.01 -39.38 26.88
N LEU C 202 0.38 -39.02 25.76
CA LEU C 202 -0.46 -37.81 25.64
C LEU C 202 -1.93 -38.20 25.54
N PHE C 203 -2.72 -37.74 26.50
CA PHE C 203 -4.14 -38.07 26.54
C PHE C 203 -5.02 -36.87 26.20
N VAL C 204 -5.78 -37.00 25.10
CA VAL C 204 -6.70 -35.95 24.64
C VAL C 204 -8.12 -36.48 24.69
N ARG C 205 -9.07 -35.58 24.94
CA ARG C 205 -10.48 -35.95 25.10
C ARG C 205 -11.27 -36.31 23.85
N LYS C 206 -10.87 -35.80 22.68
CA LYS C 206 -11.62 -36.05 21.43
C LYS C 206 -10.72 -36.57 20.29
N GLU C 207 -10.97 -36.16 19.04
CA GLU C 207 -10.25 -36.72 17.88
C GLU C 207 -8.75 -36.48 17.75
N SER C 208 -8.25 -35.38 18.32
CA SER C 208 -6.84 -35.06 18.18
C SER C 208 -6.41 -33.92 19.11
N PRO C 209 -5.11 -33.56 19.08
CA PRO C 209 -4.70 -32.40 19.85
C PRO C 209 -4.74 -31.19 18.93
N LEU C 210 -4.58 -29.99 19.51
CA LEU C 210 -4.58 -28.74 18.74
C LEU C 210 -5.74 -28.70 17.75
N ARG C 211 -6.95 -28.97 18.26
CA ARG C 211 -8.14 -29.06 17.37
C ARG C 211 -8.60 -27.74 16.71
N SER C 212 -8.08 -26.59 17.17
CA SER C 212 -8.38 -25.27 16.57
C SER C 212 -7.40 -24.92 15.45
N PHE C 213 -6.36 -25.74 15.25
CA PHE C 213 -5.37 -25.52 14.22
C PHE C 213 -5.83 -26.08 12.87
N ASP C 214 -5.13 -25.68 11.81
CA ASP C 214 -5.47 -26.10 10.48
C ASP C 214 -5.23 -27.61 10.37
N PRO C 215 -6.13 -28.36 9.68
CA PRO C 215 -6.01 -29.81 9.47
C PRO C 215 -4.63 -30.28 9.00
N MET C 216 -3.99 -29.52 8.13
CA MET C 216 -2.66 -29.88 7.65
C MET C 216 -1.71 -30.02 8.83
N ILE C 217 -1.77 -29.05 9.74
CA ILE C 217 -0.94 -29.06 10.93
C ILE C 217 -1.34 -30.15 11.91
N ILE C 218 -2.62 -30.45 12.02
CA ILE C 218 -3.04 -31.52 12.93
C ILE C 218 -2.53 -32.84 12.38
N ASP C 219 -2.88 -33.14 11.13
CA ASP C 219 -2.47 -34.41 10.51
C ASP C 219 -0.97 -34.64 10.55
N THR C 220 -0.17 -33.58 10.29
CA THR C 220 1.29 -33.71 10.30
C THR C 220 1.84 -33.91 11.73
N LEU C 221 1.22 -33.28 12.72
CA LEU C 221 1.67 -33.46 14.11
C LEU C 221 1.39 -34.88 14.59
N VAL C 222 0.19 -35.37 14.28
CA VAL C 222 -0.23 -36.73 14.64
C VAL C 222 0.66 -37.79 13.97
N GLU C 223 0.98 -37.61 12.69
CA GLU C 223 1.82 -38.56 11.94
C GLU C 223 3.26 -38.60 12.47
N VAL C 224 3.80 -37.43 12.83
CA VAL C 224 5.17 -37.38 13.37
C VAL C 224 5.19 -37.96 14.79
N MET C 225 4.13 -37.76 15.56
CA MET C 225 4.07 -38.34 16.91
C MET C 225 4.05 -39.88 16.91
N GLU C 226 3.30 -40.47 16.00
CA GLU C 226 3.18 -41.92 15.91
C GLU C 226 4.49 -42.59 15.46
N ALA C 227 5.22 -41.95 14.56
CA ALA C 227 6.47 -42.53 14.02
C ALA C 227 7.71 -42.32 14.90
N GLU C 228 7.85 -41.14 15.50
CA GLU C 228 9.04 -40.84 16.32
C GLU C 228 8.76 -39.87 17.47
N GLY C 229 7.60 -40.00 18.10
CA GLY C 229 7.22 -39.09 19.19
C GLY C 229 6.45 -39.73 20.32
N PRO C 230 5.82 -38.90 21.18
CA PRO C 230 5.03 -39.47 22.28
C PRO C 230 3.83 -40.29 21.78
N THR C 231 3.35 -41.19 22.63
CA THR C 231 2.22 -42.05 22.29
C THR C 231 0.91 -41.27 22.53
N LEU C 232 0.17 -41.04 21.45
CA LEU C 232 -1.11 -40.32 21.52
C LEU C 232 -2.30 -41.23 21.81
N HIS C 233 -3.11 -40.82 22.78
CA HIS C 233 -4.33 -41.54 23.18
C HIS C 233 -5.50 -40.60 22.97
N THR C 234 -6.41 -40.98 22.07
CA THR C 234 -7.59 -40.18 21.71
C THR C 234 -8.85 -40.61 22.43
N HIS C 235 -9.85 -39.73 22.45
CA HIS C 235 -11.13 -40.03 23.08
C HIS C 235 -10.91 -40.55 24.52
N SER C 236 -9.96 -39.91 25.20
CA SER C 236 -9.53 -40.25 26.53
C SER C 236 -9.96 -39.22 27.59
N VAL C 237 -11.05 -39.52 28.29
CA VAL C 237 -11.62 -38.68 29.33
C VAL C 237 -11.18 -39.18 30.70
N PRO C 238 -10.36 -38.41 31.45
CA PRO C 238 -9.91 -38.85 32.79
C PRO C 238 -11.04 -39.11 33.79
N LYS C 239 -11.09 -40.31 34.35
CA LYS C 239 -12.13 -40.70 35.30
C LYS C 239 -11.63 -40.71 36.74
N GLU C 240 -10.43 -41.23 36.93
CA GLU C 240 -9.84 -41.36 38.25
C GLU C 240 -8.33 -41.54 38.14
N VAL C 241 -7.64 -41.24 39.24
CA VAL C 241 -6.20 -41.42 39.34
C VAL C 241 -5.94 -42.17 40.66
N VAL C 242 -5.33 -43.36 40.57
CA VAL C 242 -5.03 -44.19 41.75
C VAL C 242 -3.53 -44.19 42.05
N LYS C 243 -3.19 -44.03 43.33
CA LYS C 243 -1.80 -44.07 43.78
C LYS C 243 -1.52 -45.48 44.25
N GLU C 244 -0.70 -46.20 43.49
CA GLU C 244 -0.37 -47.60 43.79
C GLU C 244 0.59 -47.71 44.97
N ALA C 245 0.67 -48.90 45.54
CA ALA C 245 1.55 -49.16 46.69
C ALA C 245 3.03 -48.87 46.38
N ASP C 246 3.45 -49.18 45.16
CA ASP C 246 4.86 -48.94 44.75
C ASP C 246 5.22 -47.47 44.49
N GLY C 247 4.32 -46.54 44.79
CA GLY C 247 4.58 -45.11 44.60
C GLY C 247 4.16 -44.55 43.25
N SER C 248 3.88 -45.42 42.27
CA SER C 248 3.47 -44.99 40.94
C SER C 248 2.01 -44.54 40.91
N LEU C 249 1.58 -44.00 39.77
CA LEU C 249 0.22 -43.51 39.55
C LEU C 249 -0.43 -44.16 38.34
N THR C 250 -1.66 -44.65 38.52
CA THR C 250 -2.40 -45.26 37.42
C THR C 250 -3.56 -44.32 37.03
N LEU C 251 -3.56 -43.87 35.79
CA LEU C 251 -4.63 -43.02 35.26
C LEU C 251 -5.72 -43.92 34.72
N HIS C 252 -6.96 -43.71 35.16
CA HIS C 252 -8.11 -44.50 34.70
C HIS C 252 -9.03 -43.63 33.85
N LEU C 253 -9.43 -44.15 32.69
CA LEU C 253 -10.27 -43.42 31.75
C LEU C 253 -11.69 -43.94 31.72
N GLU C 254 -12.59 -43.08 31.27
CA GLU C 254 -14.02 -43.37 31.19
C GLU C 254 -14.34 -44.46 30.16
N ASN C 255 -13.49 -44.60 29.14
CA ASN C 255 -13.70 -45.63 28.11
C ASN C 255 -13.36 -47.04 28.61
N GLY C 256 -12.69 -47.11 29.76
CA GLY C 256 -12.32 -48.38 30.38
C GLY C 256 -10.84 -48.65 30.48
N GLU C 257 -10.02 -47.99 29.66
CA GLU C 257 -8.57 -48.23 29.67
C GLU C 257 -7.81 -47.40 30.70
N SER C 258 -6.57 -47.82 30.97
CA SER C 258 -5.73 -47.19 31.97
C SER C 258 -4.25 -47.19 31.59
N GLN C 259 -3.45 -46.41 32.32
CA GLN C 259 -2.01 -46.27 32.06
C GLN C 259 -1.22 -45.98 33.35
N ASN C 260 -0.26 -46.84 33.67
CA ASN C 260 0.57 -46.69 34.86
C ASN C 260 1.75 -45.78 34.52
N VAL C 261 2.03 -44.79 35.36
CA VAL C 261 3.13 -43.83 35.14
C VAL C 261 3.71 -43.32 36.47
N ASP C 262 4.86 -42.67 36.42
CA ASP C 262 5.52 -42.13 37.63
C ASP C 262 5.04 -40.73 37.99
N GLN C 263 4.59 -39.98 36.99
CA GLN C 263 4.16 -38.63 37.22
C GLN C 263 3.10 -38.30 36.17
N LEU C 264 2.05 -37.57 36.56
CA LEU C 264 0.95 -37.21 35.65
C LEU C 264 0.78 -35.69 35.66
N ILE C 265 0.75 -35.11 34.45
CA ILE C 265 0.65 -33.67 34.26
C ILE C 265 -0.69 -33.21 33.68
N TRP C 266 -1.41 -32.41 34.46
CA TRP C 266 -2.66 -31.84 34.03
C TRP C 266 -2.39 -30.55 33.26
N ALA C 267 -2.79 -30.52 31.99
CA ALA C 267 -2.66 -29.33 31.16
C ALA C 267 -3.96 -29.24 30.37
N ILE C 268 -5.06 -29.18 31.13
CA ILE C 268 -6.42 -29.14 30.59
C ILE C 268 -6.99 -27.75 30.39
N GLY C 269 -6.22 -26.72 30.76
CA GLY C 269 -6.66 -25.34 30.62
C GLY C 269 -6.17 -24.51 31.79
N ARG C 270 -6.45 -23.21 31.71
CA ARG C 270 -6.07 -22.25 32.73
C ARG C 270 -7.27 -21.34 33.02
N HIS C 271 -7.35 -20.85 34.25
CA HIS C 271 -8.42 -19.93 34.65
C HIS C 271 -7.82 -18.68 35.30
N PRO C 272 -8.53 -17.55 35.24
CA PRO C 272 -8.01 -16.30 35.77
C PRO C 272 -7.95 -16.19 37.30
N ALA C 273 -6.93 -15.51 37.81
CA ALA C 273 -6.73 -15.32 39.27
C ALA C 273 -7.46 -14.09 39.81
N THR C 274 -8.71 -13.92 39.37
CA THR C 274 -9.55 -12.78 39.75
C THR C 274 -10.47 -13.06 40.94
N ASP C 275 -10.38 -14.27 41.49
CA ASP C 275 -11.23 -14.71 42.59
C ASP C 275 -10.81 -14.30 44.01
N ALA C 276 -9.51 -14.07 44.24
CA ALA C 276 -9.00 -13.77 45.59
C ALA C 276 -8.44 -12.35 45.79
N ILE C 277 -8.88 -11.39 44.98
CA ILE C 277 -8.40 -9.99 45.07
C ILE C 277 -9.50 -9.02 45.50
N ASN C 278 -10.52 -9.55 46.16
CA ASN C 278 -11.68 -8.77 46.64
C ASN C 278 -12.23 -7.82 45.56
N LEU C 279 -12.41 -8.38 44.37
CA LEU C 279 -12.90 -7.63 43.22
C LEU C 279 -14.31 -7.14 43.47
N ALA C 280 -15.02 -7.80 44.38
CA ALA C 280 -16.39 -7.40 44.73
C ALA C 280 -16.49 -5.95 45.23
N SER C 281 -15.45 -5.45 45.89
CA SER C 281 -15.47 -4.07 46.41
C SER C 281 -15.34 -2.97 45.35
N THR C 282 -15.00 -3.33 44.11
CA THR C 282 -14.80 -2.33 43.03
C THR C 282 -16.00 -2.10 42.13
N GLY C 283 -16.79 -3.15 41.89
CA GLY C 283 -17.93 -3.11 40.98
C GLY C 283 -17.58 -3.58 39.56
N VAL C 284 -16.33 -4.00 39.36
CA VAL C 284 -15.86 -4.45 38.03
C VAL C 284 -16.62 -5.69 37.57
N ALA C 285 -17.10 -5.66 36.33
CA ALA C 285 -17.86 -6.76 35.76
C ALA C 285 -16.97 -7.84 35.20
N THR C 286 -17.40 -9.10 35.36
CA THR C 286 -16.72 -10.27 34.85
C THR C 286 -17.74 -11.18 34.19
N ASN C 287 -17.29 -12.06 33.31
CA ASN C 287 -18.18 -13.03 32.66
C ASN C 287 -18.38 -14.21 33.61
N GLU C 288 -19.02 -15.28 33.13
CA GLU C 288 -19.28 -16.43 34.00
C GLU C 288 -17.99 -17.16 34.46
N LYS C 289 -16.93 -17.16 33.64
CA LYS C 289 -15.66 -17.85 33.98
C LYS C 289 -14.62 -16.96 34.73
N GLY C 290 -15.02 -15.78 35.17
CA GLY C 290 -14.12 -14.90 35.93
C GLY C 290 -13.18 -14.01 35.12
N TYR C 291 -13.42 -13.87 33.81
CA TYR C 291 -12.63 -12.97 32.97
C TYR C 291 -13.20 -11.58 33.08
N ILE C 292 -12.34 -10.58 33.19
CA ILE C 292 -12.74 -9.17 33.32
C ILE C 292 -13.14 -8.61 31.94
N LYS C 293 -14.31 -7.95 31.89
CA LYS C 293 -14.79 -7.34 30.65
C LYS C 293 -14.10 -6.01 30.42
N VAL C 294 -13.82 -5.71 29.15
CA VAL C 294 -13.18 -4.47 28.79
C VAL C 294 -13.68 -3.95 27.44
N ASP C 295 -13.49 -2.65 27.25
CA ASP C 295 -13.80 -1.99 25.97
C ASP C 295 -12.52 -2.12 25.10
N GLU C 296 -12.50 -1.48 23.96
CA GLU C 296 -11.33 -1.59 23.08
C GLU C 296 -10.07 -0.91 23.63
N TYR C 297 -10.24 -0.12 24.69
CA TYR C 297 -9.12 0.59 25.33
C TYR C 297 -8.69 -0.01 26.68
N GLN C 298 -9.06 -1.27 26.92
CA GLN C 298 -8.71 -2.04 28.13
C GLN C 298 -9.42 -1.57 29.40
N GLU C 299 -10.38 -0.68 29.27
CA GLU C 299 -11.06 -0.13 30.43
C GLU C 299 -12.28 -0.96 30.79
N THR C 300 -12.46 -1.17 32.09
CA THR C 300 -13.60 -1.90 32.64
C THR C 300 -14.80 -0.96 32.70
N ASN C 301 -15.93 -1.45 33.20
CA ASN C 301 -17.11 -0.58 33.37
C ASN C 301 -16.89 0.44 34.52
N VAL C 302 -15.81 0.28 35.30
CA VAL C 302 -15.49 1.22 36.36
C VAL C 302 -14.33 2.08 35.87
N LYS C 303 -14.53 3.39 35.90
CA LYS C 303 -13.53 4.36 35.43
C LYS C 303 -12.29 4.37 36.32
N GLY C 304 -11.12 4.25 35.67
CA GLY C 304 -9.84 4.25 36.37
C GLY C 304 -9.33 2.84 36.68
N ILE C 305 -10.09 1.82 36.30
CA ILE C 305 -9.69 0.44 36.50
C ILE C 305 -9.65 -0.20 35.12
N TYR C 306 -8.47 -0.74 34.77
CA TYR C 306 -8.25 -1.33 33.47
C TYR C 306 -7.78 -2.76 33.66
N CYS C 307 -7.63 -3.47 32.53
CA CYS C 307 -7.21 -4.85 32.53
C CYS C 307 -6.53 -5.28 31.22
N VAL C 308 -5.42 -6.03 31.32
CA VAL C 308 -4.73 -6.59 30.14
C VAL C 308 -4.27 -8.01 30.43
N GLY C 309 -3.79 -8.70 29.41
CA GLY C 309 -3.27 -10.05 29.57
C GLY C 309 -4.28 -11.18 29.60
N ASP C 310 -3.88 -12.28 30.24
CA ASP C 310 -4.69 -13.51 30.27
C ASP C 310 -6.12 -13.40 30.86
N ILE C 311 -6.30 -12.55 31.87
CA ILE C 311 -7.63 -12.41 32.53
C ILE C 311 -8.68 -11.57 31.77
N MET C 312 -8.26 -10.94 30.67
CA MET C 312 -9.14 -10.11 29.85
C MET C 312 -10.11 -10.97 29.04
N GLU C 313 -11.39 -10.57 29.02
CA GLU C 313 -12.38 -11.28 28.22
C GLU C 313 -12.07 -11.08 26.73
N GLY C 314 -12.09 -12.15 25.94
CA GLY C 314 -11.79 -12.04 24.51
C GLY C 314 -10.36 -11.61 24.20
N GLY C 315 -9.44 -11.84 25.13
CA GLY C 315 -8.04 -11.52 24.90
C GLY C 315 -7.34 -12.74 24.31
N ILE C 316 -6.03 -12.64 24.12
CA ILE C 316 -5.26 -13.75 23.60
C ILE C 316 -4.15 -14.01 24.61
N GLU C 317 -4.09 -15.23 25.11
CA GLU C 317 -3.15 -15.62 26.15
C GLU C 317 -1.73 -15.93 25.64
N LEU C 318 -1.00 -14.86 25.36
CA LEU C 318 0.39 -14.89 24.93
C LEU C 318 1.07 -13.68 25.54
N THR C 319 2.37 -13.78 25.76
CA THR C 319 3.13 -12.67 26.36
C THR C 319 3.11 -11.34 25.57
N PRO C 320 3.46 -11.37 24.26
CA PRO C 320 3.52 -10.13 23.47
C PRO C 320 2.19 -9.40 23.36
N VAL C 321 1.08 -10.11 23.54
CA VAL C 321 -0.24 -9.51 23.53
C VAL C 321 -0.42 -8.75 24.84
N ALA C 322 -0.01 -9.32 25.95
CA ALA C 322 -0.12 -8.62 27.24
C ALA C 322 0.80 -7.40 27.23
N VAL C 323 2.03 -7.60 26.81
CA VAL C 323 3.05 -6.54 26.73
C VAL C 323 2.56 -5.37 25.86
N LYS C 324 2.04 -5.68 24.67
CA LYS C 324 1.62 -4.61 23.76
C LYS C 324 0.37 -3.88 24.24
N ALA C 325 -0.60 -4.61 24.79
CA ALA C 325 -1.78 -3.95 25.30
C ALA C 325 -1.37 -3.04 26.49
N GLY C 326 -0.48 -3.54 27.35
CA GLY C 326 0.01 -2.77 28.50
C GLY C 326 0.72 -1.51 28.07
N ARG C 327 1.50 -1.61 26.99
CA ARG C 327 2.25 -0.43 26.46
C ARG C 327 1.33 0.64 25.86
N GLN C 328 0.44 0.23 24.96
CA GLN C 328 -0.55 1.10 24.33
C GLN C 328 -1.47 1.77 25.38
N LEU C 329 -1.81 1.04 26.44
CA LEU C 329 -2.62 1.61 27.52
C LEU C 329 -1.85 2.77 28.17
N SER C 330 -0.56 2.57 28.43
CA SER C 330 0.26 3.62 29.05
C SER C 330 0.48 4.82 28.11
N GLU C 331 0.54 4.54 26.80
CA GLU C 331 0.67 5.58 25.77
C GLU C 331 -0.57 6.44 25.83
N ARG C 332 -1.72 5.77 25.93
CA ARG C 332 -2.98 6.47 25.98
C ARG C 332 -3.11 7.28 27.27
N LEU C 333 -2.93 6.64 28.41
CA LEU C 333 -3.11 7.31 29.69
C LEU C 333 -2.07 8.36 30.02
N PHE C 334 -0.83 8.19 29.56
CA PHE C 334 0.23 9.14 29.96
C PHE C 334 1.00 9.84 28.85
N ASN C 335 0.73 9.50 27.59
CA ASN C 335 1.40 10.17 26.45
C ASN C 335 0.41 10.84 25.45
N ASN C 336 -0.77 11.20 25.94
CA ASN C 336 -1.78 11.93 25.18
C ASN C 336 -2.13 11.32 23.84
N LYS C 337 -2.35 10.00 23.83
CA LYS C 337 -2.74 9.30 22.60
C LYS C 337 -4.06 8.60 22.81
N PRO C 338 -5.16 9.38 22.88
CA PRO C 338 -6.48 8.78 23.14
C PRO C 338 -6.90 7.67 22.17
N ASN C 339 -6.27 7.55 20.99
CA ASN C 339 -6.62 6.48 20.02
C ASN C 339 -5.74 5.24 20.14
N ALA C 340 -4.67 5.30 20.92
CA ALA C 340 -3.79 4.14 21.11
C ALA C 340 -4.57 2.96 21.72
N LYS C 341 -4.44 1.82 21.07
CA LYS C 341 -5.11 0.61 21.48
C LYS C 341 -4.34 -0.62 20.97
N MET C 342 -4.79 -1.80 21.37
CA MET C 342 -4.21 -3.04 20.94
C MET C 342 -5.03 -3.59 19.78
N ASP C 343 -4.34 -4.13 18.78
CA ASP C 343 -4.98 -4.75 17.65
C ASP C 343 -4.88 -6.28 17.84
N TYR C 344 -6.01 -6.91 18.14
CA TYR C 344 -6.03 -8.37 18.36
C TYR C 344 -6.17 -9.21 17.06
N ASP C 345 -6.07 -8.55 15.89
CA ASP C 345 -6.16 -9.25 14.60
C ASP C 345 -4.78 -9.65 14.09
N LEU C 346 -4.71 -10.81 13.44
CA LEU C 346 -3.48 -11.36 12.83
C LEU C 346 -2.28 -11.42 13.76
N VAL C 347 -2.51 -11.95 14.97
CA VAL C 347 -1.48 -12.15 16.00
C VAL C 347 -0.81 -13.49 15.71
N PRO C 348 0.54 -13.52 15.51
CA PRO C 348 1.18 -14.79 15.22
C PRO C 348 1.36 -15.69 16.45
N THR C 349 1.26 -17.01 16.23
CA THR C 349 1.44 -18.00 17.26
C THR C 349 2.45 -19.06 16.79
N VAL C 350 3.28 -19.50 17.72
CA VAL C 350 4.23 -20.57 17.49
C VAL C 350 4.11 -21.56 18.65
N VAL C 351 4.02 -22.85 18.32
CA VAL C 351 3.95 -23.93 19.29
C VAL C 351 5.26 -24.71 19.17
N PHE C 352 6.02 -24.80 20.26
CA PHE C 352 7.29 -25.53 20.23
C PHE C 352 7.14 -27.02 20.43
N SER C 353 6.46 -27.62 19.47
CA SER C 353 6.24 -29.05 19.41
C SER C 353 7.46 -29.64 18.71
N HIS C 354 7.41 -30.95 18.43
CA HIS C 354 8.47 -31.65 17.72
C HIS C 354 7.91 -32.29 16.43
N PRO C 355 8.03 -31.63 15.27
CA PRO C 355 8.69 -30.34 15.08
C PRO C 355 7.78 -29.15 15.42
N PRO C 356 8.34 -27.93 15.47
CA PRO C 356 7.54 -26.75 15.83
C PRO C 356 6.51 -26.30 14.79
N ILE C 357 5.52 -25.56 15.26
CA ILE C 357 4.42 -25.04 14.44
C ILE C 357 4.39 -23.49 14.47
N GLY C 358 4.08 -22.89 13.33
CA GLY C 358 3.92 -21.45 13.20
C GLY C 358 2.59 -21.19 12.51
N THR C 359 1.75 -20.30 13.07
CA THR C 359 0.46 -19.98 12.45
C THR C 359 0.05 -18.52 12.62
N ILE C 360 -0.54 -17.97 11.57
CA ILE C 360 -1.09 -16.61 11.60
C ILE C 360 -2.38 -16.63 10.82
N GLY C 361 -3.43 -16.05 11.39
CA GLY C 361 -4.69 -15.93 10.67
C GLY C 361 -5.58 -17.14 10.60
N LEU C 362 -6.45 -17.15 9.59
CA LEU C 362 -7.48 -18.16 9.49
C LEU C 362 -7.05 -19.52 8.99
N THR C 363 -7.78 -20.53 9.46
CA THR C 363 -7.61 -21.90 9.01
C THR C 363 -8.38 -21.97 7.71
N THR C 364 -8.20 -23.06 7.00
CA THR C 364 -8.91 -23.29 5.76
C THR C 364 -10.41 -23.20 6.01
N GLN C 365 -10.88 -23.89 7.04
CA GLN C 365 -12.33 -23.92 7.34
C GLN C 365 -12.87 -22.55 7.75
N GLU C 366 -12.16 -21.84 8.62
CA GLU C 366 -12.60 -20.50 9.04
C GLU C 366 -12.70 -19.53 7.84
N ALA C 367 -11.76 -19.65 6.90
CA ALA C 367 -11.73 -18.81 5.71
C ALA C 367 -12.89 -19.17 4.81
N GLU C 368 -13.14 -20.47 4.62
CA GLU C 368 -14.27 -20.92 3.82
C GLU C 368 -15.62 -20.42 4.37
N GLU C 369 -15.79 -20.42 5.70
CA GLU C 369 -17.03 -19.91 6.29
C GLU C 369 -17.21 -18.40 6.07
N LYS C 370 -16.13 -17.64 6.24
CA LYS C 370 -16.16 -16.18 6.09
C LYS C 370 -16.32 -15.71 4.63
N TYR C 371 -15.54 -16.27 3.71
CA TYR C 371 -15.56 -15.85 2.29
C TYR C 371 -16.32 -16.77 1.32
N GLY C 372 -16.52 -18.04 1.67
CA GLY C 372 -17.18 -19.01 0.79
C GLY C 372 -16.14 -19.88 0.11
N LYS C 373 -16.45 -21.16 -0.07
CA LYS C 373 -15.53 -22.14 -0.68
C LYS C 373 -14.89 -21.73 -2.00
N ASP C 374 -15.67 -21.29 -2.99
CA ASP C 374 -15.06 -20.92 -4.30
C ASP C 374 -14.31 -19.57 -4.30
N ASN C 375 -14.31 -18.86 -3.16
CA ASN C 375 -13.59 -17.58 -3.04
C ASN C 375 -12.26 -17.76 -2.33
N ILE C 376 -12.00 -18.98 -1.87
CA ILE C 376 -10.77 -19.31 -1.20
C ILE C 376 -9.89 -20.14 -2.12
N LYS C 377 -8.60 -19.79 -2.13
CA LYS C 377 -7.60 -20.50 -2.88
C LYS C 377 -6.55 -20.94 -1.86
N VAL C 378 -6.15 -22.21 -1.91
CA VAL C 378 -5.16 -22.76 -1.01
C VAL C 378 -3.88 -23.17 -1.75
N TYR C 379 -2.75 -22.73 -1.22
CA TYR C 379 -1.45 -23.12 -1.76
C TYR C 379 -0.74 -23.95 -0.70
N THR C 380 -0.13 -25.06 -1.10
CA THR C 380 0.59 -25.90 -0.15
C THR C 380 1.95 -26.29 -0.67
N SER C 381 2.81 -26.63 0.29
CA SER C 381 4.15 -27.10 0.02
C SER C 381 4.44 -28.18 1.04
N GLY C 382 4.86 -29.34 0.53
CA GLY C 382 5.26 -30.48 1.34
C GLY C 382 6.69 -30.75 0.90
N PHE C 383 7.58 -30.95 1.86
CA PHE C 383 8.99 -31.23 1.55
C PHE C 383 9.67 -31.80 2.79
N THR C 384 10.86 -32.35 2.62
CA THR C 384 11.63 -32.88 3.74
C THR C 384 12.69 -31.84 4.06
N ALA C 385 12.76 -31.38 5.31
CA ALA C 385 13.77 -30.40 5.69
C ALA C 385 15.12 -30.99 5.34
N MET C 386 15.94 -30.19 4.68
CA MET C 386 17.26 -30.63 4.24
C MET C 386 18.13 -31.20 5.39
N TYR C 387 17.99 -30.63 6.58
CA TYR C 387 18.67 -31.07 7.79
C TYR C 387 18.46 -32.56 8.07
N THR C 388 17.24 -33.02 7.85
CA THR C 388 16.91 -34.42 8.09
C THR C 388 16.93 -35.31 6.84
N ALA C 389 16.94 -34.71 5.65
CA ALA C 389 16.90 -35.47 4.39
C ALA C 389 18.12 -36.35 4.12
N VAL C 390 19.24 -36.07 4.78
CA VAL C 390 20.46 -36.90 4.61
C VAL C 390 20.59 -38.01 5.64
N THR C 391 19.58 -38.16 6.51
CA THR C 391 19.58 -39.15 7.59
C THR C 391 18.48 -40.20 7.42
N LYS C 392 18.46 -41.18 8.32
CA LYS C 392 17.43 -42.23 8.29
C LYS C 392 16.20 -41.84 9.12
N HIS C 393 16.15 -40.58 9.56
CA HIS C 393 15.00 -40.05 10.31
C HIS C 393 14.49 -38.79 9.60
N ARG C 394 14.02 -39.00 8.37
CA ARG C 394 13.48 -37.94 7.53
C ARG C 394 12.22 -37.39 8.20
N GLN C 395 12.18 -36.07 8.37
CA GLN C 395 11.06 -35.39 9.02
C GLN C 395 10.35 -34.50 8.01
N PRO C 396 9.04 -34.70 7.82
CA PRO C 396 8.34 -33.87 6.85
C PRO C 396 8.14 -32.45 7.36
N CYS C 397 7.93 -31.53 6.42
CA CYS C 397 7.64 -30.14 6.71
C CYS C 397 6.53 -29.78 5.77
N LYS C 398 5.48 -29.17 6.31
CA LYS C 398 4.37 -28.73 5.47
C LYS C 398 4.07 -27.27 5.67
N MET C 399 3.64 -26.61 4.59
CA MET C 399 3.31 -25.19 4.60
C MET C 399 2.04 -24.93 3.80
N LYS C 400 1.30 -23.92 4.23
CA LYS C 400 0.04 -23.55 3.60
C LYS C 400 -0.22 -22.03 3.62
N LEU C 401 -0.75 -21.53 2.49
CA LEU C 401 -1.20 -20.14 2.37
C LEU C 401 -2.68 -20.27 2.03
N VAL C 402 -3.52 -19.60 2.82
CA VAL C 402 -4.96 -19.62 2.59
C VAL C 402 -5.30 -18.25 2.05
N CYS C 403 -5.72 -18.21 0.79
CA CYS C 403 -6.00 -16.95 0.12
C CYS C 403 -7.49 -16.71 -0.12
N ALA C 404 -7.89 -15.43 -0.07
CA ALA C 404 -9.27 -15.01 -0.25
C ALA C 404 -9.41 -13.91 -1.30
N GLY C 405 -10.53 -13.94 -2.03
CA GLY C 405 -10.81 -12.95 -3.05
C GLY C 405 -10.04 -13.16 -4.35
N GLU C 406 -10.42 -12.40 -5.37
CA GLU C 406 -9.73 -12.49 -6.68
C GLU C 406 -8.30 -11.97 -6.54
N GLU C 407 -8.08 -11.06 -5.58
CA GLU C 407 -6.72 -10.52 -5.35
C GLU C 407 -5.84 -11.53 -4.57
N GLU C 408 -6.47 -12.57 -4.01
CA GLU C 408 -5.78 -13.60 -3.23
C GLU C 408 -5.00 -12.99 -2.07
N THR C 409 -5.72 -12.29 -1.19
CA THR C 409 -5.14 -11.76 0.04
C THR C 409 -4.80 -12.99 0.90
N VAL C 410 -3.63 -13.01 1.52
CA VAL C 410 -3.24 -14.14 2.37
C VAL C 410 -3.89 -13.94 3.72
N VAL C 411 -5.01 -14.65 3.93
CA VAL C 411 -5.80 -14.52 5.18
C VAL C 411 -5.36 -15.49 6.24
N GLY C 412 -4.49 -16.43 5.86
CA GLY C 412 -3.98 -17.45 6.77
C GLY C 412 -2.67 -18.06 6.28
N LEU C 413 -1.75 -18.27 7.21
CA LEU C 413 -0.45 -18.87 6.91
C LEU C 413 -0.16 -19.93 7.97
N HIS C 414 0.32 -21.10 7.53
CA HIS C 414 0.52 -22.23 8.43
C HIS C 414 1.75 -23.02 8.11
N GLY C 415 2.47 -23.44 9.14
CA GLY C 415 3.68 -24.20 8.97
C GLY C 415 4.02 -25.13 10.11
N ILE C 416 4.66 -26.24 9.75
CA ILE C 416 5.12 -27.24 10.69
C ILE C 416 6.40 -27.79 10.08
N GLY C 417 7.48 -27.76 10.85
CA GLY C 417 8.76 -28.24 10.36
C GLY C 417 9.94 -27.60 11.07
N PHE C 418 11.12 -28.12 10.75
CA PHE C 418 12.37 -27.64 11.33
C PHE C 418 12.57 -26.14 11.01
N THR C 419 12.87 -25.38 12.07
CA THR C 419 13.09 -23.91 12.02
C THR C 419 11.85 -23.07 11.63
N VAL C 420 10.66 -23.68 11.56
CA VAL C 420 9.45 -22.93 11.22
C VAL C 420 9.19 -21.87 12.30
N ASP C 421 9.55 -22.18 13.54
CA ASP C 421 9.41 -21.23 14.66
C ASP C 421 10.00 -19.84 14.37
N GLU C 422 11.06 -19.79 13.57
CA GLU C 422 11.74 -18.54 13.27
C GLU C 422 11.42 -17.89 11.92
N MET C 423 10.65 -18.53 11.07
CA MET C 423 10.39 -17.92 9.77
C MET C 423 9.07 -17.13 9.66
N ILE C 424 8.25 -17.15 10.72
CA ILE C 424 6.93 -16.54 10.71
C ILE C 424 6.83 -15.03 11.00
N GLN C 425 7.70 -14.50 11.84
CA GLN C 425 7.60 -13.07 12.24
C GLN C 425 7.49 -12.13 11.05
N GLY C 426 8.41 -12.27 10.09
CA GLY C 426 8.42 -11.43 8.90
C GLY C 426 7.16 -11.54 8.06
N PHE C 427 6.62 -12.75 7.87
CA PHE C 427 5.37 -12.87 7.08
C PHE C 427 4.22 -12.23 7.85
N GLY C 428 4.39 -12.10 9.17
CA GLY C 428 3.37 -11.43 9.99
C GLY C 428 3.27 -9.95 9.64
N VAL C 429 4.42 -9.33 9.35
CA VAL C 429 4.47 -7.90 8.98
C VAL C 429 3.82 -7.70 7.62
N ALA C 430 4.18 -8.56 6.68
CA ALA C 430 3.62 -8.52 5.33
C ALA C 430 2.11 -8.68 5.36
N MET C 431 1.62 -9.62 6.15
CA MET C 431 0.16 -9.88 6.28
C MET C 431 -0.57 -8.69 6.92
N LYS C 432 0.10 -8.00 7.83
CA LYS C 432 -0.47 -6.78 8.42
C LYS C 432 -0.61 -5.69 7.36
N MET C 433 0.27 -5.71 6.37
CA MET C 433 0.22 -4.76 5.24
C MET C 433 -0.78 -5.20 4.15
N GLY C 434 -1.53 -6.29 4.40
CA GLY C 434 -2.53 -6.80 3.43
C GLY C 434 -1.89 -7.53 2.27
N ALA C 435 -0.81 -8.27 2.54
CA ALA C 435 -0.07 -9.00 1.54
C ALA C 435 -0.97 -9.99 0.80
N THR C 436 -0.73 -10.08 -0.51
CA THR C 436 -1.45 -10.97 -1.41
C THR C 436 -0.48 -12.00 -1.92
N LYS C 437 -1.01 -13.04 -2.57
CA LYS C 437 -0.16 -14.07 -3.13
C LYS C 437 0.88 -13.43 -4.06
N ALA C 438 0.42 -12.49 -4.89
CA ALA C 438 1.30 -11.77 -5.80
C ALA C 438 2.43 -11.05 -5.03
N ASP C 439 2.14 -10.60 -3.79
CA ASP C 439 3.21 -9.99 -2.92
C ASP C 439 4.24 -11.03 -2.51
N PHE C 440 3.79 -12.21 -2.11
CA PHE C 440 4.69 -13.32 -1.78
C PHE C 440 5.57 -13.73 -3.00
N ASP C 441 5.03 -13.65 -4.20
CA ASP C 441 5.80 -13.98 -5.41
C ASP C 441 6.75 -12.88 -5.86
N SER C 442 6.56 -11.65 -5.38
CA SER C 442 7.40 -10.51 -5.80
C SER C 442 8.80 -10.56 -5.20
N VAL C 443 8.98 -11.32 -4.12
CA VAL C 443 10.29 -11.43 -3.48
C VAL C 443 11.04 -12.62 -4.07
N VAL C 444 12.37 -12.50 -4.10
CA VAL C 444 13.24 -13.55 -4.59
C VAL C 444 13.52 -14.53 -3.45
N ALA C 445 13.52 -15.81 -3.78
CA ALA C 445 13.80 -16.86 -2.81
C ALA C 445 15.23 -16.81 -2.27
N ILE C 446 15.41 -17.35 -1.07
CA ILE C 446 16.73 -17.48 -0.44
C ILE C 446 17.00 -18.97 -0.46
N HIS C 447 18.06 -19.37 -1.17
CA HIS C 447 18.39 -20.78 -1.36
C HIS C 447 19.78 -21.11 -0.78
N PRO C 448 19.93 -22.22 -0.05
CA PRO C 448 18.85 -23.14 0.29
C PRO C 448 18.35 -22.92 1.72
N THR C 449 17.04 -22.80 1.87
CA THR C 449 16.43 -22.63 3.19
C THR C 449 15.07 -23.27 3.19
N GLY C 450 14.49 -23.38 4.37
CA GLY C 450 13.14 -23.89 4.51
C GLY C 450 12.17 -22.77 4.14
N SER C 451 12.49 -21.55 4.58
CA SER C 451 11.64 -20.39 4.34
C SER C 451 11.27 -20.13 2.88
N GLU C 452 12.14 -20.46 1.93
CA GLU C 452 11.83 -20.22 0.51
C GLU C 452 10.59 -20.94 0.06
N GLU C 453 10.23 -22.00 0.78
CA GLU C 453 9.05 -22.76 0.42
C GLU C 453 7.76 -21.93 0.64
N PHE C 454 7.79 -20.93 1.53
CA PHE C 454 6.60 -20.06 1.70
C PHE C 454 6.37 -19.10 0.51
N VAL C 455 7.44 -18.81 -0.25
CA VAL C 455 7.35 -17.89 -1.39
C VAL C 455 7.49 -18.54 -2.77
N THR C 456 7.47 -19.87 -2.85
CA THR C 456 7.64 -20.56 -4.15
C THR C 456 6.46 -21.49 -4.54
N MET C 457 5.36 -21.42 -3.81
CA MET C 457 4.19 -22.25 -4.11
C MET C 457 3.56 -21.68 -5.36
N ARG C 458 2.95 -22.57 -6.15
CA ARG C 458 2.36 -22.18 -7.41
C ARG C 458 1.05 -22.95 -7.61
N ALA D 9 22.27 -28.93 -40.19
CA ALA D 9 22.04 -28.24 -38.86
C ALA D 9 20.62 -28.45 -38.35
N THR D 10 20.48 -29.10 -37.19
CA THR D 10 19.18 -29.35 -36.58
C THR D 10 18.60 -28.01 -36.09
N HIS D 11 17.28 -27.84 -36.24
CA HIS D 11 16.60 -26.58 -35.85
C HIS D 11 15.79 -26.74 -34.55
N PHE D 12 15.74 -25.65 -33.78
CA PHE D 12 15.02 -25.58 -32.51
C PHE D 12 14.35 -24.22 -32.34
N ASP D 13 13.35 -24.17 -31.46
CA ASP D 13 12.69 -22.92 -31.15
C ASP D 13 13.58 -22.13 -30.17
N TYR D 14 14.28 -22.84 -29.29
CA TYR D 14 15.08 -22.20 -28.25
C TYR D 14 16.30 -23.03 -27.87
N ILE D 15 17.46 -22.38 -27.83
CA ILE D 15 18.70 -23.05 -27.42
C ILE D 15 19.22 -22.38 -26.13
N CYS D 16 19.37 -23.19 -25.09
CA CYS D 16 19.88 -22.74 -23.81
C CYS D 16 21.27 -23.32 -23.62
N ILE D 17 22.28 -22.46 -23.76
CA ILE D 17 23.66 -22.86 -23.59
C ILE D 17 24.00 -22.82 -22.10
N GLY D 18 24.07 -24.01 -21.50
CA GLY D 18 24.38 -24.18 -20.08
C GLY D 18 23.20 -24.75 -19.34
N GLY D 19 23.37 -25.95 -18.77
CA GLY D 19 22.32 -26.62 -18.01
C GLY D 19 22.46 -26.37 -16.54
N GLY D 20 22.55 -25.09 -16.16
CA GLY D 20 22.68 -24.68 -14.77
C GLY D 20 21.40 -24.12 -14.20
N SER D 21 21.51 -23.28 -13.17
CA SER D 21 20.34 -22.71 -12.52
C SER D 21 19.46 -21.97 -13.54
N GLY D 22 20.07 -21.11 -14.36
CA GLY D 22 19.33 -20.34 -15.37
C GLY D 22 18.89 -21.19 -16.56
N GLY D 23 19.82 -21.92 -17.14
CA GLY D 23 19.52 -22.77 -18.29
C GLY D 23 18.35 -23.71 -18.12
N ILE D 24 18.38 -24.50 -17.05
CA ILE D 24 17.29 -25.45 -16.75
C ILE D 24 15.97 -24.72 -16.46
N ALA D 25 16.03 -23.71 -15.60
CA ALA D 25 14.82 -22.96 -15.24
C ALA D 25 14.17 -22.38 -16.48
N SER D 26 14.98 -21.82 -17.35
CA SER D 26 14.50 -21.19 -18.58
C SER D 26 14.06 -22.25 -19.63
N ALA D 27 14.79 -23.35 -19.72
CA ALA D 27 14.47 -24.41 -20.69
C ALA D 27 13.14 -25.06 -20.36
N ASN D 28 13.00 -25.46 -19.09
CA ASN D 28 11.76 -26.08 -18.61
C ASN D 28 10.54 -25.18 -18.79
N ARG D 29 10.66 -23.93 -18.37
CA ARG D 29 9.53 -23.01 -18.49
C ARG D 29 9.09 -22.78 -19.94
N ALA D 30 10.06 -22.66 -20.84
CA ALA D 30 9.76 -22.48 -22.27
C ALA D 30 9.11 -23.75 -22.87
N ALA D 31 9.54 -24.92 -22.37
CA ALA D 31 9.01 -26.20 -22.83
C ALA D 31 7.56 -26.40 -22.37
N MET D 32 7.20 -25.82 -21.22
CA MET D 32 5.82 -25.88 -20.74
C MET D 32 4.86 -25.24 -21.74
N TYR D 33 5.32 -24.22 -22.48
CA TYR D 33 4.46 -23.49 -23.44
C TYR D 33 4.59 -23.94 -24.91
N GLY D 34 4.79 -25.25 -25.10
CA GLY D 34 4.88 -25.82 -26.45
C GLY D 34 6.21 -25.70 -27.20
N ALA D 35 7.17 -24.94 -26.67
CA ALA D 35 8.45 -24.76 -27.36
C ALA D 35 9.28 -26.04 -27.36
N LYS D 36 9.98 -26.29 -28.48
CA LYS D 36 10.89 -27.44 -28.64
C LYS D 36 12.25 -26.85 -28.30
N VAL D 37 12.80 -27.29 -27.16
CA VAL D 37 14.01 -26.71 -26.62
C VAL D 37 15.23 -27.63 -26.59
N ALA D 38 16.41 -27.03 -26.81
CA ALA D 38 17.69 -27.73 -26.74
C ALA D 38 18.47 -27.17 -25.55
N LEU D 39 18.76 -28.02 -24.57
CA LEU D 39 19.52 -27.60 -23.39
C LEU D 39 20.88 -28.27 -23.48
N ILE D 40 21.91 -27.48 -23.77
CA ILE D 40 23.27 -27.98 -23.94
C ILE D 40 24.07 -27.85 -22.65
N GLU D 41 24.58 -28.99 -22.16
CA GLU D 41 25.39 -29.06 -20.93
C GLU D 41 26.68 -29.85 -21.16
N ALA D 42 27.80 -29.32 -20.68
CA ALA D 42 29.13 -29.97 -20.87
C ALA D 42 29.55 -30.94 -19.75
N GLN D 43 28.93 -30.83 -18.58
CA GLN D 43 29.26 -31.71 -17.46
C GLN D 43 27.97 -32.23 -16.83
N ASP D 44 27.72 -31.86 -15.57
CA ASP D 44 26.54 -32.33 -14.83
C ASP D 44 25.43 -31.27 -14.79
N LEU D 45 24.19 -31.70 -15.00
CA LEU D 45 23.02 -30.83 -14.97
C LEU D 45 22.81 -30.24 -13.58
N GLY D 46 22.24 -29.05 -13.52
CA GLY D 46 22.00 -28.39 -12.23
C GLY D 46 23.07 -27.37 -11.91
N GLY D 47 24.15 -27.39 -12.70
CA GLY D 47 25.20 -26.41 -12.57
C GLY D 47 25.93 -26.40 -11.26
N THR D 48 26.53 -25.25 -10.98
CA THR D 48 27.34 -25.01 -9.79
C THR D 48 26.56 -25.22 -8.52
N CYS D 49 25.37 -24.64 -8.43
CA CYS D 49 24.55 -24.73 -7.23
C CYS D 49 24.30 -26.15 -6.70
N VAL D 50 23.70 -26.98 -7.56
CA VAL D 50 23.33 -28.34 -7.23
C VAL D 50 24.51 -29.28 -6.96
N ASN D 51 25.60 -29.10 -7.71
CA ASN D 51 26.74 -30.01 -7.67
C ASN D 51 27.90 -29.64 -6.76
N VAL D 52 28.28 -28.37 -6.76
CA VAL D 52 29.43 -27.91 -5.97
C VAL D 52 29.22 -26.50 -5.41
N GLY D 53 27.99 -26.22 -4.99
CA GLY D 53 27.65 -24.92 -4.44
C GLY D 53 26.67 -25.03 -3.29
N CYS D 54 25.47 -24.48 -3.48
CA CYS D 54 24.40 -24.41 -2.47
C CYS D 54 24.16 -25.69 -1.66
N VAL D 55 23.72 -26.73 -2.37
CA VAL D 55 23.35 -28.02 -1.77
C VAL D 55 24.47 -28.71 -0.96
N PRO D 56 25.61 -29.05 -1.61
CA PRO D 56 26.65 -29.72 -0.84
C PRO D 56 27.23 -28.83 0.29
N LYS D 57 27.19 -27.52 0.11
CA LYS D 57 27.66 -26.59 1.13
C LYS D 57 26.75 -26.66 2.37
N LYS D 58 25.44 -26.64 2.15
CA LYS D 58 24.47 -26.64 3.25
C LYS D 58 24.48 -27.95 4.06
N VAL D 59 24.67 -29.08 3.38
CA VAL D 59 24.74 -30.37 4.06
C VAL D 59 25.91 -30.38 5.04
N MET D 60 27.05 -29.86 4.60
CA MET D 60 28.21 -29.82 5.48
C MET D 60 28.08 -28.75 6.54
N TRP D 61 27.29 -27.73 6.28
CA TRP D 61 27.07 -26.70 7.27
C TRP D 61 26.27 -27.33 8.42
N HIS D 62 25.24 -28.11 8.07
CA HIS D 62 24.45 -28.79 9.09
C HIS D 62 25.34 -29.74 9.90
N GLY D 63 26.28 -30.37 9.22
CA GLY D 63 27.20 -31.27 9.88
C GLY D 63 27.97 -30.52 10.94
N ALA D 64 28.50 -29.37 10.54
CA ALA D 64 29.26 -28.51 11.44
C ALA D 64 28.40 -28.00 12.61
N GLN D 65 27.12 -27.79 12.34
CA GLN D 65 26.19 -27.32 13.37
C GLN D 65 26.02 -28.36 14.47
N ILE D 66 25.85 -29.62 14.07
CA ILE D 66 25.72 -30.74 15.00
C ILE D 66 27.00 -30.80 15.83
N ALA D 67 28.15 -30.68 15.16
CA ALA D 67 29.43 -30.68 15.87
C ALA D 67 29.41 -29.60 16.94
N GLU D 68 29.08 -28.37 16.55
CA GLU D 68 29.02 -27.25 17.49
C GLU D 68 28.07 -27.53 18.67
N ALA D 69 26.95 -28.17 18.37
CA ALA D 69 25.97 -28.51 19.41
C ALA D 69 26.59 -29.40 20.49
N MET D 70 27.33 -30.43 20.05
CA MET D 70 27.95 -31.40 20.96
C MET D 70 29.20 -30.89 21.65
N ASN D 71 29.99 -30.09 20.94
CA ASN D 71 31.23 -29.56 21.49
C ASN D 71 31.06 -28.33 22.39
N LEU D 72 30.16 -27.43 22.00
CA LEU D 72 29.95 -26.17 22.72
C LEU D 72 28.77 -26.10 23.68
N TYR D 73 27.65 -26.76 23.34
CA TYR D 73 26.43 -26.60 24.15
C TYR D 73 25.93 -27.80 24.96
N ALA D 74 26.07 -29.02 24.41
CA ALA D 74 25.59 -30.26 25.07
C ALA D 74 25.82 -30.36 26.59
N GLU D 75 27.08 -30.20 27.01
CA GLU D 75 27.41 -30.32 28.44
C GLU D 75 26.61 -29.39 29.34
N ASP D 76 26.57 -28.10 29.03
CA ASP D 76 25.82 -27.15 29.84
C ASP D 76 24.29 -27.43 29.91
N TYR D 77 23.77 -28.14 28.88
CA TYR D 77 22.36 -28.58 28.89
C TYR D 77 22.17 -29.86 29.70
N GLY D 78 23.27 -30.42 30.20
CA GLY D 78 23.26 -31.62 31.06
C GLY D 78 23.62 -32.96 30.43
N PHE D 79 24.01 -32.97 29.15
CA PHE D 79 24.37 -34.21 28.48
C PHE D 79 25.84 -34.57 28.68
N ASP D 80 26.11 -35.82 29.06
CA ASP D 80 27.46 -36.32 29.24
C ASP D 80 27.71 -37.08 27.92
N VAL D 81 28.45 -36.46 27.03
CA VAL D 81 28.67 -37.01 25.70
C VAL D 81 30.16 -37.10 25.34
N ASP D 82 30.51 -38.18 24.66
CA ASP D 82 31.86 -38.40 24.19
C ASP D 82 31.73 -38.53 22.66
N VAL D 83 32.34 -37.58 21.95
CA VAL D 83 32.35 -37.61 20.50
C VAL D 83 33.61 -38.40 20.17
N LYS D 84 33.46 -39.72 20.05
CA LYS D 84 34.61 -40.59 19.78
C LYS D 84 35.27 -40.34 18.43
N GLY D 85 34.55 -39.75 17.48
CA GLY D 85 35.14 -39.46 16.18
C GLY D 85 34.19 -38.87 15.16
N PHE D 86 34.78 -38.28 14.12
CA PHE D 86 34.05 -37.70 13.01
C PHE D 86 34.65 -38.24 11.72
N ASP D 87 33.82 -38.96 10.96
CA ASP D 87 34.23 -39.59 9.71
C ASP D 87 33.80 -38.75 8.50
N TRP D 88 34.72 -37.93 8.00
CA TRP D 88 34.47 -37.06 6.86
C TRP D 88 33.94 -37.83 5.62
N SER D 89 34.47 -39.02 5.35
CA SER D 89 34.06 -39.81 4.16
C SER D 89 32.58 -40.24 4.19
N LYS D 90 32.07 -40.42 5.41
CA LYS D 90 30.68 -40.80 5.65
C LYS D 90 29.77 -39.59 5.39
N LEU D 91 30.25 -38.40 5.72
CA LEU D 91 29.52 -37.17 5.47
C LEU D 91 29.41 -36.95 3.97
N VAL D 92 30.51 -37.16 3.26
CA VAL D 92 30.55 -37.04 1.81
C VAL D 92 29.58 -38.03 1.14
N GLU D 93 29.58 -39.31 1.53
CA GLU D 93 28.70 -40.29 0.86
C GLU D 93 27.22 -39.98 1.05
N SER D 94 26.87 -39.40 2.20
CA SER D 94 25.49 -39.00 2.48
C SER D 94 25.15 -37.75 1.67
N ARG D 95 26.15 -36.87 1.56
CA ARG D 95 26.00 -35.63 0.83
C ARG D 95 25.79 -35.92 -0.66
N GLN D 96 26.66 -36.74 -1.25
CA GLN D 96 26.55 -37.11 -2.67
C GLN D 96 25.30 -37.98 -2.96
N ALA D 97 24.85 -38.74 -1.97
CA ALA D 97 23.64 -39.55 -2.14
C ALA D 97 22.40 -38.64 -2.28
N TYR D 98 22.34 -37.61 -1.42
CA TYR D 98 21.24 -36.62 -1.45
C TYR D 98 21.22 -35.84 -2.76
N ILE D 99 22.40 -35.46 -3.24
CA ILE D 99 22.53 -34.76 -4.51
C ILE D 99 22.12 -35.69 -5.66
N GLY D 100 22.36 -36.99 -5.49
CA GLY D 100 21.97 -37.98 -6.49
C GLY D 100 20.47 -38.03 -6.69
N ARG D 101 19.71 -37.88 -5.60
CA ARG D 101 18.24 -37.89 -5.67
C ARG D 101 17.73 -36.61 -6.31
N ILE D 102 18.47 -35.51 -6.16
CA ILE D 102 18.12 -34.23 -6.78
C ILE D 102 18.27 -34.36 -8.31
N HIS D 103 19.34 -35.03 -8.76
CA HIS D 103 19.54 -35.28 -10.19
C HIS D 103 18.41 -36.16 -10.77
N GLN D 104 17.86 -37.07 -9.97
CA GLN D 104 16.74 -37.93 -10.40
C GLN D 104 15.49 -37.10 -10.66
N SER D 105 15.26 -36.07 -9.83
CA SER D 105 14.10 -35.16 -10.02
C SER D 105 14.23 -34.33 -11.29
N TYR D 106 15.40 -33.71 -11.47
CA TYR D 106 15.69 -32.89 -12.66
C TYR D 106 15.48 -33.69 -13.94
N ASP D 107 15.96 -34.93 -13.95
CA ASP D 107 15.78 -35.83 -15.10
C ASP D 107 14.29 -36.07 -15.40
N ARG D 108 13.51 -36.35 -14.36
CA ARG D 108 12.06 -36.61 -14.50
C ARG D 108 11.34 -35.36 -15.01
N VAL D 109 11.61 -34.21 -14.39
CA VAL D 109 11.00 -32.92 -14.77
C VAL D 109 11.33 -32.57 -16.23
N LEU D 110 12.60 -32.72 -16.61
CA LEU D 110 13.06 -32.45 -17.99
C LEU D 110 12.49 -33.46 -19.00
N GLY D 111 12.28 -34.71 -18.56
CA GLY D 111 11.70 -35.75 -19.40
C GLY D 111 10.20 -35.55 -19.65
N ASN D 112 9.50 -35.02 -18.64
CA ASN D 112 8.04 -34.73 -18.74
C ASN D 112 7.76 -33.49 -19.60
N ASN D 113 8.69 -32.52 -19.56
CA ASN D 113 8.61 -31.30 -20.37
C ASN D 113 9.19 -31.51 -21.79
N LYS D 114 9.72 -32.71 -22.05
CA LYS D 114 10.26 -33.08 -23.36
C LYS D 114 11.37 -32.15 -23.85
N VAL D 115 12.20 -31.67 -22.92
CA VAL D 115 13.33 -30.81 -23.25
C VAL D 115 14.40 -31.69 -23.90
N ASN D 116 14.93 -31.28 -25.06
CA ASN D 116 15.97 -32.08 -25.71
C ASN D 116 17.33 -31.75 -25.12
N VAL D 117 17.76 -32.58 -24.17
CA VAL D 117 19.03 -32.41 -23.48
C VAL D 117 20.18 -32.91 -24.37
N ILE D 118 21.15 -32.03 -24.64
CA ILE D 118 22.31 -32.39 -25.45
C ILE D 118 23.55 -32.30 -24.57
N LYS D 119 24.29 -33.41 -24.42
CA LYS D 119 25.48 -33.39 -23.59
C LYS D 119 26.72 -33.17 -24.45
N GLY D 120 27.35 -32.02 -24.25
CA GLY D 120 28.55 -31.64 -24.98
C GLY D 120 28.90 -30.18 -24.70
N PHE D 121 30.06 -29.75 -25.16
CA PHE D 121 30.51 -28.38 -24.99
C PHE D 121 30.09 -27.60 -26.22
N ALA D 122 29.49 -26.44 -26.01
CA ALA D 122 29.01 -25.61 -27.10
C ALA D 122 29.83 -24.35 -27.34
N LYS D 123 30.13 -24.06 -28.60
CA LYS D 123 30.81 -22.83 -29.01
C LYS D 123 29.90 -22.20 -30.05
N PHE D 124 29.97 -20.88 -30.23
CA PHE D 124 29.17 -20.23 -31.25
C PHE D 124 29.87 -20.29 -32.60
N VAL D 125 29.06 -20.24 -33.65
CA VAL D 125 29.52 -20.21 -35.04
C VAL D 125 29.20 -18.81 -35.59
N ASP D 126 27.98 -18.36 -35.37
CA ASP D 126 27.53 -17.03 -35.82
C ASP D 126 26.34 -16.52 -34.95
N GLU D 127 25.63 -15.49 -35.41
CA GLU D 127 24.50 -14.90 -34.67
C GLU D 127 23.39 -15.88 -34.26
N LYS D 128 23.13 -16.90 -35.06
CA LYS D 128 22.06 -17.87 -34.72
C LYS D 128 22.42 -19.36 -34.79
N THR D 129 23.72 -19.69 -34.74
CA THR D 129 24.17 -21.09 -34.81
C THR D 129 25.17 -21.47 -33.72
N VAL D 130 25.02 -22.67 -33.19
CA VAL D 130 25.88 -23.20 -32.13
C VAL D 130 26.42 -24.58 -32.52
N GLU D 131 27.73 -24.79 -32.31
CA GLU D 131 28.40 -26.06 -32.64
C GLU D 131 28.60 -26.93 -31.38
N VAL D 132 28.16 -28.19 -31.43
CA VAL D 132 28.30 -29.12 -30.32
C VAL D 132 28.60 -30.50 -30.88
N ASN D 133 29.69 -31.12 -30.43
CA ASN D 133 30.08 -32.47 -30.87
C ASN D 133 30.13 -32.60 -32.40
N GLY D 134 30.55 -31.54 -33.09
CA GLY D 134 30.61 -31.54 -34.56
C GLY D 134 29.32 -31.05 -35.21
N GLU D 135 28.17 -31.41 -34.63
CA GLU D 135 26.85 -30.96 -35.12
C GLU D 135 26.59 -29.48 -34.85
N HIS D 136 25.77 -28.90 -35.72
CA HIS D 136 25.34 -27.52 -35.63
C HIS D 136 23.91 -27.48 -35.13
N TYR D 137 23.58 -26.46 -34.35
CA TYR D 137 22.24 -26.29 -33.82
C TYR D 137 21.86 -24.84 -34.03
N THR D 138 20.72 -24.65 -34.69
CA THR D 138 20.22 -23.31 -35.03
C THR D 138 18.87 -23.02 -34.38
N ALA D 139 18.66 -21.75 -34.01
CA ALA D 139 17.40 -21.32 -33.38
C ALA D 139 17.14 -19.81 -33.47
N ASP D 140 15.87 -19.44 -33.36
CA ASP D 140 15.46 -18.04 -33.40
C ASP D 140 15.81 -17.33 -32.09
N HIS D 141 15.89 -18.11 -31.01
CA HIS D 141 16.21 -17.59 -29.68
C HIS D 141 17.29 -18.43 -29.03
N ILE D 142 18.38 -17.78 -28.62
CA ILE D 142 19.50 -18.45 -27.97
C ILE D 142 19.80 -17.78 -26.64
N LEU D 143 19.83 -18.57 -25.58
CA LEU D 143 20.14 -18.09 -24.24
C LEU D 143 21.54 -18.53 -23.85
N ILE D 144 22.38 -17.58 -23.42
CA ILE D 144 23.72 -17.84 -22.93
C ILE D 144 23.64 -17.83 -21.42
N ALA D 145 23.84 -18.99 -20.82
CA ALA D 145 23.78 -19.15 -19.36
C ALA D 145 24.85 -20.14 -18.93
N VAL D 146 26.07 -19.89 -19.38
CA VAL D 146 27.21 -20.75 -19.10
C VAL D 146 27.89 -20.59 -17.73
N GLY D 147 27.47 -19.60 -16.94
CA GLY D 147 28.04 -19.41 -15.58
C GLY D 147 29.51 -19.05 -15.57
N GLY D 148 30.11 -19.09 -14.39
CA GLY D 148 31.53 -18.76 -14.18
C GLY D 148 32.32 -19.92 -13.64
N ARG D 149 33.50 -19.63 -13.11
CA ARG D 149 34.36 -20.65 -12.51
C ARG D 149 35.37 -19.97 -11.61
N PRO D 150 35.98 -20.70 -10.68
CA PRO D 150 36.86 -19.99 -9.75
C PRO D 150 38.08 -19.34 -10.39
N THR D 151 38.53 -18.25 -9.77
CA THR D 151 39.68 -17.51 -10.23
C THR D 151 40.88 -17.98 -9.41
N ILE D 152 41.91 -18.44 -10.11
CA ILE D 152 43.15 -18.92 -9.54
C ILE D 152 44.18 -17.83 -9.76
N PRO D 153 44.77 -17.29 -8.69
CA PRO D 153 45.71 -16.17 -8.88
C PRO D 153 46.93 -16.59 -9.66
N ASN D 154 47.52 -15.65 -10.40
CA ASN D 154 48.71 -15.92 -11.21
C ASN D 154 49.97 -15.62 -10.39
N ILE D 155 50.34 -16.58 -9.53
CA ILE D 155 51.54 -16.49 -8.70
C ILE D 155 52.19 -17.87 -8.75
N PRO D 156 53.51 -17.94 -8.45
CA PRO D 156 54.14 -19.27 -8.49
C PRO D 156 53.55 -20.24 -7.44
N GLY D 157 53.32 -21.48 -7.85
CA GLY D 157 52.77 -22.52 -6.98
C GLY D 157 51.27 -22.49 -6.79
N ALA D 158 50.60 -21.63 -7.55
CA ALA D 158 49.14 -21.52 -7.47
C ALA D 158 48.46 -22.85 -7.77
N GLU D 159 49.08 -23.65 -8.66
CA GLU D 159 48.51 -24.95 -9.04
C GLU D 159 48.43 -25.95 -7.88
N TYR D 160 49.14 -25.70 -6.77
CA TYR D 160 49.11 -26.61 -5.63
C TYR D 160 47.87 -26.38 -4.80
N GLY D 161 47.19 -25.27 -5.01
CA GLY D 161 45.97 -24.98 -4.29
C GLY D 161 44.78 -25.54 -5.04
N ILE D 162 43.67 -25.68 -4.33
CA ILE D 162 42.42 -26.15 -4.91
C ILE D 162 41.44 -24.98 -4.80
N ASP D 163 40.25 -25.16 -5.36
CA ASP D 163 39.22 -24.13 -5.30
C ASP D 163 37.97 -24.77 -4.70
N SER D 164 36.84 -24.09 -4.78
CA SER D 164 35.61 -24.66 -4.23
C SER D 164 35.26 -26.04 -4.85
N ASN D 165 35.50 -26.24 -6.15
CA ASN D 165 35.21 -27.55 -6.78
C ASN D 165 36.07 -28.62 -6.11
N GLY D 166 37.36 -28.31 -6.00
CA GLY D 166 38.31 -29.22 -5.36
C GLY D 166 38.00 -29.47 -3.89
N PHE D 167 37.44 -28.48 -3.20
CA PHE D 167 37.08 -28.66 -1.80
C PHE D 167 35.97 -29.70 -1.62
N PHE D 168 34.98 -29.68 -2.50
CA PHE D 168 33.91 -30.66 -2.43
C PHE D 168 34.35 -32.03 -2.95
N ASP D 169 35.46 -32.10 -3.68
CA ASP D 169 36.01 -33.38 -4.15
C ASP D 169 36.79 -34.12 -3.05
N LEU D 170 37.11 -33.44 -1.94
CA LEU D 170 37.85 -34.06 -0.85
C LEU D 170 37.08 -35.25 -0.24
N ALA D 171 37.72 -36.42 -0.24
CA ALA D 171 37.15 -37.64 0.33
C ALA D 171 37.55 -37.79 1.79
N GLU D 172 38.61 -37.09 2.20
CA GLU D 172 39.07 -37.12 3.61
C GLU D 172 39.40 -35.74 4.15
N GLN D 173 39.32 -35.63 5.47
CA GLN D 173 39.51 -34.35 6.13
C GLN D 173 40.96 -33.93 6.26
N PRO D 174 41.28 -32.72 5.82
CA PRO D 174 42.65 -32.25 6.03
C PRO D 174 42.78 -31.74 7.46
N LYS D 175 43.95 -31.93 8.04
CA LYS D 175 44.21 -31.51 9.41
C LYS D 175 44.40 -30.01 9.52
N ARG D 176 45.01 -29.42 8.50
CA ARG D 176 45.24 -27.98 8.47
C ARG D 176 44.93 -27.43 7.09
N VAL D 177 44.22 -26.30 7.04
CA VAL D 177 43.84 -25.68 5.76
C VAL D 177 43.98 -24.17 5.83
N ALA D 178 44.44 -23.60 4.72
CA ALA D 178 44.50 -22.15 4.54
C ALA D 178 43.42 -21.83 3.53
N VAL D 179 42.46 -20.98 3.92
CA VAL D 179 41.39 -20.54 3.05
C VAL D 179 41.69 -19.10 2.70
N VAL D 180 41.82 -18.83 1.40
CA VAL D 180 42.19 -17.52 0.91
C VAL D 180 41.02 -16.84 0.22
N GLY D 181 40.66 -15.66 0.72
CA GLY D 181 39.56 -14.89 0.17
C GLY D 181 38.77 -14.22 1.28
N ALA D 182 37.97 -13.22 0.92
CA ALA D 182 37.17 -12.46 1.88
C ALA D 182 35.67 -12.50 1.58
N GLY D 183 35.27 -13.18 0.50
CA GLY D 183 33.85 -13.30 0.13
C GLY D 183 33.10 -14.34 0.94
N TYR D 184 31.82 -14.52 0.64
CA TYR D 184 30.98 -15.47 1.38
C TYR D 184 31.46 -16.91 1.21
N ILE D 185 31.96 -17.27 0.04
CA ILE D 185 32.43 -18.62 -0.20
C ILE D 185 33.59 -18.95 0.74
N ALA D 186 34.61 -18.10 0.78
CA ALA D 186 35.75 -18.29 1.69
C ALA D 186 35.32 -18.37 3.16
N VAL D 187 34.41 -17.48 3.57
CA VAL D 187 33.92 -17.45 4.96
C VAL D 187 33.16 -18.74 5.32
N GLU D 188 32.24 -19.15 4.43
CA GLU D 188 31.44 -20.38 4.62
C GLU D 188 32.33 -21.61 4.76
N ILE D 189 33.26 -21.81 3.83
CA ILE D 189 34.15 -22.95 3.88
C ILE D 189 35.04 -22.93 5.14
N ALA D 190 35.62 -21.77 5.45
CA ALA D 190 36.46 -21.63 6.64
C ALA D 190 35.73 -21.96 7.94
N GLY D 191 34.48 -21.51 8.07
CA GLY D 191 33.69 -21.78 9.27
C GLY D 191 33.31 -23.26 9.39
N VAL D 192 33.04 -23.90 8.26
CA VAL D 192 32.69 -25.33 8.27
C VAL D 192 33.92 -26.12 8.69
N LEU D 193 35.06 -25.81 8.07
CA LEU D 193 36.29 -26.52 8.39
C LEU D 193 36.58 -26.40 9.87
N HIS D 194 36.56 -25.18 10.40
CA HIS D 194 36.85 -25.03 11.80
C HIS D 194 35.95 -25.87 12.71
N ALA D 195 34.64 -25.76 12.53
CA ALA D 195 33.67 -26.50 13.36
C ALA D 195 33.81 -28.01 13.28
N LEU D 196 34.26 -28.50 12.12
CA LEU D 196 34.44 -29.95 11.94
C LEU D 196 35.81 -30.49 12.43
N GLY D 197 36.63 -29.63 13.06
CA GLY D 197 37.91 -30.06 13.65
C GLY D 197 39.20 -29.84 12.88
N THR D 198 39.14 -29.11 11.77
CA THR D 198 40.33 -28.84 11.00
C THR D 198 40.96 -27.54 11.50
N GLU D 199 42.28 -27.50 11.60
CA GLU D 199 42.96 -26.27 11.99
C GLU D 199 42.82 -25.37 10.76
N THR D 200 42.05 -24.29 10.89
CA THR D 200 41.70 -23.43 9.76
C THR D 200 42.18 -21.98 9.86
N HIS D 201 42.79 -21.50 8.79
CA HIS D 201 43.26 -20.12 8.70
C HIS D 201 42.55 -19.41 7.54
N LEU D 202 42.08 -18.20 7.78
CA LEU D 202 41.40 -17.40 6.77
C LEU D 202 42.27 -16.18 6.44
N PHE D 203 42.75 -16.12 5.19
CA PHE D 203 43.62 -15.03 4.71
C PHE D 203 42.88 -14.04 3.81
N VAL D 204 42.71 -12.81 4.32
CA VAL D 204 42.04 -11.73 3.60
C VAL D 204 43.09 -10.69 3.25
N ARG D 205 42.92 -10.07 2.09
CA ARG D 205 43.88 -9.08 1.56
C ARG D 205 43.90 -7.74 2.25
N LYS D 206 42.78 -7.33 2.86
CA LYS D 206 42.70 -6.01 3.49
C LYS D 206 42.34 -6.07 4.98
N GLU D 207 41.40 -5.23 5.45
CA GLU D 207 41.10 -5.16 6.90
C GLU D 207 40.19 -6.26 7.48
N SER D 208 39.32 -6.86 6.67
CA SER D 208 38.39 -7.89 7.18
C SER D 208 37.75 -8.67 6.05
N PRO D 209 36.96 -9.71 6.40
CA PRO D 209 36.21 -10.40 5.35
C PRO D 209 34.90 -9.65 5.13
N LEU D 210 34.15 -10.08 4.11
CA LEU D 210 32.82 -9.52 3.78
C LEU D 210 32.74 -7.99 3.85
N ARG D 211 33.65 -7.33 3.14
CA ARG D 211 33.73 -5.85 3.16
C ARG D 211 32.48 -5.13 2.66
N SER D 212 31.71 -5.78 1.79
CA SER D 212 30.46 -5.19 1.26
C SER D 212 29.28 -5.25 2.24
N PHE D 213 29.43 -5.95 3.37
CA PHE D 213 28.37 -6.08 4.37
C PHE D 213 28.47 -4.96 5.42
N ASP D 214 27.36 -4.79 6.14
CA ASP D 214 27.25 -3.76 7.15
C ASP D 214 28.30 -3.96 8.23
N PRO D 215 28.93 -2.88 8.71
CA PRO D 215 29.95 -2.97 9.78
C PRO D 215 29.54 -3.81 10.98
N MET D 216 28.27 -3.77 11.36
CA MET D 216 27.79 -4.55 12.49
C MET D 216 27.94 -6.06 12.19
N ILE D 217 27.67 -6.46 10.95
CA ILE D 217 27.82 -7.86 10.57
C ILE D 217 29.29 -8.24 10.56
N ILE D 218 30.12 -7.40 9.96
CA ILE D 218 31.56 -7.67 9.93
C ILE D 218 32.14 -7.77 11.36
N ASP D 219 31.90 -6.76 12.20
CA ASP D 219 32.50 -6.74 13.55
C ASP D 219 32.06 -7.90 14.41
N THR D 220 30.81 -8.32 14.27
CA THR D 220 30.30 -9.45 15.04
C THR D 220 30.92 -10.76 14.57
N LEU D 221 31.04 -10.92 13.25
CA LEU D 221 31.63 -12.15 12.66
C LEU D 221 33.08 -12.26 13.04
N VAL D 222 33.79 -11.15 12.95
CA VAL D 222 35.21 -11.08 13.34
C VAL D 222 35.39 -11.37 14.86
N GLU D 223 34.48 -10.85 15.68
CA GLU D 223 34.53 -11.10 17.15
C GLU D 223 34.31 -12.59 17.49
N VAL D 224 33.31 -13.20 16.84
CA VAL D 224 32.98 -14.61 17.06
C VAL D 224 34.07 -15.51 16.48
N MET D 225 34.65 -15.14 15.34
CA MET D 225 35.75 -15.93 14.77
C MET D 225 36.93 -15.96 15.76
N GLU D 226 37.25 -14.80 16.33
CA GLU D 226 38.34 -14.69 17.29
C GLU D 226 38.22 -15.67 18.48
N ALA D 227 36.99 -15.97 18.89
CA ALA D 227 36.75 -16.86 20.05
C ALA D 227 36.40 -18.32 19.73
N GLU D 228 35.54 -18.55 18.74
CA GLU D 228 35.06 -19.92 18.40
C GLU D 228 35.29 -20.36 16.96
N GLY D 229 35.80 -19.49 16.10
CA GLY D 229 35.96 -19.81 14.68
C GLY D 229 37.38 -19.89 14.20
N PRO D 230 37.58 -19.83 12.87
CA PRO D 230 38.92 -19.91 12.30
C PRO D 230 39.80 -18.72 12.64
N THR D 231 41.10 -18.91 12.45
CA THR D 231 42.09 -17.87 12.72
C THR D 231 42.16 -16.92 11.50
N LEU D 232 41.77 -15.66 11.71
CA LEU D 232 41.78 -14.65 10.67
C LEU D 232 43.16 -14.01 10.50
N HIS D 233 43.56 -13.81 9.25
CA HIS D 233 44.82 -13.14 8.91
C HIS D 233 44.49 -12.03 7.95
N THR D 234 44.69 -10.80 8.41
CA THR D 234 44.40 -9.59 7.68
C THR D 234 45.62 -9.08 6.96
N HIS D 235 45.41 -8.18 5.98
CA HIS D 235 46.49 -7.56 5.20
C HIS D 235 47.49 -8.61 4.72
N SER D 236 46.92 -9.65 4.11
CA SER D 236 47.64 -10.81 3.65
C SER D 236 47.44 -11.01 2.16
N VAL D 237 48.48 -10.66 1.39
CA VAL D 237 48.44 -10.78 -0.05
C VAL D 237 49.36 -11.94 -0.45
N PRO D 238 48.79 -13.04 -0.99
CA PRO D 238 49.60 -14.19 -1.42
C PRO D 238 50.71 -13.81 -2.39
N LYS D 239 51.93 -14.31 -2.15
CA LYS D 239 53.07 -14.07 -3.05
C LYS D 239 53.44 -15.35 -3.80
N GLU D 240 53.35 -16.48 -3.09
CA GLU D 240 53.76 -17.76 -3.63
C GLU D 240 53.29 -18.90 -2.74
N VAL D 241 53.18 -20.09 -3.33
CA VAL D 241 52.86 -21.29 -2.59
C VAL D 241 53.99 -22.30 -2.91
N VAL D 242 54.72 -22.73 -1.88
CA VAL D 242 55.81 -23.69 -2.03
C VAL D 242 55.29 -25.06 -1.62
N LYS D 243 55.73 -26.10 -2.32
CA LYS D 243 55.38 -27.49 -1.99
C LYS D 243 56.57 -28.12 -1.29
N GLU D 244 56.42 -28.39 0.00
CA GLU D 244 57.50 -28.94 0.82
C GLU D 244 57.75 -30.43 0.58
N ALA D 245 58.93 -30.89 0.98
CA ALA D 245 59.32 -32.32 0.81
C ALA D 245 58.37 -33.31 1.49
N ASP D 246 57.72 -32.88 2.58
CA ASP D 246 56.76 -33.75 3.28
C ASP D 246 55.36 -33.78 2.61
N GLY D 247 55.24 -33.18 1.42
CA GLY D 247 53.97 -33.11 0.71
C GLY D 247 53.07 -31.92 1.08
N SER D 248 53.36 -31.29 2.23
CA SER D 248 52.56 -30.17 2.71
C SER D 248 52.80 -28.92 1.88
N LEU D 249 52.02 -27.87 2.16
CA LEU D 249 52.12 -26.60 1.44
C LEU D 249 52.40 -25.42 2.36
N THR D 250 53.14 -24.46 1.84
CA THR D 250 53.44 -23.24 2.59
C THR D 250 53.02 -22.04 1.76
N LEU D 251 52.12 -21.23 2.33
CA LEU D 251 51.64 -20.00 1.72
C LEU D 251 52.56 -18.88 2.15
N HIS D 252 53.13 -18.18 1.19
CA HIS D 252 54.01 -17.05 1.49
C HIS D 252 53.25 -15.77 1.17
N LEU D 253 53.33 -14.80 2.08
CA LEU D 253 52.61 -13.54 1.96
C LEU D 253 53.59 -12.43 1.66
N GLU D 254 53.12 -11.40 0.95
CA GLU D 254 53.97 -10.25 0.61
C GLU D 254 54.58 -9.58 1.83
N ASN D 255 53.84 -9.60 2.93
CA ASN D 255 54.32 -8.97 4.17
C ASN D 255 55.46 -9.73 4.88
N GLY D 256 55.90 -10.84 4.28
CA GLY D 256 57.01 -11.62 4.84
C GLY D 256 56.61 -12.89 5.59
N GLU D 257 55.41 -12.90 6.17
CA GLU D 257 54.96 -14.07 6.93
C GLU D 257 54.51 -15.25 6.06
N SER D 258 54.29 -16.40 6.69
CA SER D 258 53.91 -17.63 5.99
C SER D 258 53.19 -18.62 6.89
N GLN D 259 52.49 -19.56 6.27
CA GLN D 259 51.73 -20.57 7.02
C GLN D 259 51.86 -21.91 6.32
N ASN D 260 52.20 -22.95 7.08
CA ASN D 260 52.35 -24.30 6.57
C ASN D 260 51.00 -24.98 6.77
N VAL D 261 50.46 -25.56 5.72
CA VAL D 261 49.17 -26.24 5.78
C VAL D 261 49.17 -27.45 4.87
N ASP D 262 48.18 -28.31 5.05
CA ASP D 262 48.05 -29.56 4.27
C ASP D 262 47.29 -29.34 2.97
N GLN D 263 46.45 -28.31 2.95
CA GLN D 263 45.66 -28.06 1.77
C GLN D 263 45.38 -26.56 1.74
N LEU D 264 45.38 -25.97 0.55
CA LEU D 264 45.13 -24.53 0.41
C LEU D 264 44.00 -24.32 -0.60
N ILE D 265 42.98 -23.56 -0.17
CA ILE D 265 41.79 -23.28 -0.99
C ILE D 265 41.71 -21.83 -1.49
N TRP D 266 41.71 -21.66 -2.82
CA TRP D 266 41.58 -20.33 -3.44
C TRP D 266 40.10 -20.01 -3.56
N ALA D 267 39.66 -19.01 -2.80
CA ALA D 267 38.28 -18.56 -2.85
C ALA D 267 38.34 -17.04 -2.98
N ILE D 268 39.11 -16.58 -3.97
CA ILE D 268 39.34 -15.15 -4.20
C ILE D 268 38.39 -14.49 -5.20
N GLY D 269 37.59 -15.29 -5.87
CA GLY D 269 36.66 -14.77 -6.85
C GLY D 269 36.30 -15.79 -7.90
N ARG D 270 35.29 -15.42 -8.69
CA ARG D 270 34.82 -16.19 -9.82
C ARG D 270 34.78 -15.24 -11.01
N HIS D 271 35.10 -15.75 -12.19
CA HIS D 271 35.07 -14.96 -13.40
C HIS D 271 34.20 -15.71 -14.42
N PRO D 272 33.51 -14.98 -15.30
CA PRO D 272 32.58 -15.61 -16.27
C PRO D 272 33.22 -16.48 -17.35
N ALA D 273 32.51 -17.53 -17.75
CA ALA D 273 32.97 -18.48 -18.78
C ALA D 273 32.60 -18.04 -20.19
N THR D 274 32.75 -16.76 -20.45
CA THR D 274 32.40 -16.15 -21.74
C THR D 274 33.60 -16.03 -22.68
N ASP D 275 34.71 -16.64 -22.26
CA ASP D 275 35.97 -16.58 -23.01
C ASP D 275 36.30 -17.85 -23.80
N ALA D 276 35.44 -18.87 -23.73
CA ALA D 276 35.70 -20.14 -24.42
C ALA D 276 34.56 -20.60 -25.37
N ILE D 277 33.69 -19.67 -25.77
CA ILE D 277 32.53 -19.97 -26.63
C ILE D 277 32.50 -19.21 -27.94
N ASN D 278 33.66 -18.70 -28.38
CA ASN D 278 33.78 -17.96 -29.64
C ASN D 278 32.70 -16.85 -29.72
N LEU D 279 32.51 -16.16 -28.59
CA LEU D 279 31.50 -15.11 -28.45
C LEU D 279 31.67 -13.95 -29.44
N ALA D 280 32.91 -13.63 -29.79
CA ALA D 280 33.15 -12.53 -30.73
C ALA D 280 32.56 -12.77 -32.11
N SER D 281 32.18 -14.01 -32.44
CA SER D 281 31.59 -14.30 -33.79
C SER D 281 30.11 -13.93 -33.89
N THR D 282 29.48 -13.63 -32.75
CA THR D 282 28.05 -13.27 -32.70
C THR D 282 27.80 -11.75 -32.71
N GLY D 283 28.83 -10.97 -32.36
CA GLY D 283 28.72 -9.53 -32.28
C GLY D 283 28.26 -9.07 -30.90
N VAL D 284 28.02 -10.03 -29.99
CA VAL D 284 27.54 -9.68 -28.64
C VAL D 284 28.61 -8.91 -27.85
N ALA D 285 28.17 -7.89 -27.12
CA ALA D 285 29.09 -7.05 -26.36
C ALA D 285 29.24 -7.54 -24.93
N THR D 286 30.46 -7.42 -24.41
CA THR D 286 30.78 -7.76 -23.04
C THR D 286 31.34 -6.49 -22.43
N ASN D 287 31.56 -6.50 -21.12
CA ASN D 287 32.12 -5.33 -20.43
C ASN D 287 33.63 -5.53 -20.18
N GLU D 288 34.21 -4.72 -19.30
CA GLU D 288 35.65 -4.77 -18.97
C GLU D 288 36.15 -6.13 -18.45
N LYS D 289 35.28 -6.85 -17.72
CA LYS D 289 35.64 -8.16 -17.16
C LYS D 289 34.91 -9.35 -17.80
N GLY D 290 34.48 -9.19 -19.04
CA GLY D 290 33.86 -10.28 -19.77
C GLY D 290 32.41 -10.63 -19.48
N TYR D 291 31.73 -9.81 -18.68
CA TYR D 291 30.31 -10.03 -18.40
C TYR D 291 29.50 -9.54 -19.60
N ILE D 292 28.51 -10.33 -20.02
CA ILE D 292 27.65 -9.98 -21.14
C ILE D 292 26.64 -8.89 -20.74
N LYS D 293 26.55 -7.83 -21.54
CA LYS D 293 25.61 -6.73 -21.27
C LYS D 293 24.21 -7.08 -21.79
N VAL D 294 23.21 -6.65 -21.02
CA VAL D 294 21.82 -6.89 -21.37
C VAL D 294 20.96 -5.72 -20.98
N ASP D 295 19.80 -5.65 -21.60
CA ASP D 295 18.77 -4.66 -21.28
C ASP D 295 17.95 -5.26 -20.11
N GLU D 296 16.86 -4.62 -19.74
CA GLU D 296 16.02 -5.12 -18.63
C GLU D 296 15.27 -6.42 -18.92
N TYR D 297 15.19 -6.82 -20.19
CA TYR D 297 14.50 -8.04 -20.58
C TYR D 297 15.49 -9.18 -20.94
N GLN D 298 16.71 -9.08 -20.37
CA GLN D 298 17.81 -10.06 -20.55
C GLN D 298 18.36 -10.16 -22.00
N GLU D 299 18.00 -9.22 -22.87
CA GLU D 299 18.47 -9.29 -24.25
C GLU D 299 19.76 -8.49 -24.47
N THR D 300 20.70 -9.11 -25.18
CA THR D 300 22.00 -8.50 -25.52
C THR D 300 21.78 -7.49 -26.65
N ASN D 301 22.86 -6.88 -27.14
CA ASN D 301 22.77 -5.95 -28.27
C ASN D 301 22.42 -6.66 -29.60
N VAL D 302 22.40 -7.98 -29.61
CA VAL D 302 22.06 -8.73 -30.82
C VAL D 302 20.70 -9.39 -30.62
N LYS D 303 19.79 -9.16 -31.56
CA LYS D 303 18.45 -9.73 -31.46
C LYS D 303 18.52 -11.25 -31.53
N GLY D 304 17.73 -11.91 -30.69
CA GLY D 304 17.66 -13.36 -30.63
C GLY D 304 18.67 -14.00 -29.68
N ILE D 305 19.52 -13.18 -29.04
CA ILE D 305 20.52 -13.71 -28.10
C ILE D 305 20.33 -13.07 -26.73
N TYR D 306 20.14 -13.90 -25.71
CA TYR D 306 19.86 -13.45 -24.34
C TYR D 306 20.88 -14.00 -23.36
N CYS D 307 20.87 -13.45 -22.14
CA CYS D 307 21.81 -13.86 -21.09
C CYS D 307 21.24 -13.70 -19.68
N VAL D 308 21.42 -14.74 -18.86
CA VAL D 308 20.98 -14.73 -17.47
C VAL D 308 22.02 -15.37 -16.59
N GLY D 309 21.95 -15.11 -15.29
CA GLY D 309 22.85 -15.74 -14.34
C GLY D 309 24.10 -14.96 -14.00
N ASP D 310 25.14 -15.69 -13.58
CA ASP D 310 26.41 -15.12 -13.12
C ASP D 310 27.21 -14.31 -14.15
N ILE D 311 27.08 -14.63 -15.44
CA ILE D 311 27.83 -13.91 -16.49
C ILE D 311 27.17 -12.61 -16.98
N MET D 312 25.94 -12.36 -16.55
CA MET D 312 25.18 -11.16 -16.90
C MET D 312 25.76 -9.92 -16.22
N GLU D 313 25.95 -8.84 -16.97
CA GLU D 313 26.45 -7.60 -16.36
C GLU D 313 25.38 -7.00 -15.44
N GLY D 314 25.79 -6.61 -14.24
CA GLY D 314 24.86 -6.03 -13.27
C GLY D 314 23.90 -7.05 -12.67
N GLY D 315 24.22 -8.34 -12.83
CA GLY D 315 23.40 -9.39 -12.27
C GLY D 315 23.77 -9.61 -10.81
N ILE D 316 23.23 -10.66 -10.22
CA ILE D 316 23.52 -11.02 -8.85
C ILE D 316 23.77 -12.51 -8.84
N GLU D 317 24.95 -12.90 -8.39
CA GLU D 317 25.35 -14.28 -8.41
C GLU D 317 24.76 -15.09 -7.26
N LEU D 318 23.46 -15.38 -7.45
CA LEU D 318 22.68 -16.21 -6.57
C LEU D 318 21.82 -17.07 -7.49
N THR D 319 21.53 -18.28 -7.05
CA THR D 319 20.74 -19.22 -7.85
C THR D 319 19.32 -18.78 -8.13
N PRO D 320 18.57 -18.36 -7.08
CA PRO D 320 17.18 -17.95 -7.35
C PRO D 320 17.04 -16.79 -8.34
N VAL D 321 18.08 -15.95 -8.45
CA VAL D 321 18.09 -14.83 -9.42
C VAL D 321 18.13 -15.40 -10.84
N ALA D 322 19.06 -16.31 -11.10
CA ALA D 322 19.18 -16.92 -12.41
C ALA D 322 17.89 -17.68 -12.76
N VAL D 323 17.35 -18.39 -11.77
CA VAL D 323 16.12 -19.17 -11.94
C VAL D 323 14.98 -18.27 -12.39
N LYS D 324 14.70 -17.22 -11.62
CA LYS D 324 13.60 -16.30 -11.94
C LYS D 324 13.85 -15.49 -13.22
N ALA D 325 15.10 -15.12 -13.50
CA ALA D 325 15.38 -14.37 -14.73
C ALA D 325 15.16 -15.25 -15.96
N GLY D 326 15.54 -16.52 -15.86
CA GLY D 326 15.37 -17.46 -16.96
C GLY D 326 13.91 -17.80 -17.16
N ARG D 327 13.19 -17.94 -16.03
CA ARG D 327 11.76 -18.24 -16.10
C ARG D 327 10.98 -17.09 -16.72
N GLN D 328 11.26 -15.86 -16.28
CA GLN D 328 10.55 -14.69 -16.80
C GLN D 328 10.85 -14.44 -18.28
N LEU D 329 12.08 -14.75 -18.72
CA LEU D 329 12.46 -14.63 -20.11
C LEU D 329 11.60 -15.59 -20.96
N SER D 330 11.42 -16.81 -20.47
CA SER D 330 10.56 -17.79 -21.14
C SER D 330 9.09 -17.36 -21.11
N GLU D 331 8.67 -16.65 -20.05
CA GLU D 331 7.28 -16.15 -19.97
C GLU D 331 7.07 -15.13 -21.08
N ARG D 332 8.06 -14.26 -21.25
CA ARG D 332 8.02 -13.21 -22.25
C ARG D 332 8.04 -13.76 -23.69
N LEU D 333 9.07 -14.53 -23.99
CA LEU D 333 9.26 -15.07 -25.33
C LEU D 333 8.21 -16.06 -25.80
N PHE D 334 7.74 -16.92 -24.91
CA PHE D 334 6.82 -18.00 -25.27
C PHE D 334 5.44 -18.03 -24.63
N ASN D 335 5.17 -17.17 -23.65
CA ASN D 335 3.82 -17.10 -23.05
C ASN D 335 3.14 -15.73 -23.28
N ASN D 336 3.56 -15.04 -24.34
N ASN D 336 3.57 -15.03 -24.33
CA ASN D 336 3.00 -13.73 -24.72
CA ASN D 336 2.98 -13.76 -24.74
C ASN D 336 2.87 -12.74 -23.58
C ASN D 336 2.87 -12.72 -23.59
N LYS D 337 3.98 -12.49 -22.89
CA LYS D 337 4.03 -11.52 -21.76
C LYS D 337 5.21 -10.57 -21.90
N PRO D 338 5.09 -9.60 -22.82
CA PRO D 338 6.17 -8.64 -23.12
C PRO D 338 6.69 -7.79 -21.96
N ASN D 339 5.92 -7.66 -20.87
CA ASN D 339 6.42 -6.91 -19.69
C ASN D 339 7.12 -7.81 -18.68
N ALA D 340 7.06 -9.13 -18.87
CA ALA D 340 7.71 -10.09 -17.95
C ALA D 340 9.22 -9.90 -17.90
N LYS D 341 9.72 -9.63 -16.70
CA LYS D 341 11.13 -9.35 -16.47
C LYS D 341 11.49 -9.68 -15.04
N MET D 342 12.77 -9.53 -14.75
CA MET D 342 13.35 -9.79 -13.44
C MET D 342 13.62 -8.47 -12.72
N ASP D 343 13.31 -8.42 -11.43
CA ASP D 343 13.52 -7.25 -10.58
C ASP D 343 14.72 -7.52 -9.63
N TYR D 344 15.85 -6.89 -9.93
CA TYR D 344 17.09 -7.08 -9.17
C TYR D 344 17.21 -6.21 -7.91
N ASP D 345 16.13 -5.55 -7.52
CA ASP D 345 16.12 -4.72 -6.31
C ASP D 345 15.66 -5.56 -5.11
N LEU D 346 16.20 -5.24 -3.95
CA LEU D 346 15.85 -5.91 -2.68
C LEU D 346 15.84 -7.45 -2.71
N VAL D 347 16.89 -8.02 -3.29
CA VAL D 347 17.04 -9.45 -3.29
C VAL D 347 17.74 -9.81 -1.98
N PRO D 348 17.17 -10.74 -1.19
CA PRO D 348 17.80 -11.14 0.07
C PRO D 348 18.93 -12.13 -0.11
N THR D 349 19.89 -12.08 0.80
CA THR D 349 21.03 -12.95 0.78
C THR D 349 21.22 -13.51 2.19
N VAL D 350 21.65 -14.77 2.23
CA VAL D 350 22.01 -15.43 3.47
C VAL D 350 23.35 -16.11 3.27
N VAL D 351 24.25 -15.88 4.23
CA VAL D 351 25.57 -16.49 4.23
C VAL D 351 25.61 -17.52 5.34
N PHE D 352 25.87 -18.77 4.99
CA PHE D 352 25.92 -19.85 5.96
C PHE D 352 27.27 -19.92 6.64
N SER D 353 27.58 -18.82 7.31
CA SER D 353 28.77 -18.68 8.08
C SER D 353 28.45 -19.18 9.50
N HIS D 354 29.44 -19.09 10.38
CA HIS D 354 29.31 -19.48 11.77
C HIS D 354 29.58 -18.23 12.62
N PRO D 355 28.55 -17.52 13.08
CA PRO D 355 27.12 -17.83 12.88
C PRO D 355 26.59 -17.29 11.56
N PRO D 356 25.40 -17.75 11.13
CA PRO D 356 24.85 -17.33 9.83
C PRO D 356 24.41 -15.86 9.74
N ILE D 357 24.45 -15.32 8.52
CA ILE D 357 24.13 -13.93 8.24
C ILE D 357 22.96 -13.81 7.27
N GLY D 358 22.11 -12.80 7.49
CA GLY D 358 20.96 -12.52 6.63
C GLY D 358 20.86 -11.02 6.36
N THR D 359 20.82 -10.65 5.09
CA THR D 359 20.75 -9.26 4.73
C THR D 359 19.89 -8.94 3.49
N ILE D 360 19.20 -7.80 3.57
CA ILE D 360 18.41 -7.29 2.46
C ILE D 360 18.64 -5.79 2.40
N GLY D 361 18.81 -5.28 1.18
CA GLY D 361 18.96 -3.86 0.94
C GLY D 361 20.28 -3.24 1.32
N LEU D 362 20.22 -1.95 1.62
CA LEU D 362 21.37 -1.14 1.86
C LEU D 362 22.00 -1.26 3.24
N THR D 363 23.31 -1.11 3.24
CA THR D 363 24.07 -1.07 4.47
C THR D 363 23.91 0.34 5.00
N THR D 364 24.31 0.56 6.26
CA THR D 364 24.26 1.90 6.83
C THR D 364 24.94 2.96 5.94
N GLN D 365 26.15 2.68 5.46
CA GLN D 365 26.89 3.68 4.65
C GLN D 365 26.26 3.92 3.28
N GLU D 366 25.81 2.86 2.61
CA GLU D 366 25.13 2.98 1.31
C GLU D 366 23.84 3.80 1.45
N ALA D 367 23.17 3.66 2.59
CA ALA D 367 21.96 4.45 2.88
C ALA D 367 22.35 5.90 3.18
N GLU D 368 23.43 6.11 3.94
CA GLU D 368 23.89 7.49 4.22
C GLU D 368 24.29 8.23 2.94
N GLU D 369 24.91 7.51 1.99
CA GLU D 369 25.33 8.15 0.71
C GLU D 369 24.14 8.44 -0.19
N LYS D 370 23.15 7.53 -0.22
CA LYS D 370 21.98 7.74 -1.07
C LYS D 370 21.04 8.81 -0.55
N TYR D 371 20.74 8.78 0.75
CA TYR D 371 19.77 9.70 1.35
C TYR D 371 20.35 10.84 2.17
N GLY D 372 21.58 10.69 2.64
CA GLY D 372 22.23 11.72 3.46
C GLY D 372 22.22 11.30 4.92
N LYS D 373 23.39 11.32 5.55
CA LYS D 373 23.57 10.92 6.95
C LYS D 373 22.39 11.25 7.88
N ASP D 374 22.08 12.53 8.04
CA ASP D 374 21.02 12.92 8.97
C ASP D 374 19.56 12.72 8.49
N ASN D 375 19.37 12.07 7.33
CA ASN D 375 18.02 11.76 6.83
C ASN D 375 17.66 10.28 7.06
N ILE D 376 18.61 9.49 7.57
CA ILE D 376 18.34 8.09 7.89
C ILE D 376 18.30 7.90 9.40
N LYS D 377 17.68 6.81 9.82
CA LYS D 377 17.60 6.45 11.22
C LYS D 377 17.93 4.96 11.31
N VAL D 378 18.85 4.63 12.20
CA VAL D 378 19.29 3.26 12.39
C VAL D 378 18.81 2.73 13.73
N TYR D 379 18.13 1.59 13.66
CA TYR D 379 17.68 0.88 14.85
C TYR D 379 18.53 -0.40 14.97
N THR D 380 18.86 -0.77 16.20
CA THR D 380 19.63 -1.98 16.45
C THR D 380 19.07 -2.75 17.61
N SER D 381 19.49 -4.01 17.68
CA SER D 381 19.18 -4.91 18.78
C SER D 381 20.33 -5.87 18.98
N GLY D 382 20.94 -5.79 20.15
CA GLY D 382 22.03 -6.67 20.55
C GLY D 382 21.52 -7.60 21.64
N PHE D 383 21.53 -8.90 21.37
CA PHE D 383 21.08 -9.86 22.35
C PHE D 383 21.89 -11.14 22.28
N THR D 384 21.61 -12.03 23.23
CA THR D 384 22.25 -13.34 23.29
C THR D 384 21.13 -14.33 23.02
N ALA D 385 21.33 -15.19 22.02
CA ALA D 385 20.30 -16.16 21.68
C ALA D 385 20.09 -17.05 22.87
N MET D 386 18.83 -17.32 23.20
CA MET D 386 18.51 -18.15 24.35
C MET D 386 19.21 -19.53 24.30
N TYR D 387 19.37 -20.07 23.08
CA TYR D 387 20.03 -21.34 22.85
C TYR D 387 21.42 -21.43 23.43
N THR D 388 22.19 -20.34 23.32
CA THR D 388 23.55 -20.30 23.83
C THR D 388 23.64 -19.56 25.16
N ALA D 389 22.59 -18.84 25.54
CA ALA D 389 22.60 -18.04 26.77
C ALA D 389 22.81 -18.85 28.06
N VAL D 390 22.36 -20.11 28.04
CA VAL D 390 22.49 -21.01 29.20
C VAL D 390 23.85 -21.73 29.26
N THR D 391 24.69 -21.54 28.24
CA THR D 391 25.99 -22.21 28.19
C THR D 391 27.12 -21.24 28.52
N LYS D 392 28.35 -21.74 28.59
CA LYS D 392 29.52 -20.88 28.81
C LYS D 392 30.23 -20.58 27.48
N HIS D 393 29.45 -20.72 26.39
CA HIS D 393 29.87 -20.43 25.04
C HIS D 393 28.77 -19.57 24.44
N ARG D 394 28.42 -18.50 25.15
CA ARG D 394 27.37 -17.59 24.70
C ARG D 394 27.86 -16.73 23.51
N GLN D 395 27.05 -16.79 22.45
CA GLN D 395 27.25 -16.11 21.17
C GLN D 395 26.32 -14.91 21.07
N PRO D 396 26.88 -13.72 20.79
CA PRO D 396 26.03 -12.55 20.64
C PRO D 396 25.37 -12.54 19.25
N CYS D 397 24.12 -12.09 19.21
CA CYS D 397 23.40 -11.91 17.96
C CYS D 397 23.22 -10.42 17.82
N LYS D 398 23.21 -9.95 16.59
CA LYS D 398 22.99 -8.54 16.33
C LYS D 398 22.10 -8.36 15.10
N MET D 399 21.16 -7.42 15.22
CA MET D 399 20.21 -7.10 14.16
C MET D 399 20.13 -5.59 13.98
N LYS D 400 19.81 -5.17 12.76
CA LYS D 400 19.75 -3.76 12.39
C LYS D 400 18.76 -3.49 11.30
N LEU D 401 18.04 -2.38 11.49
CA LEU D 401 17.13 -1.87 10.50
C LEU D 401 17.67 -0.49 10.12
N VAL D 402 17.89 -0.27 8.83
CA VAL D 402 18.33 1.03 8.32
C VAL D 402 17.08 1.63 7.69
N CYS D 403 16.65 2.79 8.20
CA CYS D 403 15.45 3.44 7.70
C CYS D 403 15.77 4.79 7.10
N ALA D 404 14.99 5.20 6.11
CA ALA D 404 15.20 6.48 5.42
C ALA D 404 13.90 7.27 5.28
N GLY D 405 14.04 8.59 5.32
CA GLY D 405 12.91 9.51 5.17
C GLY D 405 12.14 9.69 6.45
N GLU D 406 11.16 10.58 6.38
CA GLU D 406 10.31 10.87 7.54
C GLU D 406 9.37 9.70 7.84
N GLU D 407 8.95 8.98 6.79
CA GLU D 407 8.09 7.80 6.96
C GLU D 407 8.90 6.60 7.53
N GLU D 408 10.23 6.67 7.45
CA GLU D 408 11.13 5.61 7.91
C GLU D 408 10.93 4.29 7.17
N THR D 409 11.09 4.35 5.86
CA THR D 409 11.03 3.14 5.04
C THR D 409 12.28 2.32 5.43
N VAL D 410 12.10 1.01 5.64
CA VAL D 410 13.20 0.15 5.96
C VAL D 410 13.90 -0.16 4.65
N VAL D 411 15.04 0.50 4.45
CA VAL D 411 15.80 0.32 3.22
C VAL D 411 16.88 -0.75 3.42
N GLY D 412 17.14 -1.09 4.68
CA GLY D 412 18.17 -2.06 5.04
C GLY D 412 17.78 -2.91 6.24
N LEU D 413 18.12 -4.19 6.18
CA LEU D 413 17.83 -5.16 7.23
C LEU D 413 19.03 -6.06 7.26
N HIS D 414 19.60 -6.24 8.44
CA HIS D 414 20.80 -7.02 8.59
C HIS D 414 20.72 -7.80 9.87
N GLY D 415 21.22 -9.02 9.84
CA GLY D 415 21.22 -9.88 11.00
C GLY D 415 22.34 -10.89 10.98
N ILE D 416 22.80 -11.24 12.18
CA ILE D 416 23.82 -12.24 12.36
C ILE D 416 23.47 -12.95 13.67
N GLY D 417 23.44 -14.27 13.62
CA GLY D 417 23.14 -15.06 14.79
C GLY D 417 22.43 -16.37 14.46
N PHE D 418 22.20 -17.15 15.51
CA PHE D 418 21.55 -18.44 15.43
C PHE D 418 20.15 -18.26 14.83
N THR D 419 19.83 -19.12 13.84
CA THR D 419 18.55 -19.16 13.09
C THR D 419 18.26 -17.95 12.17
N VAL D 420 19.12 -16.94 12.15
CA VAL D 420 18.91 -15.78 11.27
C VAL D 420 18.67 -16.19 9.81
N ASP D 421 19.33 -17.26 9.37
CA ASP D 421 19.17 -17.77 8.01
C ASP D 421 17.71 -18.06 7.62
N GLU D 422 16.87 -18.39 8.60
CA GLU D 422 15.50 -18.71 8.32
C GLU D 422 14.49 -17.61 8.58
N MET D 423 14.91 -16.54 9.25
CA MET D 423 13.96 -15.49 9.61
C MET D 423 13.80 -14.34 8.61
N ILE D 424 14.68 -14.28 7.61
CA ILE D 424 14.72 -13.19 6.63
C ILE D 424 13.69 -13.21 5.49
N GLN D 425 13.38 -14.38 4.92
CA GLN D 425 12.43 -14.47 3.77
C GLN D 425 11.16 -13.63 3.91
N GLY D 426 10.47 -13.77 5.03
CA GLY D 426 9.24 -13.00 5.29
C GLY D 426 9.43 -11.49 5.30
N PHE D 427 10.48 -11.00 5.97
CA PHE D 427 10.76 -9.56 5.97
C PHE D 427 11.03 -9.08 4.55
N GLY D 428 11.52 -9.98 3.70
CA GLY D 428 11.79 -9.65 2.30
C GLY D 428 10.50 -9.27 1.58
N VAL D 429 9.41 -9.97 1.88
CA VAL D 429 8.09 -9.68 1.28
C VAL D 429 7.64 -8.31 1.77
N ALA D 430 7.73 -8.10 3.09
CA ALA D 430 7.37 -6.79 3.68
C ALA D 430 8.11 -5.63 3.02
N MET D 431 9.43 -5.75 2.89
CA MET D 431 10.25 -4.72 2.25
C MET D 431 9.89 -4.52 0.74
N LYS D 432 9.58 -5.62 0.05
CA LYS D 432 9.16 -5.55 -1.37
C LYS D 432 7.81 -4.76 -1.48
N MET D 433 7.01 -4.84 -0.42
CA MET D 433 5.77 -4.08 -0.32
C MET D 433 5.98 -2.65 0.20
N GLY D 434 7.23 -2.24 0.42
CA GLY D 434 7.52 -0.88 0.90
C GLY D 434 7.30 -0.65 2.39
N ALA D 435 7.59 -1.67 3.20
CA ALA D 435 7.42 -1.60 4.64
C ALA D 435 8.20 -0.46 5.29
N THR D 436 7.58 0.20 6.27
CA THR D 436 8.23 1.26 7.05
C THR D 436 8.40 0.75 8.46
N LYS D 437 9.16 1.48 9.28
CA LYS D 437 9.34 1.10 10.67
C LYS D 437 7.97 0.87 11.36
N ALA D 438 6.99 1.73 11.12
CA ALA D 438 5.64 1.55 11.70
C ALA D 438 5.01 0.22 11.27
N ASP D 439 5.29 -0.25 10.05
CA ASP D 439 4.77 -1.56 9.61
C ASP D 439 5.39 -2.68 10.43
N PHE D 440 6.68 -2.59 10.71
CA PHE D 440 7.36 -3.54 11.58
C PHE D 440 6.75 -3.44 13.00
N ASP D 441 6.42 -2.21 13.46
CA ASP D 441 5.78 -2.05 14.80
C ASP D 441 4.34 -2.58 14.89
N SER D 442 3.65 -2.74 13.75
CA SER D 442 2.21 -3.18 13.76
C SER D 442 1.98 -4.67 14.00
N VAL D 443 3.01 -5.49 13.81
CA VAL D 443 2.87 -6.91 14.06
C VAL D 443 3.16 -7.19 15.53
N VAL D 444 2.47 -8.18 16.09
CA VAL D 444 2.69 -8.58 17.47
C VAL D 444 3.86 -9.56 17.44
N ALA D 445 4.83 -9.35 18.33
CA ALA D 445 6.00 -10.22 18.42
C ALA D 445 5.61 -11.67 18.71
N ILE D 446 6.57 -12.56 18.44
CA ILE D 446 6.44 -13.98 18.72
C ILE D 446 7.52 -14.25 19.75
N HIS D 447 7.12 -14.80 20.90
CA HIS D 447 8.01 -15.02 22.02
C HIS D 447 7.89 -16.46 22.52
N PRO D 448 8.99 -17.12 22.85
CA PRO D 448 10.36 -16.58 22.74
C PRO D 448 11.04 -17.03 21.45
N THR D 449 11.54 -16.07 20.69
CA THR D 449 12.26 -16.33 19.45
C THR D 449 13.35 -15.28 19.28
N GLY D 450 14.14 -15.44 18.23
CA GLY D 450 15.16 -14.47 17.87
C GLY D 450 14.53 -13.47 16.90
N SER D 451 13.64 -13.99 16.04
CA SER D 451 12.95 -13.19 15.03
C SER D 451 12.16 -12.03 15.58
N GLU D 452 11.72 -12.12 16.83
CA GLU D 452 10.98 -11.01 17.44
C GLU D 452 11.84 -9.77 17.62
N GLU D 453 13.15 -9.96 17.71
CA GLU D 453 14.08 -8.85 17.90
C GLU D 453 14.07 -7.85 16.73
N PHE D 454 13.69 -8.34 15.54
CA PHE D 454 13.54 -7.47 14.37
C PHE D 454 12.35 -6.52 14.50
N VAL D 455 11.33 -6.90 15.28
CA VAL D 455 10.12 -6.10 15.40
C VAL D 455 9.92 -5.41 16.76
N THR D 456 10.90 -5.50 17.66
CA THR D 456 10.76 -4.87 18.99
C THR D 456 11.78 -3.77 19.25
N MET D 457 12.45 -3.28 18.20
CA MET D 457 13.45 -2.23 18.36
C MET D 457 12.78 -0.88 18.51
N ARG D 458 13.43 0.00 19.27
CA ARG D 458 12.99 1.36 19.45
C ARG D 458 14.19 2.31 19.40
PA FAD E . 9.54 29.22 -19.41
O1A FAD E . 9.19 29.50 -20.84
O2A FAD E . 8.46 29.25 -18.35
O5B FAD E . 10.72 30.21 -18.92
C5B FAD E . 11.78 30.66 -19.76
C4B FAD E . 12.09 32.10 -19.37
O4B FAD E . 13.45 32.43 -19.61
C3B FAD E . 11.27 33.12 -20.16
O3B FAD E . 10.67 34.03 -19.24
C2B FAD E . 12.25 33.80 -21.10
O2B FAD E . 11.92 35.16 -21.31
C1B FAD E . 13.55 33.66 -20.34
N9A FAD E . 14.81 33.58 -21.11
C8A FAD E . 15.05 32.93 -22.28
N7A FAD E . 16.36 33.07 -22.63
C5A FAD E . 16.94 33.81 -21.67
C6A FAD E . 18.30 34.33 -21.39
N6A FAD E . 19.31 34.08 -22.26
N1A FAD E . 18.49 35.07 -20.27
C2A FAD E . 17.49 35.32 -19.40
N3A FAD E . 16.24 34.88 -19.59
C4A FAD E . 15.92 34.13 -20.67
N1 FAD E . 1.61 24.07 -19.37
C2 FAD E . 0.70 23.61 -18.47
O2 FAD E . 1.09 22.89 -17.52
N3 FAD E . -0.62 23.89 -18.57
C4 FAD E . -1.11 24.64 -19.57
O4 FAD E . -2.33 24.87 -19.63
C4X FAD E . -0.18 25.18 -20.60
N5 FAD E . -0.60 25.94 -21.62
C5X FAD E . 0.28 26.43 -22.54
C6 FAD E . -0.19 27.22 -23.59
C7 FAD E . 0.68 27.72 -24.55
C7M FAD E . 0.12 28.56 -25.67
C8 FAD E . 2.14 27.42 -24.46
C8M FAD E . 3.13 27.93 -25.46
C9 FAD E . 2.62 26.64 -23.41
C9A FAD E . 1.75 26.12 -22.44
N10 FAD E . 2.20 25.31 -21.36
C10 FAD E . 1.25 24.84 -20.43
C1' FAD E . 3.60 24.94 -21.17
C2' FAD E . 4.29 25.81 -20.14
O2' FAD E . 4.06 27.20 -20.39
C3' FAD E . 5.77 25.51 -20.18
O3' FAD E . 5.95 24.08 -20.21
C4' FAD E . 6.52 26.12 -19.01
O4' FAD E . 6.38 27.54 -19.05
C5' FAD E . 7.99 25.78 -19.08
O5' FAD E . 8.70 26.45 -18.05
P FAD E . 10.27 26.75 -18.23
O1P FAD E . 10.77 27.36 -16.93
O2P FAD E . 10.92 25.52 -18.80
O3P FAD E . 10.32 27.82 -19.40
S SO4 F . -23.81 4.66 -17.69
O1 SO4 F . -24.74 5.82 -17.73
O2 SO4 F . -22.69 4.87 -18.64
O3 SO4 F . -24.54 3.43 -18.05
O4 SO4 F . -23.26 4.53 -16.32
PA FAD G . -36.11 6.40 -1.53
O1A FAD G . -36.77 7.60 -0.92
O2A FAD G . -35.13 6.53 -2.68
O5B FAD G . -37.27 5.41 -2.03
C5B FAD G . -38.30 4.97 -1.17
C4B FAD G . -39.46 4.52 -2.05
O4B FAD G . -40.36 3.69 -1.33
C3B FAD G . -40.27 5.69 -2.58
O3B FAD G . -40.34 5.58 -4.01
C2B FAD G . -41.64 5.55 -1.93
O2B FAD G . -42.68 5.97 -2.81
C1B FAD G . -41.71 4.07 -1.65
N9A FAD G . -42.52 3.61 -0.51
C8A FAD G . -42.58 4.12 0.73
N7A FAD G . -43.42 3.38 1.51
C5A FAD G . -43.90 2.39 0.75
C6A FAD G . -44.83 1.25 0.93
N6A FAD G . -45.43 1.04 2.12
N1A FAD G . -45.07 0.45 -0.14
C2A FAD G . -44.47 0.65 -1.34
N3A FAD G . -43.62 1.66 -1.56
C4A FAD G . -43.31 2.54 -0.58
N1 FAD G . -28.63 12.15 -2.07
C2 FAD G . -27.48 12.25 -2.78
O2 FAD G . -26.67 11.30 -2.76
N3 FAD G . -27.17 13.35 -3.50
C4 FAD G . -27.98 14.42 -3.57
O4 FAD G . -27.67 15.40 -4.24
C4X FAD G . -29.28 14.38 -2.83
N5 FAD G . -30.15 15.40 -2.86
C5X FAD G . -31.32 15.35 -2.17
C6 FAD G . -32.19 16.45 -2.23
C7 FAD G . -33.40 16.43 -1.53
C7M FAD G . -34.33 17.61 -1.62
C8 FAD G . -33.77 15.23 -0.73
C8M FAD G . -35.08 15.17 0.02
C9 FAD G . -32.90 14.14 -0.67
C9A FAD G . -31.68 14.14 -1.36
N10 FAD G . -30.78 13.04 -1.32
C10 FAD G . -29.56 13.15 -2.05
C1' FAD G . -31.01 11.82 -0.55
C2' FAD G . -31.42 10.63 -1.41
O2' FAD G . -32.45 11.01 -2.33
C3' FAD G . -31.90 9.52 -0.48
O3' FAD G . -30.89 9.29 0.52
C4' FAD G . -32.20 8.24 -1.24
O4' FAD G . -33.23 8.46 -2.19
C5' FAD G . -32.62 7.14 -0.27
O5' FAD G . -33.00 5.97 -0.98
P FAD G . -33.97 4.91 -0.28
O1P FAD G . -33.97 3.68 -1.15
O2P FAD G . -33.62 4.84 1.18
O3P FAD G . -35.43 5.58 -0.31
S SO4 H . -1.96 29.10 -2.21
O1 SO4 H . -3.39 28.87 -1.86
O2 SO4 H . -1.83 30.42 -2.89
O3 SO4 H . -1.49 28.04 -3.12
O4 SO4 H . -1.16 29.08 -0.96
PA FAD I . 1.32 -13.12 34.24
O1A FAD I . 1.01 -14.51 34.72
O2A FAD I . 2.51 -12.86 33.35
O5B FAD I . 1.54 -12.17 35.50
C5B FAD I . 0.69 -12.20 36.65
C4B FAD I . 1.55 -11.84 37.84
O4B FAD I . 0.73 -11.32 38.87
C3B FAD I . 2.29 -13.03 38.43
O3B FAD I . 3.65 -12.69 38.61
C2B FAD I . 1.61 -13.29 39.76
O2B FAD I . 2.52 -13.75 40.76
C1B FAD I . 1.06 -11.93 40.11
N9A FAD I . -0.15 -11.87 40.95
C8A FAD I . -1.25 -12.63 40.88
N7A FAD I . -2.14 -12.23 41.80
C5A FAD I . -1.62 -11.19 42.47
C6A FAD I . -2.03 -10.29 43.57
N6A FAD I . -3.25 -10.46 44.14
N1A FAD I . -1.18 -9.32 43.97
C2A FAD I . 0.03 -9.16 43.40
N3A FAD I . 0.47 -9.93 42.39
C4A FAD I . -0.30 -10.95 41.90
N1 FAD I . 3.19 -17.25 25.87
C2 FAD I . 3.91 -17.02 24.73
O2 FAD I . 3.72 -15.95 24.10
N3 FAD I . 4.83 -17.91 24.28
C4 FAD I . 5.08 -19.06 24.92
O4 FAD I . 5.93 -19.86 24.48
C4X FAD I . 4.33 -19.38 26.16
N5 FAD I . 4.53 -20.51 26.84
C5X FAD I . 3.85 -20.79 27.98
C6 FAD I . 4.11 -21.98 28.63
C7 FAD I . 3.44 -22.32 29.79
C7M FAD I . 3.74 -23.62 30.49
C8 FAD I . 2.42 -21.37 30.35
C8M FAD I . 1.67 -21.71 31.61
C9 FAD I . 2.15 -20.18 29.68
C9A FAD I . 2.83 -19.83 28.51
N10 FAD I . 2.60 -18.62 27.79
C10 FAD I . 3.34 -18.38 26.61
C1' FAD I . 1.61 -17.62 28.21
C2' FAD I . 2.21 -16.45 28.98
O2' FAD I . 3.04 -16.95 30.04
C3' FAD I . 1.09 -15.59 29.53
O3' FAD I . 0.10 -15.34 28.51
C4' FAD I . 1.58 -14.25 30.07
O4' FAD I . 2.52 -14.47 31.11
C5' FAD I . 0.42 -13.43 30.60
O5' FAD I . 0.89 -12.25 31.23
P FAD I . -0.04 -11.53 32.33
O1P FAD I . 0.61 -10.22 32.70
O2P FAD I . -1.47 -11.54 31.86
O3P FAD I . -0.01 -12.54 33.58
S SO4 J . 8.37 -28.24 -3.48
O1 SO4 J . 8.85 -26.88 -3.83
O2 SO4 J . 7.52 -28.74 -4.58
O3 SO4 J . 9.53 -29.13 -3.28
O4 SO4 J . 7.57 -28.19 -2.23
PA FAD K . 25.68 -22.35 -13.41
O1A FAD K . 27.12 -22.32 -12.97
O2A FAD K . 24.59 -22.80 -12.47
O5B FAD K . 25.58 -23.28 -14.72
C5B FAD K . 26.43 -23.16 -15.88
C4B FAD K . 26.42 -24.51 -16.59
O4B FAD K . 26.83 -24.40 -17.95
C3B FAD K . 27.37 -25.48 -15.93
O3B FAD K . 26.67 -26.70 -15.71
C2B FAD K . 28.51 -25.67 -16.93
O2B FAD K . 29.06 -26.99 -16.87
C1B FAD K . 27.83 -25.39 -18.25
N9A FAD K . 28.65 -24.83 -19.33
C8A FAD K . 29.59 -23.87 -19.26
N7A FAD K . 30.09 -23.60 -20.50
C5A FAD K . 29.45 -24.40 -21.37
C6A FAD K . 29.49 -24.62 -22.82
N6A FAD K . 30.36 -23.91 -23.58
N1A FAD K . 28.66 -25.55 -23.36
C2A FAD K . 27.79 -26.26 -22.59
N3A FAD K . 27.71 -26.10 -21.25
C4A FAD K . 28.49 -25.20 -20.60
N1 FAD K . 23.84 -19.32 -4.68
C2 FAD K . 22.81 -19.28 -3.80
O2 FAD K . 21.77 -18.70 -4.17
N3 FAD K . 22.88 -19.81 -2.57
C4 FAD K . 23.99 -20.43 -2.13
O4 FAD K . 24.03 -20.92 -0.98
C4X FAD K . 25.16 -20.52 -3.03
N5 FAD K . 26.32 -21.13 -2.68
C5X FAD K . 27.36 -21.19 -3.53
C6 FAD K . 28.53 -21.83 -3.12
C7 FAD K . 29.63 -21.91 -3.97
C7M FAD K . 30.88 -22.61 -3.50
C8 FAD K . 29.54 -21.33 -5.35
C8M FAD K . 30.70 -21.39 -6.30
C9 FAD K . 28.38 -20.69 -5.76
C9A FAD K . 27.28 -20.60 -4.91
N10 FAD K . 26.08 -19.96 -5.30
C10 FAD K . 25.01 -19.91 -4.37
C1' FAD K . 25.87 -19.31 -6.60
C2' FAD K . 25.08 -20.15 -7.57
O2' FAD K . 25.56 -21.50 -7.59
C3' FAD K . 25.21 -19.53 -8.95
O3' FAD K . 25.01 -18.11 -8.84
C4' FAD K . 24.22 -20.10 -9.95
O4' FAD K . 24.40 -21.52 -10.06
C5' FAD K . 24.42 -19.43 -11.30
O5' FAD K . 23.68 -20.15 -12.28
P FAD K . 24.04 -20.03 -13.83
O1P FAD K . 22.87 -20.63 -14.57
O2P FAD K . 24.49 -18.62 -14.13
O3P FAD K . 25.37 -20.90 -14.04
CL CL L . 19.11 -3.69 -3.04
S SO4 M . 17.41 -5.48 23.36
O1 SO4 M . 17.02 -4.06 23.20
O2 SO4 M . 16.23 -6.35 23.12
O3 SO4 M . 18.46 -5.80 22.38
O4 SO4 M . 17.91 -5.70 24.73
#